data_8HUB
#
_entry.id   8HUB
#
_cell.length_a   124.516
_cell.length_b   162.533
_cell.length_c   289.758
_cell.angle_alpha   90.000
_cell.angle_beta   90.000
_cell.angle_gamma   90.000
#
_symmetry.space_group_name_H-M   'C 2 2 21'
#
loop_
_entity.id
_entity.type
_entity.pdbx_description
1 polymer 'AMP deaminase 2'
2 non-polymer 'ZINC ION'
3 non-polymer 3,3-dimethyl-4-(phenylmethyl)-2~{H}-quinoxaline-1-carboxamide
#
_entity_poly.entity_id   1
_entity_poly.type   'polypeptide(L)'
_entity_poly.pdbx_seq_one_letter_code
;MDYKDDDDKERDVLEREFQRVTISGEEKCGVPFTDLLDAAKSVVRALFIREKYMALSLQSFCPTTRRYLQQLAEKPLETR
TYEQGPDTPVSADAPVHPPALEQHPYEHCEPSTMPGDLGLGLRMVRGVVHVYTRREPDEHCSEVELPYPDLQEFVADVNV
LMALIINGPIKSFCYRRLQYLSSKFQMHVLLNEMKELAAQKKVPHRDFYNIRKVDTHIHASSCMNQKHLLRFIKRAMKRH
LEEIVHVEQGREQTLREVFESMNLTAYDLSVDTLDVHADRNTFHRFDKFNAKYNPIGESVLREIFIKTDNRVSGKYFAHI
IKEVMSDLEESKYQNAELRLSIYGRSRDEWDKLARWAVMHRVHSPNVRWLVQVPRLFDVYRTKGQLANFQEMLENIFLPL
FEATVHPASHPELHLFLEHVDGFDSVDDESKPENHVFNLESPLPEAWVEEDNPPYAYYLYYTFANMAMLNHLRRQRGFHT
FVLRPHCGEAGPIHHLVSAFMLAENISHGLLLRKAPVLQYLYYLAQIGIAMSPLSNNSLFLSYHRNPLPEYLSRGLMVSL
STDDPLQFHFTKEPLMEEYSIATQVWKLSSCDMCELARNSVLMSGFSHKVKSHWLGPNYTKEGPEGNDIRRTNVPDIRVG
YRYETLCQELALITQAVQSEMLETIPEEAGITMSPGPQ
;
_entity_poly.pdbx_strand_id   A,B,C,D
#
# COMPACT_ATOMS: atom_id res chain seq x y z
N GLU A 17 -30.19 23.85 -10.75
CA GLU A 17 -28.90 23.84 -11.44
C GLU A 17 -27.84 23.16 -10.60
N PHE A 18 -26.77 22.69 -11.27
CA PHE A 18 -25.67 22.02 -10.60
C PHE A 18 -24.36 22.53 -11.17
N GLN A 19 -23.31 22.46 -10.35
CA GLN A 19 -21.98 22.87 -10.81
C GLN A 19 -21.51 21.94 -11.91
N ARG A 20 -20.91 22.51 -12.96
CA ARG A 20 -20.55 21.76 -14.15
C ARG A 20 -19.08 21.96 -14.47
N VAL A 21 -18.41 20.88 -14.83
CA VAL A 21 -16.99 20.91 -15.20
C VAL A 21 -16.90 21.23 -16.68
N THR A 22 -16.32 22.39 -17.00
CA THR A 22 -16.26 22.89 -18.37
C THR A 22 -14.80 22.90 -18.82
N ILE A 23 -14.47 22.08 -19.81
CA ILE A 23 -13.16 22.08 -20.44
C ILE A 23 -13.19 23.08 -21.59
N SER A 24 -12.10 23.84 -21.74
CA SER A 24 -12.02 24.89 -22.74
C SER A 24 -10.61 24.96 -23.31
N GLY A 25 -10.50 24.90 -24.64
CA GLY A 25 -9.21 24.98 -25.30
C GLY A 25 -9.15 24.23 -26.61
N GLU A 26 -8.07 23.47 -26.82
CA GLU A 26 -7.85 22.77 -28.07
C GLU A 26 -8.11 21.28 -27.93
N GLU A 27 -7.12 20.53 -27.46
CA GLU A 27 -7.22 19.08 -27.32
C GLU A 27 -8.07 18.73 -26.10
N LYS A 28 -9.34 19.12 -26.16
CA LYS A 28 -10.28 18.82 -25.09
C LYS A 28 -10.56 17.33 -24.96
N CYS A 29 -10.14 16.53 -25.95
CA CYS A 29 -10.13 15.08 -25.83
C CYS A 29 -8.82 14.55 -25.24
N GLY A 30 -7.78 15.39 -25.19
CA GLY A 30 -6.49 14.99 -24.68
C GLY A 30 -5.52 14.49 -25.73
N VAL A 31 -5.93 14.42 -26.98
CA VAL A 31 -5.07 13.95 -28.08
C VAL A 31 -5.26 14.87 -29.27
N PRO A 32 -4.28 14.90 -30.18
CA PRO A 32 -4.44 15.70 -31.40
C PRO A 32 -5.51 15.08 -32.30
N PHE A 33 -6.03 15.92 -33.20
CA PHE A 33 -7.15 15.48 -34.02
C PHE A 33 -6.81 14.26 -34.85
N THR A 34 -5.53 14.10 -35.23
CA THR A 34 -5.15 12.94 -36.04
C THR A 34 -5.45 11.64 -35.30
N ASP A 35 -5.11 11.58 -34.02
CA ASP A 35 -5.43 10.40 -33.21
C ASP A 35 -6.89 10.36 -32.80
N LEU A 36 -7.56 11.51 -32.74
CA LEU A 36 -8.98 11.51 -32.40
C LEU A 36 -9.80 10.83 -33.48
N LEU A 37 -9.61 11.23 -34.74
CA LEU A 37 -10.39 10.66 -35.83
C LEU A 37 -9.93 9.27 -36.20
N ASP A 38 -8.63 8.99 -36.06
CA ASP A 38 -8.14 7.64 -36.32
C ASP A 38 -8.87 6.62 -35.46
N ALA A 39 -9.33 7.01 -34.27
CA ALA A 39 -10.11 6.14 -33.41
C ALA A 39 -11.60 6.46 -33.44
N ALA A 40 -11.98 7.69 -33.80
CA ALA A 40 -13.40 7.98 -33.99
C ALA A 40 -13.96 7.30 -35.23
N LYS A 41 -13.12 7.12 -36.26
CA LYS A 41 -13.55 6.37 -37.43
C LYS A 41 -13.90 4.94 -37.06
N SER A 42 -13.00 4.26 -36.34
CA SER A 42 -13.24 2.86 -35.98
C SER A 42 -14.33 2.74 -34.92
N VAL A 43 -14.41 3.68 -33.99
CA VAL A 43 -15.46 3.65 -32.99
C VAL A 43 -16.82 3.90 -33.64
N VAL A 44 -16.90 4.89 -34.53
CA VAL A 44 -18.14 5.14 -35.24
C VAL A 44 -18.56 3.90 -36.04
N ARG A 45 -17.60 3.22 -36.65
CA ARG A 45 -17.91 2.03 -37.43
C ARG A 45 -18.45 0.92 -36.54
N ALA A 46 -17.74 0.60 -35.45
CA ALA A 46 -18.18 -0.48 -34.58
C ALA A 46 -19.57 -0.22 -34.03
N LEU A 47 -19.88 1.05 -33.74
CA LEU A 47 -21.21 1.39 -33.25
C LEU A 47 -22.27 1.09 -34.31
N PHE A 48 -21.95 1.31 -35.58
CA PHE A 48 -22.85 0.88 -36.65
C PHE A 48 -22.93 -0.64 -36.71
N ILE A 49 -21.81 -1.34 -36.54
CA ILE A 49 -21.79 -2.78 -36.59
C ILE A 49 -22.67 -3.42 -35.52
N ARG A 50 -23.18 -2.63 -34.57
CA ARG A 50 -24.12 -3.14 -33.58
C ARG A 50 -25.56 -2.80 -33.90
N GLU A 51 -25.84 -1.56 -34.31
CA GLU A 51 -27.20 -1.16 -34.64
C GLU A 51 -27.82 -2.11 -35.65
N LYS A 52 -27.09 -2.41 -36.73
CA LYS A 52 -27.61 -3.30 -37.76
C LYS A 52 -27.89 -4.69 -37.17
N TYR A 53 -26.95 -5.22 -36.39
CA TYR A 53 -27.16 -6.53 -35.77
C TYR A 53 -28.29 -6.49 -34.75
N MET A 54 -28.43 -5.37 -34.02
CA MET A 54 -29.60 -5.21 -33.17
C MET A 54 -30.87 -5.01 -34.00
N ALA A 55 -30.75 -4.39 -35.17
CA ALA A 55 -31.92 -4.16 -36.01
C ALA A 55 -32.47 -5.48 -36.56
N LEU A 56 -31.59 -6.38 -37.00
CA LEU A 56 -32.04 -7.66 -37.56
C LEU A 56 -32.48 -8.63 -36.47
N SER A 57 -31.72 -8.68 -35.37
CA SER A 57 -32.00 -9.64 -34.31
C SER A 57 -33.22 -9.29 -33.48
N LEU A 58 -33.83 -8.14 -33.71
CA LEU A 58 -34.97 -7.63 -32.94
C LEU A 58 -34.55 -7.19 -31.55
N GLN A 59 -33.26 -7.05 -31.29
CA GLN A 59 -32.75 -6.59 -30.01
C GLN A 59 -32.80 -5.06 -29.94
N SER A 60 -32.43 -4.51 -28.79
CA SER A 60 -32.55 -3.08 -28.53
C SER A 60 -31.21 -2.39 -28.69
N PHE A 61 -31.25 -1.18 -29.24
CA PHE A 61 -30.09 -0.32 -29.40
C PHE A 61 -30.33 0.99 -28.66
N CYS A 62 -29.24 1.61 -28.21
CA CYS A 62 -29.38 2.81 -27.37
C CYS A 62 -29.97 3.95 -28.18
N PRO A 63 -30.97 4.66 -27.66
CA PRO A 63 -31.51 5.82 -28.41
C PRO A 63 -30.47 6.91 -28.66
N THR A 64 -29.80 7.37 -27.62
CA THR A 64 -28.90 8.52 -27.77
C THR A 64 -27.77 8.21 -28.74
N THR A 65 -27.19 7.02 -28.64
CA THR A 65 -26.14 6.63 -29.57
C THR A 65 -26.68 6.59 -31.00
N ARG A 66 -27.89 6.08 -31.18
CA ARG A 66 -28.48 6.02 -32.51
C ARG A 66 -28.73 7.40 -33.09
N ARG A 67 -29.13 8.36 -32.24
CA ARG A 67 -29.42 9.70 -32.74
C ARG A 67 -28.19 10.34 -33.38
N TYR A 68 -27.04 10.21 -32.72
CA TYR A 68 -25.80 10.76 -33.29
C TYR A 68 -25.29 9.88 -34.42
N LEU A 69 -25.42 8.56 -34.28
CA LEU A 69 -24.98 7.66 -35.35
C LEU A 69 -25.72 7.94 -36.66
N GLN A 70 -26.99 8.35 -36.58
CA GLN A 70 -27.76 8.58 -37.79
C GLN A 70 -27.22 9.76 -38.58
N GLN A 71 -26.74 10.80 -37.89
CA GLN A 71 -26.21 11.98 -38.58
C GLN A 71 -25.00 11.64 -39.44
N LEU A 72 -24.34 10.51 -39.19
CA LEU A 72 -23.20 10.08 -39.97
C LEU A 72 -23.59 9.13 -41.10
N ALA A 73 -24.88 8.89 -41.31
CA ALA A 73 -25.33 7.98 -42.36
C ALA A 73 -24.86 8.43 -43.73
N PHE A 154 -20.66 -11.32 -41.35
CA PHE A 154 -20.47 -11.54 -39.92
C PHE A 154 -19.00 -11.62 -39.57
N VAL A 155 -18.35 -12.72 -39.98
CA VAL A 155 -16.93 -12.91 -39.70
C VAL A 155 -16.13 -11.69 -40.15
N ALA A 156 -16.54 -11.07 -41.25
CA ALA A 156 -15.84 -9.89 -41.73
C ALA A 156 -15.91 -8.76 -40.72
N ASP A 157 -17.11 -8.48 -40.20
CA ASP A 157 -17.25 -7.47 -39.16
C ASP A 157 -16.51 -7.89 -37.88
N VAL A 158 -16.52 -9.18 -37.57
CA VAL A 158 -15.78 -9.68 -36.41
C VAL A 158 -14.29 -9.35 -36.56
N ASN A 159 -13.74 -9.57 -37.75
CA ASN A 159 -12.33 -9.27 -37.98
C ASN A 159 -12.06 -7.78 -37.81
N VAL A 160 -12.96 -6.93 -38.28
CA VAL A 160 -12.79 -5.48 -38.11
C VAL A 160 -12.74 -5.13 -36.63
N LEU A 161 -13.72 -5.61 -35.85
CA LEU A 161 -13.75 -5.31 -34.43
C LEU A 161 -12.58 -5.96 -33.70
N MET A 162 -12.21 -7.18 -34.08
CA MET A 162 -11.07 -7.84 -33.46
C MET A 162 -9.79 -7.05 -33.71
N ALA A 163 -9.65 -6.46 -34.89
CA ALA A 163 -8.51 -5.61 -35.17
C ALA A 163 -8.53 -4.36 -34.30
N LEU A 164 -9.71 -3.77 -34.10
CA LEU A 164 -9.81 -2.54 -33.33
C LEU A 164 -9.41 -2.74 -31.87
N ILE A 165 -9.84 -3.84 -31.26
CA ILE A 165 -9.52 -4.07 -29.85
C ILE A 165 -8.02 -4.15 -29.63
N ILE A 166 -7.27 -4.61 -30.65
CA ILE A 166 -5.82 -4.72 -30.53
C ILE A 166 -5.11 -3.45 -30.97
N ASN A 167 -5.74 -2.62 -31.79
CA ASN A 167 -5.15 -1.36 -32.23
C ASN A 167 -4.64 -0.56 -31.03
N GLY A 168 -3.33 -0.52 -30.84
CA GLY A 168 -2.74 0.08 -29.67
C GLY A 168 -2.92 1.58 -29.60
N PRO A 169 -2.58 2.29 -30.68
CA PRO A 169 -2.82 3.74 -30.68
C PRO A 169 -4.27 4.11 -30.40
N ILE A 170 -5.22 3.30 -30.88
CA ILE A 170 -6.62 3.54 -30.55
C ILE A 170 -6.89 3.16 -29.10
N LYS A 171 -6.27 2.09 -28.61
CA LYS A 171 -6.48 1.66 -27.24
C LYS A 171 -5.99 2.69 -26.23
N SER A 172 -5.15 3.63 -26.67
CA SER A 172 -4.70 4.72 -25.81
C SER A 172 -5.68 5.89 -25.81
N PHE A 173 -6.42 6.09 -26.90
CA PHE A 173 -7.47 7.10 -26.90
C PHE A 173 -8.62 6.70 -26.01
N CYS A 174 -9.06 5.44 -26.09
CA CYS A 174 -10.16 4.98 -25.25
C CYS A 174 -9.79 5.07 -23.78
N TYR A 175 -8.57 4.65 -23.42
CA TYR A 175 -8.16 4.67 -22.02
C TYR A 175 -8.13 6.10 -21.49
N ARG A 176 -7.61 7.04 -22.29
CA ARG A 176 -7.56 8.43 -21.84
C ARG A 176 -8.97 8.98 -21.62
N ARG A 177 -9.89 8.68 -22.53
CA ARG A 177 -11.26 9.16 -22.37
C ARG A 177 -12.00 8.39 -21.28
N LEU A 178 -11.69 7.11 -21.09
CA LEU A 178 -12.27 6.38 -19.97
C LEU A 178 -11.86 7.00 -18.64
N GLN A 179 -10.58 7.35 -18.50
CA GLN A 179 -10.12 7.96 -17.26
C GLN A 179 -10.69 9.36 -17.08
N TYR A 180 -10.85 10.10 -18.19
CA TYR A 180 -11.51 11.40 -18.10
C TYR A 180 -12.91 11.27 -17.53
N LEU A 181 -13.62 10.19 -17.88
CA LEU A 181 -14.95 9.96 -17.34
C LEU A 181 -14.89 9.65 -15.85
N SER A 182 -13.86 8.91 -15.42
CA SER A 182 -13.69 8.64 -14.00
C SER A 182 -13.32 9.91 -13.24
N SER A 183 -12.53 10.79 -13.85
CA SER A 183 -12.14 12.03 -13.19
C SER A 183 -13.30 13.01 -13.15
N LYS A 184 -14.03 13.17 -14.25
CA LYS A 184 -15.15 14.11 -14.27
C LYS A 184 -16.18 13.75 -13.22
N PHE A 185 -16.39 12.46 -12.97
CA PHE A 185 -17.31 12.04 -11.93
C PHE A 185 -16.80 12.43 -10.55
N GLN A 186 -15.49 12.31 -10.33
CA GLN A 186 -14.92 12.66 -9.03
C GLN A 186 -15.12 14.14 -8.75
N MET A 187 -14.90 15.00 -9.74
CA MET A 187 -15.14 16.43 -9.55
C MET A 187 -16.63 16.71 -9.39
N HIS A 188 -17.47 16.01 -10.15
CA HIS A 188 -18.91 16.22 -10.06
C HIS A 188 -19.42 15.89 -8.66
N VAL A 189 -18.99 14.75 -8.10
CA VAL A 189 -19.46 14.38 -6.77
C VAL A 189 -18.91 15.36 -5.73
N LEU A 190 -17.64 15.76 -5.87
CA LEU A 190 -17.04 16.66 -4.89
C LEU A 190 -17.80 17.98 -4.80
N LEU A 191 -18.19 18.54 -5.94
CA LEU A 191 -18.82 19.85 -5.98
C LEU A 191 -20.35 19.80 -6.03
N ASN A 192 -20.94 18.60 -6.13
CA ASN A 192 -22.40 18.48 -6.17
C ASN A 192 -22.96 17.42 -5.24
N GLU A 193 -22.12 16.72 -4.48
CA GLU A 193 -22.64 15.71 -3.55
C GLU A 193 -23.55 16.35 -2.51
N MET A 194 -23.16 17.51 -1.98
CA MET A 194 -23.93 18.14 -0.92
C MET A 194 -25.36 18.44 -1.39
N LYS A 195 -25.49 18.96 -2.61
CA LYS A 195 -26.80 19.32 -3.12
C LYS A 195 -27.60 18.09 -3.54
N GLU A 196 -26.94 17.08 -4.12
CA GLU A 196 -27.66 15.88 -4.54
C GLU A 196 -28.31 15.18 -3.35
N LEU A 197 -27.57 15.07 -2.24
CA LEU A 197 -28.15 14.48 -1.04
C LEU A 197 -29.33 15.31 -0.54
N ALA A 198 -29.19 16.63 -0.57
CA ALA A 198 -30.30 17.49 -0.18
C ALA A 198 -31.50 17.31 -1.10
N ALA A 199 -31.26 17.18 -2.40
CA ALA A 199 -32.35 16.91 -3.32
C ALA A 199 -33.02 15.57 -3.01
N GLN A 200 -32.21 14.54 -2.71
CA GLN A 200 -32.77 13.27 -2.32
C GLN A 200 -33.60 13.37 -1.05
N LYS A 201 -33.21 14.27 -0.14
CA LYS A 201 -34.00 14.50 1.07
C LYS A 201 -35.20 15.40 0.82
N LYS A 202 -35.16 16.22 -0.24
CA LYS A 202 -36.28 17.11 -0.53
C LYS A 202 -37.55 16.33 -0.83
N VAL A 203 -37.44 15.05 -1.18
CA VAL A 203 -38.60 14.19 -1.40
C VAL A 203 -38.47 12.97 -0.51
N PRO A 204 -38.76 13.08 0.79
CA PRO A 204 -38.62 11.91 1.68
C PRO A 204 -39.53 10.76 1.30
N HIS A 205 -40.50 10.97 0.41
CA HIS A 205 -41.41 9.91 0.01
C HIS A 205 -40.67 8.71 -0.55
N ARG A 206 -39.52 8.92 -1.18
CA ARG A 206 -38.74 7.85 -1.81
C ARG A 206 -37.44 7.64 -1.06
N ASP A 207 -37.19 6.39 -0.67
CA ASP A 207 -35.95 5.94 -0.08
C ASP A 207 -35.47 4.72 -0.87
N PHE A 208 -34.29 4.21 -0.51
CA PHE A 208 -33.78 3.03 -1.20
C PHE A 208 -34.72 1.83 -1.08
N TYR A 209 -35.67 1.88 -0.15
CA TYR A 209 -36.64 0.80 0.01
C TYR A 209 -37.90 1.03 -0.81
N ASN A 210 -38.29 2.29 -1.02
CA ASN A 210 -39.46 2.61 -1.82
C ASN A 210 -39.19 2.50 -3.32
N ILE A 211 -37.93 2.62 -3.74
CA ILE A 211 -37.61 2.49 -5.16
C ILE A 211 -37.73 1.04 -5.60
N ARG A 212 -37.93 0.85 -6.90
CA ARG A 212 -38.07 -0.48 -7.48
C ARG A 212 -36.71 -1.02 -7.92
N LYS A 213 -36.47 -2.29 -7.65
CA LYS A 213 -35.21 -2.95 -7.98
C LYS A 213 -35.49 -4.28 -8.67
N VAL A 214 -34.58 -4.68 -9.54
CA VAL A 214 -34.71 -5.91 -10.32
C VAL A 214 -33.42 -6.69 -10.21
N ASP A 215 -33.52 -7.95 -9.76
CA ASP A 215 -32.38 -8.86 -9.75
C ASP A 215 -32.26 -9.41 -11.16
N THR A 216 -31.31 -8.87 -11.93
CA THR A 216 -31.21 -9.15 -13.36
C THR A 216 -30.36 -10.38 -13.67
N HIS A 217 -29.92 -11.12 -12.66
CA HIS A 217 -29.15 -12.33 -12.90
C HIS A 217 -29.19 -13.25 -11.69
N ILE A 218 -30.25 -14.04 -11.58
CA ILE A 218 -30.39 -15.07 -10.56
C ILE A 218 -30.73 -16.39 -11.24
N HIS A 219 -30.27 -17.49 -10.64
CA HIS A 219 -30.46 -18.82 -11.20
C HIS A 219 -31.48 -19.60 -10.38
N ALA A 220 -32.51 -20.12 -11.07
CA ALA A 220 -33.60 -20.81 -10.37
C ALA A 220 -33.09 -22.06 -9.64
N SER A 221 -32.17 -22.79 -10.27
CA SER A 221 -31.62 -23.98 -9.62
C SER A 221 -30.93 -23.65 -8.31
N SER A 222 -30.49 -22.40 -8.14
CA SER A 222 -29.79 -21.98 -6.93
C SER A 222 -30.74 -21.48 -5.84
N CYS A 223 -32.02 -21.34 -6.13
CA CYS A 223 -32.99 -20.92 -5.13
C CYS A 223 -33.35 -22.01 -4.14
N MET A 224 -32.96 -23.26 -4.41
CA MET A 224 -33.33 -24.39 -3.57
C MET A 224 -32.18 -24.76 -2.66
N ASN A 225 -32.50 -25.18 -1.44
CA ASN A 225 -31.49 -25.59 -0.47
C ASN A 225 -31.09 -27.03 -0.75
N GLN A 226 -29.79 -27.26 -0.94
CA GLN A 226 -29.33 -28.60 -1.31
C GLN A 226 -29.64 -29.61 -0.22
N LYS A 227 -29.50 -29.21 1.04
CA LYS A 227 -29.92 -30.09 2.14
C LYS A 227 -31.42 -30.40 2.04
N HIS A 228 -32.24 -29.38 1.73
CA HIS A 228 -33.65 -29.62 1.49
C HIS A 228 -33.86 -30.54 0.30
N LEU A 229 -33.02 -30.42 -0.72
CA LEU A 229 -33.09 -31.34 -1.86
C LEU A 229 -32.84 -32.77 -1.42
N LEU A 230 -31.84 -32.99 -0.57
CA LEU A 230 -31.52 -34.32 -0.09
C LEU A 230 -32.50 -34.75 1.01
N PHE A 317 -39.87 -28.64 -6.75
CA PHE A 317 -39.28 -27.58 -7.56
C PHE A 317 -40.11 -26.31 -7.48
N ALA A 318 -41.36 -26.38 -7.93
CA ALA A 318 -42.25 -25.24 -7.86
C ALA A 318 -42.43 -24.75 -6.43
N HIS A 319 -42.29 -25.66 -5.44
CA HIS A 319 -42.42 -25.26 -4.05
C HIS A 319 -41.44 -24.16 -3.69
N ILE A 320 -40.16 -24.33 -4.06
CA ILE A 320 -39.16 -23.34 -3.72
C ILE A 320 -39.42 -22.03 -4.46
N ILE A 321 -39.64 -22.11 -5.78
CA ILE A 321 -39.89 -20.89 -6.55
C ILE A 321 -41.17 -20.23 -6.10
N LYS A 322 -42.13 -21.01 -5.59
CA LYS A 322 -43.38 -20.44 -5.11
C LYS A 322 -43.14 -19.47 -3.96
N GLU A 323 -42.32 -19.89 -2.98
CA GLU A 323 -42.01 -19.01 -1.86
C GLU A 323 -41.13 -17.84 -2.31
N VAL A 324 -40.21 -18.10 -3.24
CA VAL A 324 -39.40 -17.01 -3.79
C VAL A 324 -40.29 -15.99 -4.47
N MET A 325 -41.24 -16.46 -5.29
CA MET A 325 -42.23 -15.56 -5.88
C MET A 325 -43.09 -14.92 -4.81
N SER A 326 -43.54 -15.70 -3.82
CA SER A 326 -44.33 -15.15 -2.74
C SER A 326 -43.52 -14.13 -1.94
N ASP A 327 -42.27 -14.46 -1.63
CA ASP A 327 -41.42 -13.51 -0.90
C ASP A 327 -41.19 -12.24 -1.71
N LEU A 328 -40.95 -12.39 -3.01
CA LEU A 328 -40.85 -11.21 -3.88
C LEU A 328 -42.17 -10.45 -3.92
N GLU A 329 -43.29 -11.18 -3.99
CA GLU A 329 -44.59 -10.52 -3.97
C GLU A 329 -44.83 -9.82 -2.65
N GLU A 330 -44.37 -10.41 -1.55
CA GLU A 330 -44.47 -9.73 -0.26
C GLU A 330 -43.66 -8.45 -0.25
N SER A 331 -42.56 -8.40 -1.01
CA SER A 331 -41.75 -7.21 -1.14
C SER A 331 -42.33 -6.37 -2.26
N LYS A 332 -43.05 -5.31 -1.89
CA LYS A 332 -43.75 -4.50 -2.88
C LYS A 332 -42.79 -3.93 -3.92
N TYR A 333 -41.65 -3.42 -3.48
CA TYR A 333 -40.73 -2.69 -4.35
C TYR A 333 -39.53 -3.52 -4.78
N GLN A 334 -39.56 -4.85 -4.61
CA GLN A 334 -38.46 -5.72 -4.98
C GLN A 334 -38.96 -6.76 -5.98
N ASN A 335 -38.27 -6.85 -7.13
CA ASN A 335 -38.62 -7.78 -8.19
C ASN A 335 -37.34 -8.43 -8.70
N ALA A 336 -37.51 -9.42 -9.58
CA ALA A 336 -36.38 -10.22 -10.05
C ALA A 336 -36.68 -10.80 -11.43
N GLU A 337 -35.65 -11.41 -12.02
CA GLU A 337 -35.75 -12.09 -13.31
C GLU A 337 -35.00 -13.41 -13.16
N LEU A 338 -35.74 -14.52 -13.17
CA LEU A 338 -35.15 -15.83 -12.97
C LEU A 338 -34.83 -16.50 -14.30
N ARG A 339 -33.98 -17.52 -14.25
CA ARG A 339 -33.53 -18.26 -15.42
C ARG A 339 -33.85 -19.74 -15.24
N LEU A 340 -34.41 -20.36 -16.28
CA LEU A 340 -34.71 -21.78 -16.30
C LEU A 340 -33.89 -22.45 -17.39
N SER A 341 -33.20 -23.53 -17.03
CA SER A 341 -32.37 -24.26 -17.99
C SER A 341 -33.10 -25.48 -18.52
N HIS A 363 -48.56 -16.90 -12.76
CA HIS A 363 -47.40 -16.05 -13.04
C HIS A 363 -47.23 -14.96 -11.98
N SER A 364 -46.06 -14.91 -11.38
CA SER A 364 -45.74 -13.84 -10.43
C SER A 364 -45.42 -12.56 -11.19
N PRO A 365 -46.13 -11.46 -10.95
CA PRO A 365 -45.83 -10.23 -11.70
C PRO A 365 -44.43 -9.70 -11.43
N ASN A 366 -43.83 -10.05 -10.30
CA ASN A 366 -42.50 -9.57 -9.95
C ASN A 366 -41.38 -10.46 -10.49
N VAL A 367 -41.70 -11.60 -11.08
CA VAL A 367 -40.72 -12.54 -11.61
C VAL A 367 -40.99 -12.75 -13.10
N ARG A 368 -39.94 -12.67 -13.90
CA ARG A 368 -40.00 -12.95 -15.32
C ARG A 368 -38.85 -13.86 -15.70
N TRP A 369 -39.05 -14.65 -16.75
CA TRP A 369 -38.15 -15.75 -17.07
C TRP A 369 -37.24 -15.41 -18.25
N LEU A 370 -36.02 -15.92 -18.19
CA LEU A 370 -35.07 -15.83 -19.30
C LEU A 370 -34.35 -17.19 -19.34
N VAL A 371 -34.75 -18.04 -20.28
CA VAL A 371 -34.21 -19.40 -20.33
C VAL A 371 -32.72 -19.35 -20.60
N GLN A 372 -32.01 -20.40 -20.17
CA GLN A 372 -30.58 -20.53 -20.38
C GLN A 372 -30.30 -21.82 -21.11
N VAL A 373 -29.19 -21.86 -21.85
CA VAL A 373 -28.82 -23.01 -22.66
C VAL A 373 -27.33 -23.28 -22.51
N PRO A 374 -26.93 -24.26 -21.71
CA PRO A 374 -25.50 -24.56 -21.57
C PRO A 374 -24.80 -24.66 -22.92
N ARG A 375 -23.58 -24.13 -22.98
CA ARG A 375 -22.79 -24.16 -24.19
C ARG A 375 -21.98 -25.45 -24.33
N LEU A 376 -22.24 -26.44 -23.48
CA LEU A 376 -21.61 -27.75 -23.61
C LEU A 376 -22.67 -28.85 -23.49
N HIS A 419 -44.28 -14.11 -21.71
CA HIS A 419 -43.80 -14.32 -20.35
C HIS A 419 -42.27 -14.39 -20.33
N VAL A 420 -41.72 -15.31 -21.12
CA VAL A 420 -40.27 -15.38 -21.29
C VAL A 420 -39.84 -14.25 -22.22
N ASP A 421 -38.58 -13.82 -22.09
CA ASP A 421 -38.12 -12.64 -22.81
C ASP A 421 -36.77 -12.80 -23.52
N GLY A 422 -36.10 -13.94 -23.40
CA GLY A 422 -34.80 -14.07 -24.03
C GLY A 422 -34.11 -15.36 -23.63
N PHE A 423 -32.81 -15.39 -23.93
CA PHE A 423 -31.97 -16.55 -23.71
C PHE A 423 -30.62 -16.10 -23.13
N ASP A 424 -29.91 -17.05 -22.53
CA ASP A 424 -28.56 -16.82 -22.04
C ASP A 424 -27.72 -18.08 -22.24
N SER A 425 -26.44 -17.88 -22.54
CA SER A 425 -25.49 -18.97 -22.69
C SER A 425 -24.67 -19.07 -21.42
N VAL A 426 -24.89 -20.14 -20.65
CA VAL A 426 -24.32 -20.29 -19.31
C VAL A 426 -23.36 -21.47 -19.33
N ASP A 427 -22.08 -21.20 -19.07
CA ASP A 427 -21.08 -22.26 -18.93
C ASP A 427 -19.84 -21.64 -18.32
N ASP A 428 -19.03 -22.48 -17.68
CA ASP A 428 -17.75 -22.03 -17.15
C ASP A 428 -16.96 -21.34 -18.25
N GLU A 429 -16.76 -20.03 -18.11
CA GLU A 429 -16.05 -19.26 -19.13
C GLU A 429 -14.53 -19.35 -18.99
N SER A 430 -14.02 -20.02 -17.96
CA SER A 430 -12.59 -20.27 -17.85
C SER A 430 -12.12 -21.40 -18.74
N LYS A 431 -13.03 -22.10 -19.41
CA LYS A 431 -12.66 -23.24 -20.24
C LYS A 431 -11.94 -22.75 -21.49
N PRO A 432 -10.68 -23.14 -21.71
CA PRO A 432 -9.94 -22.59 -22.85
C PRO A 432 -10.55 -22.99 -24.18
N GLU A 433 -10.39 -22.11 -25.17
CA GLU A 433 -10.90 -22.31 -26.52
C GLU A 433 -9.72 -22.58 -27.44
N ASN A 434 -9.77 -23.71 -28.15
CA ASN A 434 -8.69 -24.12 -29.04
C ASN A 434 -9.10 -24.13 -30.51
N HIS A 435 -10.37 -23.85 -30.83
CA HIS A 435 -10.83 -23.71 -32.20
C HIS A 435 -11.47 -22.34 -32.39
N VAL A 436 -11.24 -21.75 -33.55
CA VAL A 436 -11.67 -20.39 -33.86
C VAL A 436 -12.81 -20.46 -34.87
N PHE A 437 -13.92 -19.79 -34.54
CA PHE A 437 -15.07 -19.73 -35.43
C PHE A 437 -15.03 -18.44 -36.26
N ASN A 452 -15.84 -28.78 -27.64
CA ASN A 452 -17.21 -28.28 -27.78
C ASN A 452 -17.25 -27.12 -28.76
N PRO A 453 -18.44 -26.72 -29.20
CA PRO A 453 -18.56 -25.57 -30.10
C PRO A 453 -18.10 -24.30 -29.41
N PRO A 454 -17.10 -23.59 -29.96
CA PRO A 454 -16.53 -22.44 -29.24
C PRO A 454 -17.57 -21.43 -28.80
N TYR A 455 -17.20 -20.54 -27.88
CA TYR A 455 -18.15 -19.54 -27.38
C TYR A 455 -18.69 -18.70 -28.54
N ALA A 456 -17.80 -18.25 -29.43
CA ALA A 456 -18.24 -17.45 -30.57
C ALA A 456 -19.22 -18.21 -31.46
N TYR A 457 -19.29 -19.54 -31.30
CA TYR A 457 -20.17 -20.35 -32.12
C TYR A 457 -21.62 -20.21 -31.64
N TYR A 458 -21.89 -20.60 -30.40
CA TYR A 458 -23.25 -20.60 -29.89
C TYR A 458 -23.93 -19.26 -30.12
N LEU A 459 -23.23 -18.16 -29.85
CA LEU A 459 -23.85 -16.84 -29.95
C LEU A 459 -24.26 -16.51 -31.37
N TYR A 460 -23.49 -16.98 -32.36
CA TYR A 460 -23.81 -16.68 -33.75
C TYR A 460 -25.18 -17.22 -34.15
N TYR A 461 -25.47 -18.47 -33.77
CA TYR A 461 -26.77 -19.05 -34.11
C TYR A 461 -27.86 -18.62 -33.14
N THR A 462 -27.52 -18.40 -31.87
CA THR A 462 -28.46 -17.84 -30.91
C THR A 462 -28.79 -16.38 -31.20
N PHE A 463 -28.04 -15.75 -32.10
CA PHE A 463 -28.09 -14.30 -32.25
C PHE A 463 -29.35 -13.84 -32.97
N ALA A 464 -29.59 -14.37 -34.17
CA ALA A 464 -30.58 -13.79 -35.09
C ALA A 464 -31.82 -14.64 -35.24
N ASN A 465 -32.00 -15.66 -34.38
CA ASN A 465 -33.16 -16.54 -34.53
C ASN A 465 -34.45 -15.76 -34.34
N MET A 466 -34.48 -14.84 -33.39
CA MET A 466 -35.67 -14.04 -33.06
C MET A 466 -36.54 -13.77 -34.27
N THR A 480 -40.83 -10.07 -28.79
CA THR A 480 -39.70 -10.84 -29.32
C THR A 480 -38.73 -11.22 -28.21
N PHE A 481 -37.88 -12.19 -28.49
CA PHE A 481 -36.83 -12.60 -27.56
C PHE A 481 -35.57 -11.77 -27.80
N VAL A 482 -34.80 -11.58 -26.73
CA VAL A 482 -33.55 -10.83 -26.78
C VAL A 482 -32.47 -11.66 -26.08
N LEU A 483 -31.27 -11.65 -26.64
CA LEU A 483 -30.18 -12.50 -26.16
C LEU A 483 -29.38 -11.75 -25.10
N ARG A 484 -29.59 -12.12 -23.84
CA ARG A 484 -28.84 -11.54 -22.73
C ARG A 484 -27.88 -12.60 -22.18
N PRO A 485 -26.59 -12.61 -22.59
CA PRO A 485 -25.74 -13.77 -22.29
C PRO A 485 -24.87 -13.60 -21.05
N HIS A 486 -24.20 -14.69 -20.67
CA HIS A 486 -23.21 -14.69 -19.60
C HIS A 486 -21.85 -14.47 -20.24
N CYS A 487 -21.46 -13.20 -20.36
CA CYS A 487 -20.24 -12.82 -21.06
C CYS A 487 -19.36 -11.94 -20.18
N GLY A 488 -18.05 -12.18 -20.25
CA GLY A 488 -17.07 -11.35 -19.59
C GLY A 488 -16.60 -11.86 -18.25
N GLU A 489 -17.23 -12.90 -17.70
CA GLU A 489 -16.82 -13.44 -16.41
C GLU A 489 -15.32 -13.72 -16.38
N ALA A 490 -14.85 -14.57 -17.30
CA ALA A 490 -13.43 -14.87 -17.41
C ALA A 490 -13.17 -15.39 -18.83
N GLY A 491 -12.04 -16.09 -19.01
CA GLY A 491 -11.71 -16.66 -20.28
C GLY A 491 -11.28 -15.63 -21.31
N PRO A 492 -11.60 -15.88 -22.57
CA PRO A 492 -11.19 -14.95 -23.63
C PRO A 492 -11.81 -13.57 -23.46
N ILE A 493 -11.05 -12.55 -23.84
CA ILE A 493 -11.59 -11.20 -23.89
C ILE A 493 -12.47 -10.97 -25.12
N HIS A 494 -12.40 -11.86 -26.11
CA HIS A 494 -13.17 -11.68 -27.33
C HIS A 494 -14.65 -11.98 -27.13
N HIS A 495 -15.02 -12.66 -26.04
CA HIS A 495 -16.43 -12.92 -25.78
C HIS A 495 -17.24 -11.63 -25.81
N LEU A 496 -16.69 -10.57 -25.21
CA LEU A 496 -17.36 -9.27 -25.23
C LEU A 496 -17.47 -8.73 -26.65
N VAL A 497 -16.54 -9.08 -27.53
CA VAL A 497 -16.67 -8.68 -28.93
C VAL A 497 -17.91 -9.31 -29.54
N SER A 498 -18.14 -10.59 -29.25
CA SER A 498 -19.36 -11.25 -29.73
C SER A 498 -20.60 -10.62 -29.10
N ALA A 499 -20.53 -10.27 -27.81
CA ALA A 499 -21.69 -9.69 -27.14
C ALA A 499 -21.96 -8.28 -27.64
N PHE A 500 -20.90 -7.50 -27.91
CA PHE A 500 -21.10 -6.17 -28.47
C PHE A 500 -21.82 -6.21 -29.81
N MET A 501 -21.80 -7.36 -30.49
CA MET A 501 -22.53 -7.54 -31.74
C MET A 501 -23.80 -8.34 -31.58
N LEU A 502 -23.82 -9.30 -30.64
CA LEU A 502 -24.90 -10.28 -30.55
C LEU A 502 -25.43 -10.36 -29.13
N ALA A 503 -25.58 -9.21 -28.46
CA ALA A 503 -26.13 -9.19 -27.11
C ALA A 503 -26.75 -7.83 -26.85
N GLU A 504 -27.78 -7.82 -26.01
CA GLU A 504 -28.40 -6.58 -25.53
C GLU A 504 -27.93 -6.23 -24.13
N ASN A 505 -28.03 -7.17 -23.20
CA ASN A 505 -27.47 -7.04 -21.86
C ASN A 505 -26.58 -8.24 -21.59
N ILE A 506 -25.57 -8.04 -20.75
CA ILE A 506 -24.61 -9.09 -20.44
C ILE A 506 -24.51 -9.24 -18.92
N SER A 507 -24.12 -10.43 -18.49
CA SER A 507 -23.90 -10.72 -17.08
C SER A 507 -22.40 -10.70 -16.80
N HIS A 508 -22.07 -10.52 -15.52
CA HIS A 508 -20.68 -10.33 -15.12
C HIS A 508 -20.08 -9.11 -15.81
N GLY A 509 -19.28 -9.31 -16.86
CA GLY A 509 -18.59 -8.21 -17.49
C GLY A 509 -17.24 -7.87 -16.91
N LEU A 510 -16.64 -8.80 -16.18
CA LEU A 510 -15.42 -8.54 -15.42
C LEU A 510 -14.19 -8.37 -16.31
N LEU A 511 -14.29 -8.61 -17.61
CA LEU A 511 -13.14 -8.53 -18.51
C LEU A 511 -13.12 -7.28 -19.36
N LEU A 512 -14.18 -6.46 -19.33
CA LEU A 512 -14.12 -5.17 -20.02
C LEU A 512 -13.05 -4.28 -19.43
N ARG A 513 -12.72 -4.48 -18.15
CA ARG A 513 -11.62 -3.73 -17.54
C ARG A 513 -10.31 -3.99 -18.27
N LYS A 514 -10.13 -5.22 -18.78
CA LYS A 514 -8.91 -5.57 -19.51
C LYS A 514 -8.90 -5.06 -20.93
N ALA A 515 -10.05 -4.60 -21.45
CA ALA A 515 -10.16 -4.13 -22.83
C ALA A 515 -10.63 -2.68 -22.82
N PRO A 516 -9.73 -1.70 -22.93
CA PRO A 516 -10.18 -0.29 -22.93
C PRO A 516 -11.15 0.02 -24.05
N VAL A 517 -10.94 -0.54 -25.24
CA VAL A 517 -11.79 -0.18 -26.38
C VAL A 517 -13.21 -0.69 -26.17
N LEU A 518 -13.36 -1.93 -25.71
CA LEU A 518 -14.69 -2.50 -25.53
C LEU A 518 -15.51 -1.70 -24.52
N GLN A 519 -14.89 -1.35 -23.39
CA GLN A 519 -15.61 -0.58 -22.38
C GLN A 519 -16.01 0.78 -22.94
N TYR A 520 -15.11 1.42 -23.70
CA TYR A 520 -15.46 2.69 -24.34
C TYR A 520 -16.65 2.53 -25.28
N LEU A 521 -16.81 1.36 -25.88
CA LEU A 521 -17.98 1.10 -26.73
C LEU A 521 -19.19 0.68 -25.91
N TYR A 522 -19.00 -0.18 -24.91
CA TYR A 522 -20.10 -0.55 -24.03
C TYR A 522 -20.70 0.68 -23.36
N TYR A 523 -19.84 1.64 -22.99
CA TYR A 523 -20.35 2.89 -22.43
C TYR A 523 -21.11 3.70 -23.48
N LEU A 524 -20.50 3.92 -24.65
CA LEU A 524 -21.13 4.75 -25.66
C LEU A 524 -22.38 4.09 -26.25
N ALA A 525 -22.50 2.76 -26.13
CA ALA A 525 -23.70 2.06 -26.53
C ALA A 525 -24.66 1.80 -25.38
N GLN A 526 -24.28 2.17 -24.15
CA GLN A 526 -25.14 1.98 -22.98
C GLN A 526 -25.60 0.53 -22.85
N ILE A 527 -24.70 -0.40 -23.19
CA ILE A 527 -25.01 -1.81 -23.01
C ILE A 527 -25.19 -2.09 -21.52
N GLY A 528 -26.09 -3.02 -21.21
CA GLY A 528 -26.40 -3.36 -19.83
C GLY A 528 -25.51 -4.49 -19.33
N ILE A 529 -24.87 -4.26 -18.19
CA ILE A 529 -24.01 -5.25 -17.56
C ILE A 529 -24.62 -5.62 -16.22
N ALA A 530 -24.95 -6.90 -16.04
CA ALA A 530 -25.51 -7.40 -14.79
C ALA A 530 -24.37 -8.03 -13.99
N MET A 531 -23.92 -7.35 -12.95
CA MET A 531 -22.76 -7.78 -12.18
C MET A 531 -23.18 -8.41 -10.87
N SER A 532 -22.36 -9.36 -10.40
CA SER A 532 -22.58 -10.06 -9.13
C SER A 532 -21.29 -9.99 -8.32
N PRO A 533 -20.98 -8.81 -7.75
CA PRO A 533 -19.71 -8.68 -7.02
C PRO A 533 -19.54 -9.70 -5.92
N LEU A 534 -20.61 -10.05 -5.22
CA LEU A 534 -20.50 -11.01 -4.12
C LEU A 534 -20.00 -12.37 -4.61
N SER A 535 -20.56 -12.85 -5.72
CA SER A 535 -20.18 -14.17 -6.22
C SER A 535 -18.80 -14.15 -6.84
N ASN A 536 -18.41 -13.05 -7.48
CA ASN A 536 -17.10 -12.97 -8.12
C ASN A 536 -15.99 -13.18 -7.10
N ASN A 537 -16.20 -12.74 -5.86
CA ASN A 537 -15.18 -12.91 -4.83
C ASN A 537 -14.89 -14.38 -4.58
N SER A 538 -15.92 -15.22 -4.62
CA SER A 538 -15.73 -16.65 -4.33
C SER A 538 -14.80 -17.33 -5.33
N LEU A 539 -14.77 -16.87 -6.59
CA LEU A 539 -14.04 -17.59 -7.62
C LEU A 539 -13.24 -16.69 -8.55
N PHE A 540 -13.92 -15.91 -9.39
CA PHE A 540 -13.30 -15.33 -10.58
C PHE A 540 -12.74 -13.93 -10.37
N LEU A 541 -12.89 -13.34 -9.20
CA LEU A 541 -12.29 -12.03 -8.93
C LEU A 541 -12.29 -11.81 -7.42
N SER A 542 -11.80 -10.65 -7.01
CA SER A 542 -11.82 -10.21 -5.62
C SER A 542 -12.65 -8.94 -5.50
N TYR A 543 -13.29 -8.77 -4.34
CA TYR A 543 -14.20 -7.64 -4.16
C TYR A 543 -13.47 -6.32 -4.35
N HIS A 544 -12.23 -6.22 -3.89
CA HIS A 544 -11.48 -4.99 -4.05
C HIS A 544 -11.22 -4.67 -5.51
N ARG A 545 -10.91 -5.69 -6.31
CA ARG A 545 -10.56 -5.50 -7.72
C ARG A 545 -11.78 -5.48 -8.63
N ASN A 546 -12.97 -5.73 -8.12
CA ASN A 546 -14.14 -5.77 -8.97
C ASN A 546 -14.34 -4.40 -9.63
N PRO A 547 -14.60 -4.35 -10.93
CA PRO A 547 -14.69 -3.06 -11.63
C PRO A 547 -16.06 -2.39 -11.55
N LEU A 548 -17.02 -2.94 -10.81
CA LEU A 548 -18.32 -2.31 -10.69
C LEU A 548 -18.24 -0.83 -10.30
N PRO A 549 -17.52 -0.43 -9.26
CA PRO A 549 -17.46 1.00 -8.94
C PRO A 549 -16.92 1.84 -10.08
N GLU A 550 -15.86 1.37 -10.76
CA GLU A 550 -15.28 2.14 -11.85
C GLU A 550 -16.26 2.28 -13.01
N TYR A 551 -16.98 1.20 -13.33
CA TYR A 551 -17.99 1.29 -14.38
C TYR A 551 -19.07 2.31 -14.02
N LEU A 552 -19.58 2.22 -12.79
CA LEU A 552 -20.65 3.13 -12.37
C LEU A 552 -20.20 4.58 -12.37
N SER A 553 -18.94 4.82 -11.99
CA SER A 553 -18.42 6.18 -11.99
C SER A 553 -18.35 6.74 -13.40
N ARG A 554 -17.91 5.92 -14.36
CA ARG A 554 -17.72 6.39 -15.73
C ARG A 554 -19.04 6.60 -16.47
N GLY A 555 -20.10 5.92 -16.05
CA GLY A 555 -21.42 6.05 -16.66
C GLY A 555 -21.94 4.80 -17.34
N LEU A 556 -21.20 3.69 -17.32
CA LEU A 556 -21.69 2.45 -17.90
C LEU A 556 -22.92 1.96 -17.16
N MET A 557 -23.83 1.34 -17.90
CA MET A 557 -25.10 0.85 -17.34
C MET A 557 -24.79 -0.42 -16.55
N VAL A 558 -24.74 -0.30 -15.23
CA VAL A 558 -24.42 -1.39 -14.34
C VAL A 558 -25.60 -1.66 -13.43
N SER A 559 -25.93 -2.93 -13.23
CA SER A 559 -26.97 -3.36 -12.32
C SER A 559 -26.42 -4.42 -11.39
N LEU A 560 -26.97 -4.49 -10.19
CA LEU A 560 -26.52 -5.42 -9.16
C LEU A 560 -27.40 -6.66 -9.15
N SER A 561 -26.77 -7.82 -9.13
CA SER A 561 -27.47 -9.09 -9.22
C SER A 561 -26.81 -10.10 -8.29
N THR A 562 -27.57 -11.15 -7.97
CA THR A 562 -27.11 -12.24 -7.12
C THR A 562 -27.09 -13.52 -7.93
N ASP A 563 -25.88 -13.99 -8.27
CA ASP A 563 -25.77 -15.20 -9.08
C ASP A 563 -26.34 -16.41 -8.34
N ASP A 564 -26.07 -16.50 -7.05
CA ASP A 564 -26.65 -17.54 -6.19
C ASP A 564 -27.29 -16.85 -4.99
N PRO A 565 -28.59 -17.01 -4.77
CA PRO A 565 -29.23 -16.26 -3.66
C PRO A 565 -28.88 -16.79 -2.28
N LEU A 566 -28.28 -17.98 -2.17
CA LEU A 566 -28.02 -18.58 -0.87
C LEU A 566 -26.60 -19.09 -0.68
N GLN A 567 -25.86 -19.39 -1.75
CA GLN A 567 -24.49 -19.88 -1.58
C GLN A 567 -23.59 -18.81 -0.99
N PHE A 568 -23.65 -17.59 -1.54
CA PHE A 568 -22.77 -16.50 -1.11
C PHE A 568 -23.42 -15.58 -0.10
N HIS A 569 -24.74 -15.52 -0.05
CA HIS A 569 -25.45 -14.60 0.83
C HIS A 569 -25.79 -15.29 2.15
N PHE A 570 -25.66 -14.52 3.24
CA PHE A 570 -25.95 -15.02 4.57
C PHE A 570 -27.26 -14.52 5.14
N THR A 571 -27.96 -13.62 4.46
CA THR A 571 -29.16 -13.00 4.97
C THR A 571 -30.38 -13.50 4.20
N LYS A 572 -31.56 -13.08 4.66
CA LYS A 572 -32.82 -13.39 4.01
C LYS A 572 -33.29 -12.27 3.08
N GLU A 573 -32.42 -11.30 2.79
CA GLU A 573 -32.67 -10.28 1.78
C GLU A 573 -31.43 -10.18 0.90
N PRO A 574 -31.16 -11.22 0.10
CA PRO A 574 -29.85 -11.30 -0.59
C PRO A 574 -29.54 -10.09 -1.47
N LEU A 575 -30.51 -9.60 -2.24
CA LEU A 575 -30.26 -8.45 -3.09
C LEU A 575 -29.93 -7.22 -2.25
N MET A 576 -30.64 -7.03 -1.13
CA MET A 576 -30.27 -5.98 -0.19
C MET A 576 -28.85 -6.21 0.34
N GLU A 577 -28.53 -7.45 0.68
CA GLU A 577 -27.17 -7.78 1.10
C GLU A 577 -26.18 -7.52 -0.02
N GLU A 578 -26.54 -7.86 -1.26
CA GLU A 578 -25.68 -7.56 -2.40
C GLU A 578 -25.45 -6.06 -2.52
N TYR A 579 -26.53 -5.27 -2.44
CA TYR A 579 -26.37 -3.82 -2.51
C TYR A 579 -25.60 -3.28 -1.31
N SER A 580 -25.77 -3.89 -0.13
CA SER A 580 -25.13 -3.38 1.07
C SER A 580 -23.62 -3.54 0.99
N ILE A 581 -23.15 -4.74 0.62
CA ILE A 581 -21.70 -4.99 0.62
C ILE A 581 -21.00 -4.07 -0.37
N ALA A 582 -21.61 -3.85 -1.54
CA ALA A 582 -21.03 -2.92 -2.50
C ALA A 582 -21.07 -1.49 -1.96
N THR A 583 -22.17 -1.10 -1.34
CA THR A 583 -22.30 0.27 -0.84
C THR A 583 -21.24 0.57 0.21
N GLN A 584 -20.98 -0.39 1.09
CA GLN A 584 -20.05 -0.16 2.20
C GLN A 584 -18.60 -0.29 1.76
N VAL A 585 -18.29 -1.31 0.95
CA VAL A 585 -16.89 -1.54 0.57
C VAL A 585 -16.37 -0.38 -0.26
N TRP A 586 -17.16 0.09 -1.23
CA TRP A 586 -16.73 1.15 -2.13
C TRP A 586 -17.28 2.52 -1.72
N LYS A 587 -17.88 2.62 -0.54
CA LYS A 587 -18.36 3.89 0.00
C LYS A 587 -19.21 4.62 -1.02
N LEU A 588 -20.33 4.01 -1.37
CA LEU A 588 -21.26 4.56 -2.35
C LEU A 588 -22.33 5.37 -1.62
N SER A 589 -22.84 6.39 -2.32
CA SER A 589 -23.80 7.31 -1.75
C SER A 589 -25.22 6.84 -2.03
N SER A 590 -26.20 7.60 -1.53
CA SER A 590 -27.59 7.29 -1.81
C SER A 590 -27.89 7.36 -3.30
N CYS A 591 -27.36 8.37 -3.98
CA CYS A 591 -27.54 8.45 -5.44
C CYS A 591 -26.97 7.22 -6.13
N ASP A 592 -25.77 6.79 -5.72
CA ASP A 592 -25.14 5.62 -6.33
C ASP A 592 -26.06 4.41 -6.27
N MET A 593 -26.62 4.13 -5.09
CA MET A 593 -27.51 2.97 -4.96
C MET A 593 -28.78 3.16 -5.77
N CYS A 594 -29.45 4.29 -5.60
CA CYS A 594 -30.68 4.53 -6.34
C CYS A 594 -30.43 4.61 -7.84
N GLU A 595 -29.27 5.14 -8.25
CA GLU A 595 -28.90 5.12 -9.66
C GLU A 595 -28.76 3.69 -10.17
N LEU A 596 -28.25 2.78 -9.32
CA LEU A 596 -28.13 1.38 -9.71
C LEU A 596 -29.49 0.71 -9.77
N ALA A 597 -30.40 1.04 -8.85
CA ALA A 597 -31.72 0.43 -8.83
C ALA A 597 -32.49 0.76 -10.09
N ARG A 598 -32.47 2.04 -10.51
CA ARG A 598 -33.15 2.41 -11.74
C ARG A 598 -32.53 1.70 -12.94
N ASN A 599 -31.20 1.59 -12.98
CA ASN A 599 -30.55 0.86 -14.07
C ASN A 599 -31.02 -0.59 -14.12
N SER A 600 -31.42 -1.15 -12.97
CA SER A 600 -31.92 -2.53 -12.95
C SER A 600 -33.26 -2.61 -13.66
N VAL A 601 -34.19 -1.70 -13.33
CA VAL A 601 -35.51 -1.73 -13.95
C VAL A 601 -35.40 -1.40 -15.45
N LEU A 602 -34.59 -0.40 -15.79
CA LEU A 602 -34.55 0.06 -17.18
C LEU A 602 -34.07 -1.04 -18.12
N MET A 603 -33.08 -1.82 -17.71
CA MET A 603 -32.59 -2.92 -18.52
C MET A 603 -33.35 -4.22 -18.26
N SER A 604 -34.38 -4.18 -17.43
CA SER A 604 -35.18 -5.36 -17.16
C SER A 604 -36.09 -5.68 -18.35
N GLY A 605 -36.44 -6.96 -18.48
CA GLY A 605 -37.31 -7.39 -19.55
C GLY A 605 -38.78 -7.23 -19.21
N PHE A 606 -39.23 -5.99 -19.03
CA PHE A 606 -40.60 -5.68 -18.69
C PHE A 606 -41.15 -4.69 -19.71
N SER A 607 -42.44 -4.39 -19.59
CA SER A 607 -43.17 -3.62 -20.59
C SER A 607 -43.22 -2.14 -20.24
N HIS A 608 -43.63 -1.34 -21.23
CA HIS A 608 -43.85 0.08 -20.99
C HIS A 608 -44.94 0.30 -19.93
N LYS A 609 -45.96 -0.56 -19.94
CA LYS A 609 -46.98 -0.49 -18.89
C LYS A 609 -46.36 -0.73 -17.51
N VAL A 610 -45.50 -1.75 -17.41
CA VAL A 610 -44.84 -2.03 -16.14
C VAL A 610 -44.00 -0.84 -15.69
N LYS A 611 -43.23 -0.27 -16.61
CA LYS A 611 -42.35 0.85 -16.29
C LYS A 611 -43.06 2.19 -16.33
N SER A 612 -44.31 2.23 -16.82
CA SER A 612 -45.14 3.41 -16.65
C SER A 612 -45.52 3.64 -15.19
N HIS A 613 -45.52 2.56 -14.38
CA HIS A 613 -45.85 2.64 -12.96
C HIS A 613 -44.62 2.52 -12.07
N TRP A 614 -43.74 1.56 -12.35
CA TRP A 614 -42.55 1.39 -11.53
C TRP A 614 -41.61 2.59 -11.67
N LEU A 615 -41.43 3.09 -12.90
CA LEU A 615 -40.52 4.19 -13.15
C LEU A 615 -41.21 5.47 -13.60
N GLY A 616 -42.44 5.39 -14.10
CA GLY A 616 -43.19 6.56 -14.45
C GLY A 616 -43.56 6.59 -15.93
N PRO A 617 -44.58 7.36 -16.29
CA PRO A 617 -44.98 7.43 -17.70
C PRO A 617 -43.91 8.02 -18.61
N ASN A 618 -42.96 8.78 -18.07
CA ASN A 618 -41.96 9.46 -18.86
C ASN A 618 -40.62 8.72 -18.87
N TYR A 619 -40.61 7.46 -18.45
CA TYR A 619 -39.34 6.72 -18.38
C TYR A 619 -38.72 6.52 -19.75
N THR A 620 -39.49 6.70 -20.83
CA THR A 620 -38.92 6.58 -22.17
C THR A 620 -38.06 7.77 -22.53
N LYS A 621 -38.37 8.95 -21.98
CA LYS A 621 -37.56 10.13 -22.25
C LYS A 621 -36.14 9.90 -21.75
N GLU A 622 -35.15 10.27 -22.58
CA GLU A 622 -33.76 10.05 -22.25
C GLU A 622 -33.18 11.29 -21.58
N GLY A 623 -32.56 11.10 -20.41
CA GLY A 623 -31.92 12.16 -19.70
C GLY A 623 -32.79 12.75 -18.61
N PRO A 624 -32.56 14.03 -18.27
CA PRO A 624 -33.29 14.62 -17.14
C PRO A 624 -34.80 14.53 -17.26
N GLU A 625 -35.35 14.67 -18.47
CA GLU A 625 -36.80 14.65 -18.62
C GLU A 625 -37.38 13.32 -18.19
N GLY A 626 -36.63 12.23 -18.33
CA GLY A 626 -37.11 10.92 -17.95
C GLY A 626 -36.96 10.57 -16.49
N ASN A 627 -36.47 11.49 -15.67
CA ASN A 627 -36.21 11.23 -14.26
C ASN A 627 -37.31 11.86 -13.41
N ASP A 628 -37.92 11.04 -12.54
CA ASP A 628 -38.85 11.52 -11.54
C ASP A 628 -38.33 11.08 -10.18
N ILE A 629 -37.68 12.01 -9.45
CA ILE A 629 -37.10 11.66 -8.16
C ILE A 629 -38.16 11.15 -7.20
N ARG A 630 -39.42 11.52 -7.41
CA ARG A 630 -40.52 11.00 -6.60
C ARG A 630 -40.79 9.53 -6.88
N ARG A 631 -40.16 8.95 -7.90
CA ARG A 631 -40.31 7.54 -8.22
C ARG A 631 -38.99 6.79 -8.32
N THR A 632 -37.86 7.48 -8.48
CA THR A 632 -36.55 6.84 -8.60
C THR A 632 -35.63 7.16 -7.43
N ASN A 633 -35.83 8.28 -6.74
CA ASN A 633 -34.97 8.77 -5.67
C ASN A 633 -33.62 9.25 -6.18
N VAL A 634 -33.45 9.37 -7.49
CA VAL A 634 -32.21 9.85 -8.09
C VAL A 634 -32.44 11.30 -8.53
N PRO A 635 -31.67 12.26 -8.02
CA PRO A 635 -31.88 13.66 -8.41
C PRO A 635 -31.61 13.88 -9.89
N ASP A 636 -32.18 14.95 -10.41
CA ASP A 636 -31.95 15.32 -11.81
C ASP A 636 -30.50 15.73 -12.06
N ILE A 637 -29.77 16.12 -11.01
CA ILE A 637 -28.38 16.51 -11.19
C ILE A 637 -27.57 15.31 -11.67
N ARG A 638 -27.72 14.16 -11.02
CA ARG A 638 -27.00 12.96 -11.45
C ARG A 638 -27.40 12.58 -12.87
N VAL A 639 -28.70 12.59 -13.15
CA VAL A 639 -29.17 12.26 -14.50
C VAL A 639 -28.64 13.28 -15.50
N GLY A 640 -28.58 14.55 -15.10
CA GLY A 640 -28.05 15.56 -16.00
C GLY A 640 -26.58 15.32 -16.34
N TYR A 641 -25.77 15.05 -15.32
CA TYR A 641 -24.36 14.79 -15.57
C TYR A 641 -24.17 13.54 -16.43
N ARG A 642 -24.91 12.48 -16.13
CA ARG A 642 -24.77 11.24 -16.90
C ARG A 642 -25.12 11.46 -18.36
N TYR A 643 -26.27 12.10 -18.62
CA TYR A 643 -26.68 12.34 -19.99
C TYR A 643 -25.75 13.33 -20.69
N GLU A 644 -25.43 14.44 -20.00
CA GLU A 644 -24.55 15.44 -20.60
C GLU A 644 -23.17 14.84 -20.91
N THR A 645 -22.65 14.02 -20.00
CA THR A 645 -21.34 13.41 -20.23
C THR A 645 -21.34 12.53 -21.47
N LEU A 646 -22.40 11.72 -21.65
CA LEU A 646 -22.44 10.84 -22.81
C LEU A 646 -22.60 11.62 -24.10
N CYS A 647 -23.49 12.62 -24.11
CA CYS A 647 -23.74 13.37 -25.34
C CYS A 647 -22.47 14.05 -25.84
N GLN A 648 -21.72 14.67 -24.93
CA GLN A 648 -20.49 15.33 -25.34
C GLN A 648 -19.48 14.33 -25.87
N GLU A 649 -19.36 13.16 -25.23
CA GLU A 649 -18.40 12.16 -25.68
C GLU A 649 -18.75 11.65 -27.07
N LEU A 650 -20.03 11.37 -27.31
CA LEU A 650 -20.46 10.97 -28.65
C LEU A 650 -20.25 12.10 -29.66
N ALA A 651 -20.56 13.33 -29.26
CA ALA A 651 -20.33 14.47 -30.14
C ALA A 651 -18.87 14.56 -30.54
N LEU A 652 -17.96 14.31 -29.61
CA LEU A 652 -16.54 14.28 -29.94
C LEU A 652 -16.23 13.20 -30.95
N ILE A 653 -16.78 12.00 -30.75
CA ILE A 653 -16.52 10.89 -31.66
C ILE A 653 -17.16 11.14 -33.02
N THR A 654 -18.33 11.78 -33.03
CA THR A 654 -19.09 11.96 -34.26
C THR A 654 -18.72 13.24 -34.99
N GLN A 655 -18.72 14.39 -34.29
CA GLN A 655 -18.41 15.64 -34.96
C GLN A 655 -17.01 15.64 -35.55
N ALA A 656 -16.10 14.85 -34.97
CA ALA A 656 -14.79 14.67 -35.59
C ALA A 656 -14.92 14.01 -36.96
N VAL A 657 -15.78 12.99 -37.06
CA VAL A 657 -15.96 12.30 -38.33
C VAL A 657 -16.66 13.20 -39.34
N GLN A 658 -17.61 14.01 -38.87
CA GLN A 658 -18.44 14.79 -39.79
C GLN A 658 -17.60 15.74 -40.63
N SER A 659 -16.61 16.39 -40.03
CA SER A 659 -15.84 17.43 -40.69
C SER A 659 -14.52 16.93 -41.25
N GLU A 660 -14.37 15.62 -41.42
CA GLU A 660 -13.16 15.05 -42.01
C GLU A 660 -12.92 15.62 -43.41
N GLU B 17 -6.85 -35.57 14.22
CA GLU B 17 -5.49 -35.06 14.29
C GLU B 17 -5.29 -33.92 13.30
N PHE B 18 -4.33 -33.05 13.58
CA PHE B 18 -4.00 -31.95 12.67
C PHE B 18 -2.50 -31.68 12.76
N GLN B 19 -1.88 -31.41 11.62
CA GLN B 19 -0.45 -31.12 11.60
C GLN B 19 -0.20 -29.74 12.19
N ARG B 20 0.84 -29.64 13.03
CA ARG B 20 1.09 -28.47 13.85
C ARG B 20 2.50 -27.95 13.59
N VAL B 21 2.62 -26.63 13.48
CA VAL B 21 3.93 -26.02 13.31
C VAL B 21 4.69 -26.11 14.63
N THR B 22 5.83 -26.79 14.60
CA THR B 22 6.65 -27.03 15.79
C THR B 22 8.06 -26.52 15.55
N ILE B 23 8.38 -25.35 16.08
CA ILE B 23 9.73 -24.81 15.97
C ILE B 23 10.68 -25.69 16.76
N SER B 24 11.73 -26.17 16.09
CA SER B 24 12.71 -27.07 16.69
C SER B 24 14.06 -26.40 16.74
N GLY B 25 14.66 -26.36 17.92
CA GLY B 25 15.95 -25.76 18.16
C GLY B 25 15.90 -24.83 19.36
N GLU B 26 17.00 -24.12 19.58
CA GLU B 26 17.10 -23.14 20.63
C GLU B 26 16.73 -21.76 20.10
N GLU B 27 16.45 -20.84 21.03
CA GLU B 27 16.01 -19.49 20.67
C GLU B 27 14.78 -19.55 19.78
N LYS B 28 13.83 -20.43 20.13
CA LYS B 28 12.62 -20.57 19.35
C LYS B 28 11.84 -19.26 19.26
N CYS B 29 11.99 -18.39 20.26
CA CYS B 29 11.33 -17.09 20.21
C CYS B 29 11.87 -16.19 19.11
N GLY B 30 13.06 -16.49 18.59
CA GLY B 30 13.68 -15.65 17.59
C GLY B 30 14.44 -14.47 18.14
N VAL B 31 14.57 -14.35 19.46
CA VAL B 31 15.30 -13.26 20.08
C VAL B 31 16.25 -13.83 21.12
N PRO B 32 17.38 -13.16 21.41
CA PRO B 32 18.26 -13.66 22.48
C PRO B 32 17.54 -13.68 23.82
N PHE B 33 17.95 -14.62 24.68
CA PHE B 33 17.31 -14.74 25.99
C PHE B 33 17.37 -13.44 26.78
N THR B 34 18.38 -12.60 26.51
CA THR B 34 18.45 -11.30 27.18
C THR B 34 17.23 -10.45 26.84
N ASP B 35 16.81 -10.44 25.57
CA ASP B 35 15.64 -9.68 25.18
C ASP B 35 14.36 -10.36 25.61
N LEU B 36 14.34 -11.70 25.63
CA LEU B 36 13.14 -12.41 26.05
C LEU B 36 12.82 -12.13 27.50
N LEU B 37 13.82 -12.24 28.38
CA LEU B 37 13.57 -12.08 29.81
C LEU B 37 13.22 -10.63 30.14
N ASP B 38 13.83 -9.67 29.45
CA ASP B 38 13.50 -8.27 29.69
C ASP B 38 12.03 -8.00 29.38
N ALA B 39 11.54 -8.52 28.25
CA ALA B 39 10.12 -8.36 27.92
C ALA B 39 9.24 -9.28 28.77
N ALA B 40 9.71 -10.50 29.03
CA ALA B 40 8.91 -11.46 29.78
C ALA B 40 8.63 -10.95 31.20
N LYS B 41 9.65 -10.39 31.85
CA LYS B 41 9.47 -9.91 33.22
C LYS B 41 8.44 -8.78 33.27
N SER B 42 8.50 -7.87 32.30
CA SER B 42 7.53 -6.77 32.26
C SER B 42 6.14 -7.28 31.89
N VAL B 43 6.05 -8.21 30.93
CA VAL B 43 4.75 -8.71 30.52
C VAL B 43 4.07 -9.45 31.67
N VAL B 44 4.82 -10.29 32.38
CA VAL B 44 4.26 -11.00 33.53
C VAL B 44 3.78 -9.98 34.57
N ARG B 45 4.54 -8.91 34.77
CA ARG B 45 4.14 -7.89 35.72
C ARG B 45 2.80 -7.27 35.32
N ALA B 46 2.62 -6.96 34.04
CA ALA B 46 1.36 -6.37 33.59
C ALA B 46 0.20 -7.34 33.80
N LEU B 47 0.40 -8.63 33.51
CA LEU B 47 -0.66 -9.60 33.71
C LEU B 47 -1.04 -9.71 35.18
N PHE B 48 -0.06 -9.66 36.08
CA PHE B 48 -0.36 -9.66 37.50
C PHE B 48 -1.17 -8.43 37.89
N ILE B 49 -0.89 -7.29 37.26
CA ILE B 49 -1.64 -6.08 37.55
C ILE B 49 -3.13 -6.30 37.25
N ARG B 50 -3.43 -6.88 36.09
CA ARG B 50 -4.82 -7.18 35.75
C ARG B 50 -5.39 -8.23 36.70
N GLU B 51 -4.60 -9.25 37.05
CA GLU B 51 -5.08 -10.28 37.96
C GLU B 51 -5.51 -9.69 39.30
N LYS B 52 -4.92 -8.55 39.68
CA LYS B 52 -5.24 -7.93 40.96
C LYS B 52 -6.52 -7.10 40.86
N TYR B 53 -6.59 -6.18 39.90
CA TYR B 53 -7.76 -5.33 39.76
C TYR B 53 -8.99 -6.12 39.32
N MET B 54 -8.79 -7.21 38.57
CA MET B 54 -9.93 -8.06 38.22
C MET B 54 -10.49 -8.76 39.45
N ALA B 55 -9.62 -9.13 40.40
CA ALA B 55 -10.09 -9.75 41.64
C ALA B 55 -10.78 -8.74 42.54
N LEU B 56 -10.21 -7.53 42.66
CA LEU B 56 -10.82 -6.51 43.49
C LEU B 56 -12.22 -6.14 43.02
N SER B 57 -12.45 -6.19 41.71
CA SER B 57 -13.76 -5.87 41.13
C SER B 57 -14.66 -7.08 41.00
N LEU B 58 -14.21 -8.26 41.44
CA LEU B 58 -14.96 -9.49 41.25
C LEU B 58 -15.30 -9.70 39.78
N GLN B 59 -14.36 -9.31 38.91
CA GLN B 59 -14.50 -9.53 37.48
C GLN B 59 -13.82 -10.84 37.13
N SER B 60 -13.29 -10.97 35.92
CA SER B 60 -12.76 -12.24 35.46
C SER B 60 -11.36 -12.06 34.89
N PHE B 61 -10.58 -13.13 34.98
CA PHE B 61 -9.26 -13.23 34.38
C PHE B 61 -9.17 -14.56 33.64
N CYS B 62 -8.35 -14.60 32.60
CA CYS B 62 -8.30 -15.80 31.77
C CYS B 62 -7.85 -16.99 32.61
N PRO B 63 -8.60 -18.09 32.62
CA PRO B 63 -8.16 -19.26 33.41
C PRO B 63 -6.79 -19.77 33.01
N THR B 64 -6.47 -19.77 31.71
CA THR B 64 -5.16 -20.26 31.28
C THR B 64 -4.06 -19.28 31.65
N THR B 65 -4.33 -17.98 31.53
CA THR B 65 -3.31 -16.99 31.90
C THR B 65 -3.00 -17.04 33.39
N ARG B 66 -3.99 -17.42 34.21
CA ARG B 66 -3.76 -17.48 35.65
C ARG B 66 -2.88 -18.68 36.03
N ARG B 67 -3.13 -19.84 35.41
CA ARG B 67 -2.38 -21.03 35.76
C ARG B 67 -0.88 -20.83 35.56
N TYR B 68 -0.50 -20.26 34.41
CA TYR B 68 0.92 -20.02 34.14
C TYR B 68 1.51 -19.01 35.12
N LEU B 69 0.77 -17.94 35.40
CA LEU B 69 1.29 -16.90 36.29
C LEU B 69 1.49 -17.45 37.70
N GLN B 70 0.59 -18.33 38.15
CA GLN B 70 0.70 -18.86 39.51
C GLN B 70 2.03 -19.57 39.73
N GLN B 71 2.60 -20.17 38.67
CA GLN B 71 3.90 -20.79 38.80
C GLN B 71 4.96 -19.78 39.20
N LEU B 72 4.78 -18.52 38.84
CA LEU B 72 5.73 -17.46 39.14
C LEU B 72 5.38 -16.67 40.41
N ALA B 73 4.20 -16.89 40.98
CA ALA B 73 3.72 -16.06 42.06
C ALA B 73 4.16 -16.63 43.40
N GLU B 74 4.90 -15.82 44.16
CA GLU B 74 5.25 -16.19 45.53
C GLU B 74 4.03 -16.23 46.44
N LYS B 75 2.92 -15.63 46.02
CA LYS B 75 1.69 -15.56 46.79
C LYS B 75 0.55 -16.13 45.96
N PRO B 76 -0.52 -16.60 46.61
CA PRO B 76 -1.62 -17.20 45.84
C PRO B 76 -2.32 -16.19 44.96
N LEU B 77 -2.91 -16.70 43.88
CA LEU B 77 -3.60 -15.89 42.88
C LEU B 77 -5.10 -16.16 42.94
N GLU B 78 -5.89 -15.11 42.77
CA GLU B 78 -7.34 -15.21 42.81
C GLU B 78 -7.92 -15.19 41.40
N GLU B 102 -42.20 -21.46 33.77
CA GLU B 102 -41.58 -20.15 33.80
C GLU B 102 -42.62 -19.04 33.86
N GLN B 103 -42.17 -17.81 34.05
CA GLN B 103 -43.05 -16.66 34.10
C GLN B 103 -42.25 -15.42 33.75
N HIS B 104 -42.96 -14.38 33.32
CA HIS B 104 -42.30 -13.11 33.02
C HIS B 104 -41.65 -12.56 34.28
N PRO B 105 -40.37 -12.18 34.24
CA PRO B 105 -39.68 -11.82 35.49
C PRO B 105 -40.33 -10.66 36.24
N TYR B 106 -40.83 -9.66 35.53
CA TYR B 106 -41.28 -8.42 36.16
C TYR B 106 -42.77 -8.41 36.50
N GLU B 107 -43.51 -9.46 36.11
CA GLU B 107 -44.94 -9.47 36.41
C GLU B 107 -45.20 -9.51 37.90
N HIS B 108 -44.41 -10.29 38.65
CA HIS B 108 -44.55 -10.42 40.09
C HIS B 108 -43.59 -9.46 40.77
N CYS B 109 -44.13 -8.38 41.35
CA CYS B 109 -43.35 -7.38 42.07
C CYS B 109 -43.88 -7.30 43.50
N GLU B 110 -43.20 -7.98 44.42
CA GLU B 110 -43.56 -8.00 45.83
C GLU B 110 -42.37 -7.51 46.65
N PRO B 111 -42.32 -6.22 46.99
CA PRO B 111 -41.19 -5.74 47.80
C PRO B 111 -41.06 -6.48 49.13
N SER B 112 -42.19 -6.84 49.75
CA SER B 112 -42.13 -7.53 51.04
C SER B 112 -41.51 -8.92 50.92
N THR B 113 -41.60 -9.53 49.73
CA THR B 113 -41.01 -10.84 49.52
C THR B 113 -39.52 -10.77 49.23
N MET B 114 -38.96 -9.58 49.07
CA MET B 114 -37.55 -9.41 48.79
C MET B 114 -36.75 -9.47 50.08
N PRO B 115 -35.42 -9.56 49.99
CA PRO B 115 -34.60 -9.53 51.21
C PRO B 115 -34.85 -8.26 52.02
N GLY B 116 -34.19 -8.15 53.19
CA GLY B 116 -34.49 -7.07 54.11
C GLY B 116 -33.32 -6.14 54.39
N ASP B 117 -33.66 -4.93 54.85
CA ASP B 117 -32.64 -3.93 55.17
C ASP B 117 -31.64 -4.48 56.19
N LEU B 118 -30.35 -4.40 55.84
CA LEU B 118 -29.30 -4.66 56.80
C LEU B 118 -28.97 -3.44 57.65
N GLY B 119 -29.59 -2.29 57.38
CA GLY B 119 -29.31 -1.09 58.13
C GLY B 119 -27.98 -0.44 57.81
N LEU B 120 -27.30 -0.92 56.78
CA LEU B 120 -25.98 -0.39 56.46
C LEU B 120 -26.06 1.05 55.99
N GLY B 121 -25.10 1.86 56.42
CA GLY B 121 -25.05 3.27 56.07
C GLY B 121 -24.16 3.50 54.86
N LEU B 122 -24.67 4.27 53.91
CA LEU B 122 -24.00 4.52 52.63
C LEU B 122 -23.61 5.98 52.55
N ARG B 123 -22.30 6.25 52.54
CA ARG B 123 -21.77 7.60 52.35
C ARG B 123 -20.51 7.50 51.51
N MET B 124 -20.27 8.54 50.70
CA MET B 124 -19.15 8.54 49.78
C MET B 124 -17.91 9.09 50.46
N VAL B 125 -16.82 8.33 50.41
CA VAL B 125 -15.53 8.72 50.95
C VAL B 125 -14.54 8.82 49.80
N ARG B 126 -13.99 10.01 49.58
CA ARG B 126 -12.95 10.22 48.58
C ARG B 126 -13.42 9.77 47.20
N GLY B 127 -14.70 10.01 46.89
CA GLY B 127 -15.24 9.67 45.60
C GLY B 127 -15.74 8.25 45.46
N VAL B 128 -15.57 7.41 46.49
CA VAL B 128 -16.04 6.04 46.47
C VAL B 128 -17.06 5.88 47.58
N VAL B 129 -17.99 4.93 47.40
CA VAL B 129 -19.05 4.68 48.37
C VAL B 129 -18.56 3.61 49.34
N HIS B 130 -18.53 3.97 50.63
CA HIS B 130 -18.16 3.05 51.70
C HIS B 130 -19.40 2.65 52.49
N VAL B 131 -19.40 1.41 52.96
CA VAL B 131 -20.55 0.83 53.65
C VAL B 131 -20.28 0.88 55.14
N TYR B 132 -21.27 1.34 55.90
CA TYR B 132 -21.15 1.51 57.34
C TYR B 132 -22.19 0.65 58.06
N THR B 133 -21.92 0.36 59.33
CA THR B 133 -22.76 -0.58 60.08
C THR B 133 -24.17 -0.03 60.23
N ARG B 134 -24.31 1.24 60.59
CA ARG B 134 -25.62 1.85 60.80
C ARG B 134 -25.84 2.99 59.81
N CYS B 141 -20.83 4.25 64.40
CA CYS B 141 -20.82 3.34 63.26
C CYS B 141 -19.40 2.84 62.98
N SER B 142 -19.31 1.68 62.34
CA SER B 142 -18.04 1.09 61.96
C SER B 142 -18.06 0.74 60.48
N GLU B 143 -16.91 0.88 59.83
CA GLU B 143 -16.81 0.57 58.40
C GLU B 143 -16.97 -0.93 58.17
N VAL B 144 -17.81 -1.29 57.20
CA VAL B 144 -17.86 -2.67 56.74
C VAL B 144 -16.55 -2.98 56.03
N GLU B 145 -15.93 -4.10 56.39
CA GLU B 145 -14.57 -4.42 55.96
C GLU B 145 -14.60 -4.98 54.53
N LEU B 146 -14.98 -4.09 53.59
CA LEU B 146 -14.92 -4.40 52.17
C LEU B 146 -13.59 -3.94 51.59
N PRO B 147 -13.03 -4.63 50.60
CA PRO B 147 -11.74 -4.20 50.03
C PRO B 147 -11.90 -2.86 49.32
N TYR B 148 -11.16 -1.85 49.77
CA TYR B 148 -11.30 -0.51 49.21
C TYR B 148 -10.06 -0.15 48.39
N PRO B 149 -10.20 0.77 47.42
CA PRO B 149 -9.11 0.98 46.47
C PRO B 149 -8.20 2.13 46.86
N ASP B 150 -6.92 2.01 46.50
CA ASP B 150 -5.93 3.06 46.73
C ASP B 150 -5.54 3.64 45.38
N LEU B 151 -5.85 4.92 45.16
CA LEU B 151 -5.52 5.54 43.88
C LEU B 151 -4.02 5.59 43.66
N GLN B 152 -3.25 5.82 44.71
CA GLN B 152 -1.79 5.87 44.58
C GLN B 152 -1.27 4.59 43.93
N GLU B 153 -1.80 3.44 44.34
CA GLU B 153 -1.42 2.19 43.71
C GLU B 153 -1.81 2.18 42.24
N PHE B 154 -3.01 2.67 41.92
CA PHE B 154 -3.44 2.70 40.52
C PHE B 154 -2.54 3.61 39.70
N VAL B 155 -2.20 4.79 40.21
CA VAL B 155 -1.34 5.71 39.48
C VAL B 155 0.05 5.12 39.33
N ALA B 156 0.54 4.43 40.36
CA ALA B 156 1.84 3.75 40.24
C ALA B 156 1.76 2.61 39.23
N ASP B 157 0.71 1.79 39.30
CA ASP B 157 0.54 0.71 38.34
C ASP B 157 0.37 1.25 36.93
N VAL B 158 -0.38 2.33 36.77
CA VAL B 158 -0.57 2.93 35.45
C VAL B 158 0.77 3.38 34.88
N ASN B 159 1.61 3.99 35.70
CA ASN B 159 2.90 4.48 35.21
C ASN B 159 3.83 3.33 34.84
N VAL B 160 3.72 2.19 35.53
CA VAL B 160 4.51 1.02 35.15
C VAL B 160 4.12 0.56 33.74
N LEU B 161 2.82 0.39 33.50
CA LEU B 161 2.37 -0.02 32.17
C LEU B 161 2.67 1.06 31.15
N MET B 162 2.50 2.33 31.51
CA MET B 162 2.72 3.41 30.56
C MET B 162 4.16 3.43 30.09
N ALA B 163 5.10 3.13 30.98
CA ALA B 163 6.51 3.09 30.60
C ALA B 163 6.81 1.87 29.73
N LEU B 164 6.15 0.75 30.00
CA LEU B 164 6.42 -0.47 29.23
C LEU B 164 6.02 -0.30 27.78
N ILE B 165 4.91 0.39 27.51
CA ILE B 165 4.38 0.50 26.15
C ILE B 165 5.19 1.45 25.29
N ILE B 166 6.24 2.06 25.84
CA ILE B 166 7.12 2.94 25.08
C ILE B 166 8.54 2.39 24.99
N ASN B 167 8.88 1.35 25.75
CA ASN B 167 10.20 0.73 25.68
C ASN B 167 10.32 0.00 24.35
N GLY B 168 10.99 0.64 23.38
CA GLY B 168 11.14 0.06 22.07
C GLY B 168 11.72 -1.33 22.03
N PRO B 169 12.74 -1.63 22.85
CA PRO B 169 13.25 -3.01 22.88
C PRO B 169 12.18 -4.04 23.19
N ILE B 170 11.25 -3.73 24.09
CA ILE B 170 10.14 -4.65 24.34
C ILE B 170 9.04 -4.45 23.31
N LYS B 171 8.95 -3.26 22.72
CA LYS B 171 8.01 -3.06 21.62
C LYS B 171 8.34 -3.95 20.43
N SER B 172 9.64 -4.18 20.19
CA SER B 172 10.03 -5.07 19.10
C SER B 172 9.65 -6.51 19.38
N PHE B 173 9.87 -6.97 20.62
CA PHE B 173 9.57 -8.36 20.96
C PHE B 173 8.09 -8.66 20.73
N CYS B 174 7.21 -7.75 21.19
CA CYS B 174 5.78 -7.95 20.98
C CYS B 174 5.45 -7.95 19.49
N TYR B 175 6.07 -7.05 18.72
CA TYR B 175 5.81 -7.00 17.29
C TYR B 175 6.20 -8.30 16.61
N ARG B 176 7.38 -8.84 16.95
CA ARG B 176 7.83 -10.08 16.34
C ARG B 176 6.93 -11.24 16.73
N ARG B 177 6.58 -11.35 18.01
CA ARG B 177 5.73 -12.45 18.46
C ARG B 177 4.33 -12.32 17.85
N LEU B 178 3.82 -11.11 17.72
CA LEU B 178 2.52 -10.92 17.06
C LEU B 178 2.58 -11.39 15.61
N GLN B 179 3.67 -11.07 14.91
CA GLN B 179 3.81 -11.52 13.53
C GLN B 179 4.00 -13.03 13.46
N TYR B 180 4.66 -13.62 14.45
CA TYR B 180 4.78 -15.07 14.51
C TYR B 180 3.42 -15.73 14.62
N LEU B 181 2.53 -15.17 15.44
CA LEU B 181 1.20 -15.74 15.60
C LEU B 181 0.43 -15.69 14.29
N SER B 182 0.53 -14.57 13.56
CA SER B 182 -0.15 -14.47 12.27
C SER B 182 0.39 -15.47 11.28
N SER B 183 1.71 -15.70 11.30
CA SER B 183 2.31 -16.66 10.37
C SER B 183 1.87 -18.09 10.70
N LYS B 184 1.91 -18.46 11.99
CA LYS B 184 1.53 -19.82 12.36
C LYS B 184 0.09 -20.11 11.99
N PHE B 185 -0.79 -19.10 12.07
CA PHE B 185 -2.17 -19.28 11.66
C PHE B 185 -2.27 -19.54 10.15
N GLN B 186 -1.41 -18.88 9.36
CA GLN B 186 -1.40 -19.12 7.93
C GLN B 186 -1.04 -20.57 7.61
N MET B 187 -0.02 -21.11 8.29
CA MET B 187 0.32 -22.52 8.08
C MET B 187 -0.81 -23.42 8.52
N HIS B 188 -1.47 -23.10 9.64
CA HIS B 188 -2.57 -23.92 10.12
C HIS B 188 -3.69 -23.99 9.07
N VAL B 189 -4.01 -22.85 8.45
CA VAL B 189 -5.06 -22.85 7.43
C VAL B 189 -4.53 -23.33 6.09
N LEU B 190 -3.22 -23.29 5.87
CA LEU B 190 -2.63 -23.86 4.66
C LEU B 190 -2.46 -25.37 4.76
N LEU B 191 -2.77 -25.97 5.91
CA LEU B 191 -2.56 -27.39 6.13
C LEU B 191 -3.83 -28.06 6.62
N ASN B 192 -4.35 -27.60 7.76
CA ASN B 192 -5.50 -28.22 8.41
C ASN B 192 -6.83 -27.57 8.03
N GLU B 193 -6.84 -26.71 7.02
CA GLU B 193 -8.10 -26.09 6.59
C GLU B 193 -9.07 -27.15 6.06
N MET B 194 -8.61 -27.99 5.12
CA MET B 194 -9.49 -29.04 4.60
C MET B 194 -9.87 -30.02 5.70
N LYS B 195 -8.91 -30.36 6.58
CA LYS B 195 -9.22 -31.26 7.68
C LYS B 195 -10.26 -30.66 8.62
N GLU B 196 -10.24 -29.35 8.80
CA GLU B 196 -11.23 -28.69 9.64
C GLU B 196 -12.59 -28.67 8.95
N LEU B 197 -12.63 -28.34 7.66
CA LEU B 197 -13.89 -28.34 6.92
C LEU B 197 -14.56 -29.70 6.99
N ALA B 198 -13.78 -30.78 7.02
CA ALA B 198 -14.36 -32.11 7.08
C ALA B 198 -15.12 -32.33 8.38
N ALA B 199 -14.54 -31.90 9.51
CA ALA B 199 -15.17 -32.14 10.81
C ALA B 199 -16.50 -31.42 10.93
N GLN B 200 -16.64 -30.27 10.26
CA GLN B 200 -17.90 -29.54 10.31
C GLN B 200 -18.98 -30.22 9.48
N LYS B 201 -18.59 -30.86 8.37
CA LYS B 201 -19.56 -31.54 7.54
C LYS B 201 -20.09 -32.81 8.21
N LYS B 202 -19.29 -33.44 9.07
CA LYS B 202 -19.76 -34.60 9.81
C LYS B 202 -20.85 -34.24 10.82
N VAL B 203 -21.05 -32.95 11.09
CA VAL B 203 -22.18 -32.49 11.89
C VAL B 203 -23.04 -31.61 11.00
N PRO B 204 -23.71 -32.18 9.99
CA PRO B 204 -24.48 -31.33 9.05
C PRO B 204 -25.59 -30.55 9.72
N HIS B 205 -26.09 -31.00 10.88
CA HIS B 205 -27.10 -30.23 11.59
C HIS B 205 -26.56 -28.86 11.99
N ARG B 206 -25.31 -28.81 12.44
CA ARG B 206 -24.71 -27.56 12.88
C ARG B 206 -24.19 -26.77 11.68
N ASP B 207 -24.78 -25.61 11.45
CA ASP B 207 -24.31 -24.65 10.46
C ASP B 207 -24.33 -23.27 11.09
N PHE B 208 -23.77 -22.29 10.37
CA PHE B 208 -23.72 -20.93 10.90
C PHE B 208 -25.11 -20.39 11.23
N TYR B 209 -26.15 -20.94 10.62
CA TYR B 209 -27.52 -20.52 10.89
C TYR B 209 -28.13 -21.23 12.09
N ASN B 210 -27.46 -22.25 12.64
CA ASN B 210 -27.95 -22.98 13.80
C ASN B 210 -27.04 -22.85 15.01
N ILE B 211 -26.02 -22.00 14.96
CA ILE B 211 -25.13 -21.78 16.08
C ILE B 211 -25.52 -20.48 16.76
N ARG B 212 -25.12 -20.35 18.02
CA ARG B 212 -25.51 -19.19 18.82
C ARG B 212 -24.59 -18.01 18.53
N LYS B 213 -25.19 -16.86 18.25
CA LYS B 213 -24.47 -15.64 17.93
C LYS B 213 -25.03 -14.51 18.77
N VAL B 214 -24.14 -13.76 19.42
CA VAL B 214 -24.52 -12.70 20.36
C VAL B 214 -23.99 -11.38 19.83
N ASP B 215 -24.84 -10.36 19.81
CA ASP B 215 -24.43 -9.01 19.47
C ASP B 215 -23.84 -8.39 20.73
N THR B 216 -22.51 -8.33 20.79
CA THR B 216 -21.82 -7.93 22.01
C THR B 216 -21.68 -6.42 22.15
N HIS B 217 -22.16 -5.65 21.19
CA HIS B 217 -22.05 -4.19 21.27
C HIS B 217 -23.11 -3.53 20.41
N ILE B 218 -24.32 -3.41 20.95
CA ILE B 218 -25.45 -2.81 20.26
C ILE B 218 -26.16 -1.86 21.22
N HIS B 219 -26.53 -0.69 20.72
CA HIS B 219 -27.15 0.35 21.53
C HIS B 219 -28.66 0.36 21.31
N ALA B 220 -29.41 0.29 22.41
CA ALA B 220 -30.88 0.24 22.31
C ALA B 220 -31.41 1.52 21.67
N SER B 221 -30.83 2.66 21.99
CA SER B 221 -31.25 3.92 21.38
C SER B 221 -31.25 3.81 19.87
N SER B 222 -30.24 3.14 19.31
CA SER B 222 -30.14 2.97 17.86
C SER B 222 -31.13 1.94 17.32
N CYS B 223 -31.59 1.01 18.16
CA CYS B 223 -32.57 0.03 17.70
C CYS B 223 -33.87 0.68 17.23
N MET B 224 -34.15 1.92 17.67
CA MET B 224 -35.34 2.64 17.24
C MET B 224 -35.48 2.61 15.72
N PRO B 295 -32.93 17.36 14.33
CA PRO B 295 -34.17 17.63 15.06
C PRO B 295 -34.16 17.08 16.48
N ILE B 296 -34.24 15.76 16.61
CA ILE B 296 -34.23 15.07 17.90
C ILE B 296 -32.96 14.24 17.95
N GLY B 297 -31.93 14.76 18.62
CA GLY B 297 -30.68 14.06 18.80
C GLY B 297 -30.64 13.30 20.11
N GLU B 298 -29.44 12.83 20.46
CA GLU B 298 -29.27 12.13 21.72
C GLU B 298 -29.53 13.05 22.91
N SER B 299 -29.26 14.35 22.76
CA SER B 299 -29.54 15.29 23.84
C SER B 299 -31.04 15.51 24.01
N VAL B 300 -31.77 15.66 22.91
CA VAL B 300 -33.22 15.82 23.00
C VAL B 300 -33.85 14.61 23.66
N LEU B 301 -33.26 13.43 23.49
CA LEU B 301 -33.73 12.24 24.18
C LEU B 301 -33.29 12.22 25.64
N ARG B 302 -32.12 12.78 25.94
CA ARG B 302 -31.69 12.85 27.34
C ARG B 302 -32.65 13.67 28.18
N GLU B 303 -33.06 14.83 27.67
CA GLU B 303 -34.00 15.66 28.41
C GLU B 303 -35.35 14.98 28.57
N ILE B 304 -35.84 14.33 27.51
CA ILE B 304 -37.12 13.63 27.57
C ILE B 304 -37.12 12.57 28.66
N PHE B 305 -35.95 12.08 29.05
CA PHE B 305 -35.85 11.04 30.08
C PHE B 305 -35.63 11.66 31.46
N ILE B 306 -34.55 12.43 31.63
CA ILE B 306 -34.20 12.95 32.94
C ILE B 306 -35.09 14.11 33.37
N LYS B 307 -35.71 14.81 32.42
CA LYS B 307 -36.56 15.95 32.73
C LYS B 307 -38.04 15.60 32.76
N THR B 308 -38.47 14.62 31.96
CA THR B 308 -39.86 14.19 31.92
C THR B 308 -39.92 12.71 32.28
N ASP B 309 -40.74 12.38 33.28
CA ASP B 309 -40.86 11.02 33.78
C ASP B 309 -42.08 10.29 33.24
N ASN B 310 -43.16 11.01 32.92
CA ASN B 310 -44.42 10.41 32.52
C ASN B 310 -44.78 10.92 31.13
N ARG B 311 -44.54 10.09 30.12
CA ARG B 311 -44.96 10.39 28.76
C ARG B 311 -45.03 9.06 28.01
N VAL B 312 -45.61 9.10 26.81
CA VAL B 312 -45.46 8.00 25.86
C VAL B 312 -44.05 7.86 25.34
N SER B 313 -43.16 8.81 25.66
CA SER B 313 -41.74 8.63 25.38
C SER B 313 -41.23 7.31 25.95
N GLY B 314 -41.63 6.99 27.18
CA GLY B 314 -41.21 5.73 27.78
C GLY B 314 -41.73 4.53 27.01
N LYS B 315 -42.99 4.59 26.55
CA LYS B 315 -43.61 3.40 25.99
C LYS B 315 -43.07 3.10 24.60
N TYR B 316 -42.94 4.12 23.75
CA TYR B 316 -42.49 3.87 22.38
C TYR B 316 -41.20 3.04 22.38
N PHE B 317 -40.23 3.47 23.17
CA PHE B 317 -38.97 2.72 23.28
C PHE B 317 -39.23 1.29 23.72
N ALA B 318 -40.19 1.10 24.63
CA ALA B 318 -40.52 -0.25 25.07
C ALA B 318 -41.07 -1.10 23.92
N HIS B 319 -41.97 -0.52 23.12
CA HIS B 319 -42.59 -1.31 22.05
C HIS B 319 -41.57 -1.64 20.95
N ILE B 320 -40.79 -0.66 20.52
CA ILE B 320 -39.83 -0.90 19.45
C ILE B 320 -38.80 -1.94 19.88
N ILE B 321 -38.31 -1.83 21.11
CA ILE B 321 -37.38 -2.83 21.62
C ILE B 321 -38.05 -4.20 21.67
N LYS B 322 -39.33 -4.25 22.03
CA LYS B 322 -40.04 -5.52 22.08
C LYS B 322 -40.07 -6.18 20.71
N GLU B 323 -40.39 -5.41 19.66
CA GLU B 323 -40.41 -5.97 18.32
C GLU B 323 -39.03 -6.46 17.90
N VAL B 324 -37.99 -5.74 18.29
CA VAL B 324 -36.62 -6.25 18.11
C VAL B 324 -36.45 -7.53 18.92
N MET B 325 -36.94 -7.55 20.16
CA MET B 325 -36.87 -8.76 20.97
C MET B 325 -37.65 -9.90 20.33
N SER B 326 -38.84 -9.62 19.82
CA SER B 326 -39.65 -10.67 19.21
C SER B 326 -38.95 -11.28 18.00
N ASP B 327 -38.37 -10.44 17.14
CA ASP B 327 -37.67 -10.96 15.97
C ASP B 327 -36.45 -11.76 16.37
N LEU B 328 -35.71 -11.29 17.40
CA LEU B 328 -34.58 -12.06 17.90
C LEU B 328 -35.02 -13.42 18.42
N GLU B 329 -36.14 -13.46 19.15
CA GLU B 329 -36.65 -14.73 19.65
C GLU B 329 -37.06 -15.63 18.49
N GLU B 330 -37.70 -15.07 17.47
CA GLU B 330 -38.02 -15.86 16.28
C GLU B 330 -36.75 -16.37 15.61
N SER B 331 -35.72 -15.53 15.55
CA SER B 331 -34.43 -15.98 15.04
C SER B 331 -33.87 -17.10 15.91
N LYS B 332 -34.09 -17.03 17.22
CA LYS B 332 -33.65 -18.05 18.16
C LYS B 332 -32.15 -18.01 18.35
N TYR B 333 -31.39 -18.22 17.28
CA TYR B 333 -29.94 -18.36 17.37
C TYR B 333 -29.22 -17.01 17.40
N GLN B 334 -29.94 -15.91 17.28
CA GLN B 334 -29.35 -14.57 17.33
C GLN B 334 -29.81 -13.88 18.61
N ASN B 335 -28.86 -13.28 19.33
CA ASN B 335 -29.12 -12.64 20.61
C ASN B 335 -28.43 -11.29 20.63
N ALA B 336 -28.81 -10.46 21.60
CA ALA B 336 -28.33 -9.09 21.68
C ALA B 336 -27.94 -8.75 23.11
N GLU B 337 -27.10 -7.72 23.24
CA GLU B 337 -26.70 -7.15 24.53
C GLU B 337 -26.90 -5.64 24.42
N LEU B 338 -28.13 -5.19 24.66
CA LEU B 338 -28.49 -3.81 24.42
C LEU B 338 -27.85 -2.88 25.46
N ARG B 339 -27.71 -1.62 25.09
CA ARG B 339 -27.13 -0.58 25.94
C ARG B 339 -28.19 0.43 26.32
N LEU B 340 -28.32 0.68 27.62
CA LEU B 340 -29.24 1.68 28.15
C LEU B 340 -28.44 2.76 28.88
N SER B 341 -28.95 3.99 28.82
CA SER B 341 -28.22 5.16 29.28
C SER B 341 -28.70 5.59 30.67
N ILE B 342 -27.76 5.70 31.60
CA ILE B 342 -27.99 6.35 32.88
C ILE B 342 -27.02 7.53 32.92
N TYR B 343 -27.53 8.74 32.72
CA TYR B 343 -26.68 9.90 32.48
C TYR B 343 -26.05 10.42 33.77
N GLY B 344 -26.72 10.23 34.91
CA GLY B 344 -26.19 10.69 36.18
C GLY B 344 -26.55 12.11 36.55
N ARG B 345 -27.30 12.82 35.70
CA ARG B 345 -27.71 14.19 36.03
C ARG B 345 -28.65 14.20 37.23
N SER B 346 -29.56 13.23 37.31
CA SER B 346 -30.52 13.13 38.40
C SER B 346 -30.40 11.78 39.07
N ARG B 347 -30.72 11.75 40.37
CA ARG B 347 -30.65 10.52 41.15
C ARG B 347 -31.84 9.61 40.93
N ASP B 348 -32.87 10.06 40.22
CA ASP B 348 -34.04 9.25 39.94
C ASP B 348 -33.93 8.46 38.64
N GLU B 349 -32.86 8.63 37.88
CA GLU B 349 -32.76 7.98 36.57
C GLU B 349 -32.78 6.46 36.71
N TRP B 350 -32.04 5.92 37.68
CA TRP B 350 -31.98 4.48 37.83
C TRP B 350 -33.36 3.89 38.08
N ASP B 351 -34.08 4.46 39.06
CA ASP B 351 -35.39 3.92 39.41
C ASP B 351 -36.37 4.06 38.25
N LYS B 352 -36.35 5.20 37.56
CA LYS B 352 -37.25 5.40 36.43
C LYS B 352 -36.98 4.37 35.33
N LEU B 353 -35.70 4.08 35.07
CA LEU B 353 -35.37 3.10 34.03
C LEU B 353 -35.88 1.71 34.40
N ALA B 354 -35.68 1.31 35.67
CA ALA B 354 -36.17 0.00 36.09
C ALA B 354 -37.68 -0.10 35.97
N ARG B 355 -38.39 0.96 36.35
CA ARG B 355 -39.84 0.97 36.19
C ARG B 355 -40.23 0.87 34.72
N TRP B 356 -39.51 1.56 33.84
CA TRP B 356 -39.80 1.48 32.41
C TRP B 356 -39.72 0.05 31.91
N ALA B 357 -38.90 -0.79 32.54
CA ALA B 357 -38.83 -2.20 32.19
C ALA B 357 -39.90 -3.02 32.91
N VAL B 358 -40.11 -2.76 34.20
CA VAL B 358 -41.13 -3.47 34.94
C VAL B 358 -42.52 -3.07 34.49
N MET B 359 -42.75 -1.76 34.30
CA MET B 359 -44.08 -1.29 33.94
C MET B 359 -44.47 -1.76 32.54
N HIS B 360 -43.56 -1.62 31.57
CA HIS B 360 -43.83 -2.02 30.19
C HIS B 360 -43.37 -3.44 29.89
N ARG B 361 -42.77 -4.14 30.85
CA ARG B 361 -42.36 -5.52 30.66
C ARG B 361 -41.42 -5.66 29.47
N VAL B 362 -40.37 -4.83 29.45
CA VAL B 362 -39.39 -4.84 28.38
C VAL B 362 -38.27 -5.81 28.73
N HIS B 363 -38.58 -7.10 28.72
CA HIS B 363 -37.60 -8.14 28.98
C HIS B 363 -37.74 -9.26 27.96
N SER B 364 -36.61 -9.79 27.51
CA SER B 364 -36.57 -10.92 26.60
C SER B 364 -35.48 -11.88 27.05
N PRO B 365 -35.68 -13.18 26.85
CA PRO B 365 -34.63 -14.15 27.21
C PRO B 365 -33.38 -14.03 26.34
N ASN B 366 -33.49 -13.38 25.18
CA ASN B 366 -32.39 -13.27 24.24
C ASN B 366 -31.63 -11.95 24.36
N VAL B 367 -31.95 -11.13 25.36
CA VAL B 367 -31.34 -9.81 25.50
C VAL B 367 -30.85 -9.65 26.93
N ARG B 368 -29.63 -9.15 27.08
CA ARG B 368 -29.06 -8.77 28.36
C ARG B 368 -28.80 -7.27 28.36
N TRP B 369 -28.94 -6.64 29.53
CA TRP B 369 -28.83 -5.20 29.66
C TRP B 369 -27.43 -4.83 30.17
N LEU B 370 -26.81 -3.85 29.51
CA LEU B 370 -25.60 -3.21 30.01
C LEU B 370 -25.83 -1.70 29.95
N VAL B 371 -25.51 -1.01 31.04
CA VAL B 371 -25.84 0.41 31.19
C VAL B 371 -24.64 1.24 30.78
N GLN B 372 -24.88 2.30 30.01
CA GLN B 372 -23.83 3.20 29.55
C GLN B 372 -23.95 4.53 30.29
N VAL B 373 -22.81 5.02 30.78
CA VAL B 373 -22.75 6.32 31.45
C VAL B 373 -22.06 7.30 30.52
N PRO B 374 -22.80 8.07 29.71
CA PRO B 374 -22.14 9.02 28.81
C PRO B 374 -21.25 9.99 29.57
N ARG B 375 -20.04 10.20 29.05
CA ARG B 375 -19.04 11.06 29.69
C ARG B 375 -19.31 12.49 29.25
N LEU B 376 -20.22 13.16 29.96
CA LEU B 376 -20.65 14.51 29.61
C LEU B 376 -20.80 15.37 30.85
N PHE B 377 -19.84 15.29 31.77
CA PHE B 377 -19.87 16.16 32.95
C PHE B 377 -19.67 17.62 32.56
N ASP B 378 -18.90 17.89 31.51
CA ASP B 378 -18.71 19.26 31.07
C ASP B 378 -20.03 19.90 30.67
N VAL B 379 -20.86 19.17 29.92
CA VAL B 379 -22.16 19.70 29.51
C VAL B 379 -23.03 19.98 30.74
N TYR B 380 -23.00 19.06 31.71
CA TYR B 380 -23.87 19.20 32.88
C TYR B 380 -23.43 20.37 33.76
N ARG B 381 -22.12 20.57 33.90
CA ARG B 381 -21.63 21.68 34.72
C ARG B 381 -21.86 23.02 34.02
N THR B 382 -21.62 23.07 32.70
CA THR B 382 -21.86 24.31 31.96
C THR B 382 -23.30 24.76 32.10
N LYS B 383 -24.23 23.81 32.26
CA LYS B 383 -25.64 24.13 32.45
C LYS B 383 -25.99 24.39 33.91
N GLY B 384 -25.09 24.08 34.84
CA GLY B 384 -25.40 24.13 36.25
C GLY B 384 -26.22 22.96 36.75
N GLN B 385 -26.49 21.97 35.90
CA GLN B 385 -27.31 20.83 36.29
C GLN B 385 -26.63 19.98 37.36
N LEU B 386 -25.32 20.08 37.50
CA LEU B 386 -24.58 19.40 38.55
C LEU B 386 -23.59 20.36 39.17
N ALA B 387 -23.24 20.11 40.43
CA ALA B 387 -22.31 20.95 41.17
C ALA B 387 -20.90 20.37 41.19
N ASN B 388 -20.75 19.12 41.63
CA ASN B 388 -19.47 18.43 41.67
C ASN B 388 -19.60 17.10 40.96
N PHE B 389 -18.49 16.63 40.40
CA PHE B 389 -18.50 15.36 39.69
C PHE B 389 -18.94 14.22 40.60
N GLN B 390 -18.71 14.35 41.92
CA GLN B 390 -19.21 13.35 42.84
C GLN B 390 -20.72 13.20 42.75
N GLU B 391 -21.42 14.29 42.42
CA GLU B 391 -22.87 14.22 42.26
C GLU B 391 -23.25 13.23 41.16
N MET B 392 -22.48 13.20 40.07
CA MET B 392 -22.73 12.23 39.02
C MET B 392 -22.48 10.81 39.51
N LEU B 393 -21.34 10.58 40.17
CA LEU B 393 -21.08 9.26 40.73
C LEU B 393 -22.14 8.87 41.74
N GLU B 394 -22.67 9.85 42.49
CA GLU B 394 -23.70 9.54 43.48
C GLU B 394 -25.02 9.18 42.81
N ASN B 395 -25.42 9.93 41.78
CA ASN B 395 -26.66 9.65 41.09
C ASN B 395 -26.64 8.34 40.32
N ILE B 396 -25.46 7.73 40.15
CA ILE B 396 -25.33 6.50 39.39
C ILE B 396 -25.07 5.29 40.29
N PHE B 397 -24.38 5.46 41.42
CA PHE B 397 -24.01 4.35 42.27
C PHE B 397 -24.77 4.27 43.59
N LEU B 398 -25.12 5.41 44.19
CA LEU B 398 -25.84 5.36 45.46
C LEU B 398 -27.17 4.63 45.35
N PRO B 399 -28.00 4.86 44.32
CA PRO B 399 -29.23 4.05 44.22
C PRO B 399 -28.96 2.57 44.13
N LEU B 400 -27.82 2.16 43.56
CA LEU B 400 -27.51 0.75 43.44
C LEU B 400 -27.12 0.16 44.79
N PHE B 401 -26.34 0.89 45.58
CA PHE B 401 -26.01 0.42 46.92
C PHE B 401 -27.26 0.34 47.80
N GLU B 402 -28.12 1.35 47.69
CA GLU B 402 -29.35 1.33 48.49
C GLU B 402 -30.21 0.13 48.13
N ALA B 403 -30.29 -0.20 46.83
CA ALA B 403 -31.05 -1.38 46.42
C ALA B 403 -30.47 -2.64 47.04
N THR B 404 -29.14 -2.76 47.05
CA THR B 404 -28.51 -3.93 47.64
C THR B 404 -28.76 -3.99 49.15
N VAL B 405 -28.53 -2.88 49.84
CA VAL B 405 -28.71 -2.85 51.29
C VAL B 405 -30.16 -3.11 51.65
N HIS B 406 -31.09 -2.45 50.96
CA HIS B 406 -32.52 -2.60 51.22
C HIS B 406 -33.25 -2.69 49.89
N PRO B 407 -33.51 -3.91 49.40
CA PRO B 407 -34.19 -4.03 48.11
C PRO B 407 -35.57 -3.42 48.09
N ALA B 408 -36.28 -3.41 49.22
CA ALA B 408 -37.65 -2.89 49.23
C ALA B 408 -37.68 -1.40 48.94
N SER B 409 -36.61 -0.67 49.26
CA SER B 409 -36.57 0.76 48.97
C SER B 409 -36.56 1.02 47.47
N HIS B 410 -36.00 0.11 46.68
CA HIS B 410 -36.00 0.19 45.21
C HIS B 410 -36.43 -1.16 44.66
N PRO B 411 -37.72 -1.50 44.79
CA PRO B 411 -38.16 -2.84 44.35
C PRO B 411 -37.96 -3.09 42.87
N GLU B 412 -38.38 -2.15 42.02
CA GLU B 412 -38.25 -2.36 40.58
C GLU B 412 -36.79 -2.49 40.17
N LEU B 413 -35.92 -1.64 40.74
CA LEU B 413 -34.50 -1.75 40.45
C LEU B 413 -33.93 -3.08 40.89
N HIS B 414 -34.49 -3.66 41.97
CA HIS B 414 -34.03 -4.99 42.41
C HIS B 414 -34.27 -6.03 41.33
N LEU B 415 -35.44 -5.99 40.68
CA LEU B 415 -35.71 -6.93 39.61
C LEU B 415 -34.92 -6.56 38.35
N PHE B 416 -34.83 -5.27 38.04
CA PHE B 416 -34.15 -4.85 36.83
C PHE B 416 -32.67 -5.20 36.87
N LEU B 417 -32.03 -5.01 38.03
CA LEU B 417 -30.61 -5.31 38.15
C LEU B 417 -30.31 -6.80 38.00
N GLU B 418 -31.32 -7.66 38.08
CA GLU B 418 -31.12 -9.08 37.79
C GLU B 418 -30.82 -9.31 36.32
N HIS B 419 -31.17 -8.36 35.45
CA HIS B 419 -30.90 -8.48 34.02
C HIS B 419 -29.93 -7.41 33.53
N VAL B 420 -29.32 -6.65 34.43
CA VAL B 420 -28.27 -5.69 34.09
C VAL B 420 -26.94 -6.31 34.50
N ASP B 421 -26.09 -6.61 33.52
CA ASP B 421 -24.85 -7.32 33.78
C ASP B 421 -23.69 -6.41 34.16
N GLY B 422 -23.72 -5.13 33.78
CA GLY B 422 -22.58 -4.29 34.01
C GLY B 422 -22.79 -2.89 33.47
N PHE B 423 -21.69 -2.15 33.36
CA PHE B 423 -21.71 -0.74 32.98
C PHE B 423 -20.84 -0.52 31.74
N ASP B 424 -21.00 0.66 31.15
CA ASP B 424 -20.26 1.03 29.95
C ASP B 424 -20.02 2.53 29.97
N SER B 425 -18.98 2.96 29.25
CA SER B 425 -18.65 4.37 29.10
C SER B 425 -18.70 4.74 27.63
N VAL B 426 -19.33 5.87 27.32
CA VAL B 426 -19.56 6.27 25.94
C VAL B 426 -19.31 7.78 25.81
N ASP B 427 -18.69 8.16 24.70
CA ASP B 427 -18.42 9.56 24.35
C ASP B 427 -17.65 9.53 23.04
N ASP B 428 -17.49 10.70 22.43
CA ASP B 428 -16.67 10.82 21.24
C ASP B 428 -15.21 10.62 21.64
N GLU B 429 -14.69 9.42 21.40
CA GLU B 429 -13.34 9.08 21.85
C GLU B 429 -12.26 9.82 21.10
N SER B 430 -12.59 10.51 20.00
CA SER B 430 -11.62 11.32 19.29
C SER B 430 -11.33 12.65 19.99
N LYS B 431 -12.14 13.03 20.97
CA LYS B 431 -11.94 14.31 21.64
C LYS B 431 -10.64 14.28 22.44
N PRO B 432 -9.79 15.31 22.32
CA PRO B 432 -8.49 15.26 22.99
C PRO B 432 -8.64 15.38 24.51
N GLU B 433 -7.56 15.00 25.19
CA GLU B 433 -7.49 15.08 26.65
C GLU B 433 -6.44 16.11 27.05
N ASN B 434 -6.84 17.07 27.88
CA ASN B 434 -5.97 18.14 28.33
C ASN B 434 -5.53 17.98 29.78
N HIS B 435 -5.69 16.78 30.35
CA HIS B 435 -5.43 16.57 31.76
C HIS B 435 -5.07 15.11 31.98
N VAL B 436 -4.30 14.86 33.03
CA VAL B 436 -3.86 13.51 33.38
C VAL B 436 -4.46 13.12 34.73
N PHE B 437 -4.78 11.84 34.87
CA PHE B 437 -5.38 11.32 36.10
C PHE B 437 -4.28 10.83 37.05
N ASN B 438 -3.60 11.81 37.65
CA ASN B 438 -2.54 11.56 38.61
C ASN B 438 -3.03 11.93 40.01
N LEU B 439 -2.16 11.71 41.01
CA LEU B 439 -2.50 12.05 42.38
C LEU B 439 -2.70 13.55 42.55
N GLU B 440 -2.03 14.35 41.72
CA GLU B 440 -2.22 15.79 41.74
C GLU B 440 -3.59 16.20 41.24
N SER B 441 -4.33 15.29 40.61
CA SER B 441 -5.63 15.63 40.06
C SER B 441 -6.64 15.86 41.19
N PRO B 442 -7.63 16.73 40.98
CA PRO B 442 -8.68 16.90 41.99
C PRO B 442 -9.44 15.60 42.23
N LEU B 443 -10.30 15.63 43.23
CA LEU B 443 -11.23 14.55 43.52
C LEU B 443 -12.62 14.91 43.05
N PRO B 444 -13.54 13.94 43.01
CA PRO B 444 -14.87 14.24 42.47
C PRO B 444 -15.55 15.41 43.15
N GLU B 445 -15.36 15.56 44.46
CA GLU B 445 -15.94 16.71 45.16
C GLU B 445 -15.31 18.01 44.67
N ALA B 446 -14.00 18.00 44.42
CA ALA B 446 -13.30 19.21 44.00
C ALA B 446 -13.51 19.54 42.53
N TRP B 447 -13.93 18.57 41.71
CA TRP B 447 -14.04 18.77 40.26
C TRP B 447 -15.35 19.49 39.96
N VAL B 448 -15.35 20.80 40.20
CA VAL B 448 -16.49 21.65 39.88
C VAL B 448 -16.27 22.48 38.63
N GLU B 449 -15.11 22.37 37.99
CA GLU B 449 -14.85 23.12 36.77
C GLU B 449 -15.65 22.55 35.61
N GLU B 450 -15.92 23.39 34.62
CA GLU B 450 -16.71 23.00 33.45
C GLU B 450 -15.88 22.29 32.39
N ASP B 451 -14.93 21.45 32.79
CA ASP B 451 -14.11 20.66 31.88
C ASP B 451 -14.38 19.19 32.14
N ASN B 452 -14.57 18.42 31.07
CA ASN B 452 -14.89 17.01 31.22
C ASN B 452 -13.70 16.28 31.84
N PRO B 453 -13.92 15.44 32.86
CA PRO B 453 -12.80 14.71 33.42
C PRO B 453 -12.21 13.76 32.41
N PRO B 454 -10.93 13.40 32.55
CA PRO B 454 -10.30 12.50 31.57
C PRO B 454 -10.99 11.14 31.49
N TYR B 455 -10.53 10.30 30.56
CA TYR B 455 -11.14 8.99 30.36
C TYR B 455 -10.89 8.09 31.56
N ALA B 456 -9.63 8.02 32.03
CA ALA B 456 -9.32 7.18 33.17
C ALA B 456 -10.05 7.65 34.43
N TYR B 457 -10.34 8.94 34.52
CA TYR B 457 -11.07 9.46 35.67
C TYR B 457 -12.45 8.81 35.75
N TYR B 458 -13.16 8.74 34.63
CA TYR B 458 -14.45 8.06 34.61
C TYR B 458 -14.30 6.58 34.92
N LEU B 459 -13.28 5.94 34.35
CA LEU B 459 -13.14 4.49 34.49
C LEU B 459 -12.71 4.09 35.90
N TYR B 460 -11.80 4.84 36.50
CA TYR B 460 -11.30 4.48 37.82
C TYR B 460 -12.41 4.51 38.87
N TYR B 461 -13.18 5.60 38.90
CA TYR B 461 -14.23 5.73 39.91
C TYR B 461 -15.43 4.85 39.60
N THR B 462 -15.74 4.65 38.32
CA THR B 462 -16.71 3.62 37.96
C THR B 462 -16.22 2.24 38.37
N PHE B 463 -14.93 1.98 38.14
CA PHE B 463 -14.33 0.73 38.62
C PHE B 463 -14.34 0.66 40.14
N ALA B 464 -13.93 1.74 40.80
CA ALA B 464 -13.84 1.72 42.26
C ALA B 464 -15.19 1.52 42.90
N ASN B 465 -16.22 2.23 42.43
CA ASN B 465 -17.55 2.09 43.02
C ASN B 465 -18.19 0.76 42.64
N MET B 466 -17.95 0.30 41.41
CA MET B 466 -18.50 -0.99 40.99
C MET B 466 -17.97 -2.13 41.86
N ALA B 467 -16.68 -2.09 42.19
CA ALA B 467 -16.09 -3.18 42.97
C ALA B 467 -16.74 -3.29 44.34
N MET B 468 -16.98 -2.17 45.01
CA MET B 468 -17.61 -2.20 46.33
C MET B 468 -19.04 -2.75 46.24
N LEU B 469 -19.80 -2.27 45.25
CA LEU B 469 -21.14 -2.79 45.05
C LEU B 469 -21.11 -4.28 44.71
N ASN B 470 -20.15 -4.71 43.89
CA ASN B 470 -20.00 -6.13 43.60
C ASN B 470 -19.66 -6.92 44.86
N HIS B 471 -18.73 -6.42 45.67
CA HIS B 471 -18.40 -7.08 46.92
C HIS B 471 -19.60 -7.13 47.85
N LEU B 472 -20.32 -6.01 47.96
CA LEU B 472 -21.49 -5.97 48.82
C LEU B 472 -22.60 -6.87 48.29
N ARG B 473 -22.84 -6.82 46.97
CA ARG B 473 -23.90 -7.63 46.39
C ARG B 473 -23.58 -9.12 46.47
N ARG B 474 -22.31 -9.49 46.34
CA ARG B 474 -21.96 -10.91 46.46
C ARG B 474 -22.30 -11.44 47.84
N GLN B 475 -22.08 -10.63 48.89
CA GLN B 475 -22.39 -11.08 50.24
C GLN B 475 -23.87 -11.39 50.38
N ARG B 476 -24.73 -10.56 49.77
CA ARG B 476 -26.16 -10.84 49.80
C ARG B 476 -26.49 -12.09 48.98
N GLY B 477 -25.76 -12.31 47.89
CA GLY B 477 -26.09 -13.34 46.94
C GLY B 477 -26.73 -12.86 45.66
N PHE B 478 -26.48 -11.62 45.26
CA PHE B 478 -27.08 -11.03 44.08
C PHE B 478 -26.10 -11.10 42.91
N HIS B 479 -26.44 -10.39 41.83
CA HIS B 479 -25.61 -10.39 40.62
C HIS B 479 -24.48 -9.37 40.76
N THR B 480 -23.26 -9.79 40.43
CA THR B 480 -22.10 -8.91 40.44
C THR B 480 -21.90 -8.32 39.05
N PHE B 481 -21.71 -7.00 39.00
CA PHE B 481 -21.63 -6.28 37.74
C PHE B 481 -20.21 -6.29 37.19
N VAL B 482 -20.10 -5.99 35.89
CA VAL B 482 -18.83 -5.98 35.18
C VAL B 482 -18.69 -4.64 34.45
N LEU B 483 -17.47 -4.33 34.05
CA LEU B 483 -17.14 -3.08 33.36
C LEU B 483 -16.71 -3.41 31.94
N ARG B 484 -17.43 -2.87 30.96
CA ARG B 484 -17.16 -3.11 29.54
C ARG B 484 -17.17 -1.77 28.81
N PRO B 485 -16.09 -1.01 28.91
CA PRO B 485 -16.07 0.34 28.32
C PRO B 485 -15.88 0.32 26.81
N HIS B 486 -16.26 1.43 26.18
CA HIS B 486 -15.88 1.69 24.79
C HIS B 486 -14.44 2.18 24.79
N CYS B 487 -13.56 1.46 24.11
CA CYS B 487 -12.13 1.74 24.19
C CYS B 487 -11.45 1.37 22.88
N GLY B 488 -10.63 2.29 22.36
CA GLY B 488 -9.78 2.03 21.22
C GLY B 488 -10.32 2.50 19.89
N GLU B 489 -11.55 3.00 19.85
CA GLU B 489 -12.12 3.44 18.58
C GLU B 489 -11.29 4.57 17.97
N ALA B 490 -10.94 5.56 18.80
CA ALA B 490 -10.10 6.67 18.36
C ALA B 490 -9.52 7.34 19.60
N GLY B 491 -8.66 8.32 19.36
CA GLY B 491 -8.11 9.11 20.44
C GLY B 491 -6.88 8.47 21.07
N PRO B 492 -6.56 8.89 22.29
CA PRO B 492 -5.34 8.38 22.93
C PRO B 492 -5.35 6.87 23.07
N ILE B 493 -4.18 6.26 22.92
CA ILE B 493 -4.05 4.83 23.16
C ILE B 493 -4.00 4.51 24.64
N HIS B 494 -3.76 5.51 25.51
CA HIS B 494 -3.71 5.24 26.93
C HIS B 494 -5.06 4.75 27.46
N HIS B 495 -6.14 4.98 26.72
CA HIS B 495 -7.43 4.40 27.11
C HIS B 495 -7.32 2.89 27.24
N LEU B 496 -6.62 2.25 26.30
CA LEU B 496 -6.48 0.79 26.35
C LEU B 496 -5.62 0.36 27.52
N VAL B 497 -4.70 1.21 27.98
CA VAL B 497 -3.96 0.92 29.20
C VAL B 497 -4.91 0.88 30.39
N SER B 498 -5.83 1.85 30.45
CA SER B 498 -6.79 1.88 31.55
C SER B 498 -7.69 0.65 31.52
N ALA B 499 -8.15 0.24 30.34
CA ALA B 499 -9.02 -0.92 30.24
C ALA B 499 -8.28 -2.21 30.56
N PHE B 500 -6.98 -2.28 30.26
CA PHE B 500 -6.21 -3.46 30.59
C PHE B 500 -6.23 -3.75 32.09
N MET B 501 -6.39 -2.70 32.91
CA MET B 501 -6.37 -2.85 34.36
C MET B 501 -7.77 -2.99 34.94
N LEU B 502 -8.74 -2.23 34.43
CA LEU B 502 -10.03 -2.08 35.08
C LEU B 502 -11.20 -2.67 34.30
N ALA B 503 -10.97 -3.18 33.09
CA ALA B 503 -12.04 -3.63 32.22
C ALA B 503 -11.95 -5.14 32.01
N GLU B 504 -13.12 -5.75 31.81
CA GLU B 504 -13.19 -7.17 31.46
C GLU B 504 -13.22 -7.38 29.96
N ASN B 505 -14.16 -6.73 29.27
CA ASN B 505 -14.22 -6.73 27.81
C ASN B 505 -14.24 -5.29 27.31
N ILE B 506 -13.53 -5.04 26.22
CA ILE B 506 -13.56 -3.75 25.56
C ILE B 506 -14.34 -3.87 24.26
N SER B 507 -14.63 -2.72 23.66
CA SER B 507 -15.33 -2.65 22.38
C SER B 507 -14.54 -1.79 21.41
N HIS B 508 -14.49 -2.23 20.15
CA HIS B 508 -13.70 -1.62 19.08
C HIS B 508 -12.24 -2.04 19.18
N GLY B 509 -11.52 -1.52 20.17
CA GLY B 509 -10.11 -1.83 20.32
C GLY B 509 -9.34 -1.65 19.03
N LEU B 510 -9.74 -0.68 18.22
CA LEU B 510 -9.12 -0.47 16.93
C LEU B 510 -7.71 0.09 17.03
N LEU B 511 -7.39 0.77 18.13
CA LEU B 511 -6.08 1.39 18.30
C LEU B 511 -5.04 0.45 18.87
N LEU B 512 -5.39 -0.81 19.14
CA LEU B 512 -4.39 -1.80 19.49
C LEU B 512 -3.48 -2.15 18.32
N ARG B 513 -3.85 -1.77 17.10
CA ARG B 513 -3.00 -2.03 15.95
C ARG B 513 -1.69 -1.24 16.02
N LYS B 514 -1.74 -0.03 16.58
CA LYS B 514 -0.56 0.82 16.68
C LYS B 514 0.22 0.61 17.97
N ALA B 515 -0.22 -0.32 18.83
CA ALA B 515 0.41 -0.55 20.13
C ALA B 515 0.78 -2.02 20.23
N PRO B 516 1.97 -2.40 19.76
CA PRO B 516 2.34 -3.82 19.82
C PRO B 516 2.29 -4.42 21.22
N VAL B 517 2.69 -3.66 22.23
CA VAL B 517 2.74 -4.21 23.58
C VAL B 517 1.34 -4.53 24.09
N LEU B 518 0.38 -3.62 23.83
CA LEU B 518 -0.98 -3.86 24.30
C LEU B 518 -1.61 -5.05 23.60
N GLN B 519 -1.45 -5.14 22.28
CA GLN B 519 -2.06 -6.24 21.54
C GLN B 519 -1.53 -7.57 22.03
N TYR B 520 -0.23 -7.65 22.29
CA TYR B 520 0.35 -8.86 22.86
C TYR B 520 -0.25 -9.17 24.23
N LEU B 521 -0.44 -8.14 25.05
CA LEU B 521 -1.04 -8.34 26.37
C LEU B 521 -2.52 -8.68 26.26
N TYR B 522 -3.24 -8.00 25.37
CA TYR B 522 -4.64 -8.32 25.15
C TYR B 522 -4.83 -9.74 24.64
N TYR B 523 -3.80 -10.32 24.01
CA TYR B 523 -3.89 -11.71 23.57
C TYR B 523 -3.53 -12.66 24.71
N LEU B 524 -2.44 -12.38 25.42
CA LEU B 524 -2.02 -13.23 26.52
C LEU B 524 -2.98 -13.20 27.70
N ALA B 525 -3.90 -12.25 27.74
CA ALA B 525 -4.92 -12.19 28.78
C ALA B 525 -6.30 -12.56 28.28
N GLN B 526 -6.48 -12.78 26.98
CA GLN B 526 -7.76 -13.18 26.41
C GLN B 526 -8.86 -12.19 26.83
N ILE B 527 -8.63 -10.92 26.49
CA ILE B 527 -9.58 -9.86 26.79
C ILE B 527 -10.50 -9.68 25.59
N GLY B 528 -11.80 -9.85 25.81
CA GLY B 528 -12.73 -9.79 24.70
C GLY B 528 -12.76 -8.39 24.09
N ILE B 529 -12.90 -8.36 22.76
CA ILE B 529 -13.03 -7.11 22.01
C ILE B 529 -14.27 -7.23 21.13
N ALA B 530 -15.25 -6.36 21.36
CA ALA B 530 -16.46 -6.33 20.54
C ALA B 530 -16.24 -5.33 19.42
N MET B 531 -15.99 -5.84 18.22
CA MET B 531 -15.67 -5.01 17.06
C MET B 531 -16.88 -4.84 16.16
N SER B 532 -17.01 -3.65 15.59
CA SER B 532 -18.12 -3.30 14.70
C SER B 532 -17.54 -2.72 13.42
N PRO B 533 -16.99 -3.58 12.55
CA PRO B 533 -16.34 -3.07 11.33
C PRO B 533 -17.23 -2.19 10.48
N LEU B 534 -18.53 -2.48 10.41
CA LEU B 534 -19.41 -1.73 9.52
C LEU B 534 -19.50 -0.27 9.94
N SER B 535 -19.68 -0.03 11.24
CA SER B 535 -19.71 1.35 11.73
C SER B 535 -18.33 1.99 11.64
N ASN B 536 -17.28 1.21 11.93
CA ASN B 536 -15.92 1.75 11.86
C ASN B 536 -15.57 2.20 10.45
N ASN B 537 -16.11 1.52 9.43
CA ASN B 537 -15.85 1.92 8.06
C ASN B 537 -16.39 3.31 7.78
N SER B 538 -17.56 3.64 8.33
CA SER B 538 -18.26 4.87 8.00
C SER B 538 -17.91 6.03 8.93
N LEU B 539 -17.07 5.82 9.93
CA LEU B 539 -16.78 6.84 10.91
C LEU B 539 -15.30 7.09 11.13
N PHE B 540 -14.48 6.03 11.16
CA PHE B 540 -13.08 6.18 11.53
C PHE B 540 -12.14 5.42 10.60
N LEU B 541 -12.15 4.10 10.68
CA LEU B 541 -11.19 3.27 9.96
C LEU B 541 -11.91 2.48 8.86
N SER B 542 -11.36 2.54 7.65
CA SER B 542 -11.95 1.84 6.51
C SER B 542 -11.90 0.33 6.71
N TYR B 543 -12.79 -0.36 5.98
CA TYR B 543 -12.84 -1.81 6.06
C TYR B 543 -11.51 -2.43 5.65
N HIS B 544 -10.88 -1.88 4.62
CA HIS B 544 -9.59 -2.40 4.15
C HIS B 544 -8.51 -2.30 5.22
N ARG B 545 -8.67 -1.40 6.20
CA ARG B 545 -7.69 -1.22 7.26
C ARG B 545 -8.14 -1.75 8.62
N ASN B 546 -9.39 -2.14 8.77
CA ASN B 546 -9.88 -2.58 10.07
C ASN B 546 -9.03 -3.75 10.56
N PRO B 547 -8.52 -3.72 11.80
CA PRO B 547 -7.61 -4.76 12.26
C PRO B 547 -8.28 -6.06 12.67
N LEU B 548 -9.59 -6.19 12.51
CA LEU B 548 -10.28 -7.41 12.89
C LEU B 548 -9.67 -8.67 12.30
N PRO B 549 -9.38 -8.75 11.00
CA PRO B 549 -8.72 -9.96 10.47
C PRO B 549 -7.41 -10.27 11.16
N GLU B 550 -6.62 -9.26 11.51
CA GLU B 550 -5.33 -9.50 12.12
C GLU B 550 -5.47 -9.90 13.58
N TYR B 551 -6.43 -9.31 14.30
CA TYR B 551 -6.68 -9.73 15.67
C TYR B 551 -7.15 -11.18 15.72
N LEU B 552 -8.13 -11.51 14.88
CA LEU B 552 -8.69 -12.87 14.89
C LEU B 552 -7.63 -13.90 14.50
N SER B 553 -6.82 -13.59 13.50
CA SER B 553 -5.79 -14.53 13.06
C SER B 553 -4.76 -14.78 14.16
N ARG B 554 -4.34 -13.71 14.85
CA ARG B 554 -3.31 -13.83 15.87
C ARG B 554 -3.82 -14.43 17.18
N GLY B 555 -5.13 -14.61 17.31
CA GLY B 555 -5.71 -15.29 18.46
C GLY B 555 -6.37 -14.42 19.50
N LEU B 556 -6.70 -13.17 19.19
CA LEU B 556 -7.40 -12.32 20.14
C LEU B 556 -8.89 -12.64 20.13
N MET B 557 -9.51 -12.55 21.30
CA MET B 557 -10.91 -12.91 21.48
C MET B 557 -11.78 -11.82 20.85
N VAL B 558 -11.87 -11.86 19.54
CA VAL B 558 -12.66 -10.90 18.77
C VAL B 558 -14.07 -11.43 18.60
N SER B 559 -15.03 -10.51 18.58
CA SER B 559 -16.42 -10.83 18.29
C SER B 559 -17.00 -9.72 17.42
N LEU B 560 -18.03 -10.07 16.65
CA LEU B 560 -18.65 -9.13 15.72
C LEU B 560 -19.94 -8.60 16.33
N SER B 561 -20.17 -7.29 16.14
CA SER B 561 -21.31 -6.62 16.73
C SER B 561 -21.73 -5.47 15.83
N THR B 562 -22.97 -5.04 16.00
CA THR B 562 -23.52 -3.90 15.25
C THR B 562 -23.71 -2.75 16.23
N ASP B 563 -22.87 -1.73 16.12
CA ASP B 563 -22.98 -0.59 17.02
C ASP B 563 -24.30 0.15 16.80
N ASP B 564 -24.73 0.26 15.55
CA ASP B 564 -26.01 0.87 15.20
C ASP B 564 -26.73 -0.05 14.22
N PRO B 565 -27.73 -0.81 14.68
CA PRO B 565 -28.37 -1.79 13.79
C PRO B 565 -29.10 -1.17 12.60
N LEU B 566 -29.19 0.17 12.53
CA LEU B 566 -29.96 0.84 11.49
C LEU B 566 -29.13 1.80 10.67
N GLN B 567 -28.37 2.70 11.30
CA GLN B 567 -27.66 3.73 10.55
C GLN B 567 -26.72 3.13 9.52
N PHE B 568 -26.15 1.95 9.81
CA PHE B 568 -25.14 1.35 8.95
C PHE B 568 -25.63 0.10 8.23
N HIS B 569 -26.73 -0.50 8.66
CA HIS B 569 -27.23 -1.74 8.10
C HIS B 569 -28.52 -1.49 7.31
N PHE B 570 -28.61 -2.09 6.13
CA PHE B 570 -29.79 -1.96 5.29
C PHE B 570 -30.75 -3.13 5.41
N THR B 571 -30.25 -4.32 5.73
CA THR B 571 -31.11 -5.50 5.84
C THR B 571 -31.82 -5.50 7.20
N LYS B 572 -32.69 -6.50 7.39
CA LYS B 572 -33.42 -6.67 8.64
C LYS B 572 -32.70 -7.59 9.62
N GLU B 573 -31.51 -8.08 9.27
CA GLU B 573 -30.70 -8.93 10.15
C GLU B 573 -29.31 -8.31 10.25
N PRO B 574 -29.19 -7.16 10.92
CA PRO B 574 -27.89 -6.46 10.93
C PRO B 574 -26.75 -7.32 11.47
N LEU B 575 -27.01 -8.16 12.46
CA LEU B 575 -25.96 -9.03 12.97
C LEU B 575 -25.47 -9.99 11.89
N MET B 576 -26.39 -10.60 11.15
CA MET B 576 -26.01 -11.46 10.04
C MET B 576 -25.33 -10.64 8.93
N GLU B 577 -25.83 -9.43 8.70
CA GLU B 577 -25.25 -8.59 7.66
C GLU B 577 -23.78 -8.28 7.96
N GLU B 578 -23.46 -8.02 9.23
CA GLU B 578 -22.09 -7.73 9.60
C GLU B 578 -21.17 -8.91 9.29
N TYR B 579 -21.62 -10.14 9.60
CA TYR B 579 -20.81 -11.31 9.32
C TYR B 579 -20.56 -11.45 7.82
N SER B 580 -21.58 -11.18 7.00
CA SER B 580 -21.44 -11.35 5.56
C SER B 580 -20.31 -10.50 5.01
N ILE B 581 -20.29 -9.22 5.38
CA ILE B 581 -19.27 -8.31 4.86
C ILE B 581 -17.89 -8.76 5.32
N ALA B 582 -17.75 -9.07 6.60
CA ALA B 582 -16.46 -9.51 7.13
C ALA B 582 -16.02 -10.82 6.48
N THR B 583 -16.96 -11.76 6.32
CA THR B 583 -16.63 -13.04 5.72
C THR B 583 -16.30 -12.89 4.24
N GLN B 584 -16.95 -11.97 3.55
CA GLN B 584 -16.72 -11.80 2.12
C GLN B 584 -15.51 -10.92 1.85
N VAL B 585 -15.40 -9.79 2.56
CA VAL B 585 -14.31 -8.86 2.31
C VAL B 585 -12.97 -9.51 2.65
N TRP B 586 -12.87 -10.11 3.83
CA TRP B 586 -11.64 -10.75 4.27
C TRP B 586 -11.61 -12.23 3.93
N LYS B 587 -12.63 -12.75 3.25
CA LYS B 587 -12.66 -14.14 2.83
C LYS B 587 -12.38 -15.06 4.01
N LEU B 588 -13.39 -15.29 4.84
CA LEU B 588 -13.26 -16.04 6.08
C LEU B 588 -13.99 -17.38 5.95
N SER B 589 -13.39 -18.42 6.50
CA SER B 589 -13.98 -19.76 6.43
C SER B 589 -15.07 -19.92 7.49
N SER B 590 -15.71 -21.09 7.48
CA SER B 590 -16.73 -21.37 8.48
C SER B 590 -16.13 -21.37 9.89
N CYS B 591 -14.94 -21.95 10.04
CA CYS B 591 -14.25 -21.86 11.33
C CYS B 591 -14.07 -20.41 11.74
N ASP B 592 -13.63 -19.57 10.80
CA ASP B 592 -13.46 -18.16 11.11
C ASP B 592 -14.77 -17.50 11.51
N MET B 593 -15.89 -17.95 10.95
CA MET B 593 -17.19 -17.41 11.31
C MET B 593 -17.67 -17.98 12.63
N CYS B 594 -17.72 -19.32 12.74
CA CYS B 594 -18.22 -19.95 13.95
C CYS B 594 -17.34 -19.62 15.16
N GLU B 595 -16.03 -19.47 14.96
CA GLU B 595 -15.16 -19.09 16.05
C GLU B 595 -15.52 -17.71 16.59
N LEU B 596 -15.83 -16.77 15.69
CA LEU B 596 -16.30 -15.46 16.14
C LEU B 596 -17.63 -15.58 16.88
N ALA B 597 -18.54 -16.42 16.38
CA ALA B 597 -19.81 -16.60 17.06
C ALA B 597 -19.62 -17.14 18.47
N ARG B 598 -18.74 -18.13 18.64
CA ARG B 598 -18.47 -18.65 19.97
C ARG B 598 -17.83 -17.59 20.86
N ASN B 599 -16.90 -16.81 20.30
CA ASN B 599 -16.29 -15.74 21.08
C ASN B 599 -17.31 -14.69 21.50
N SER B 600 -18.43 -14.57 20.77
CA SER B 600 -19.48 -13.65 21.19
C SER B 600 -20.16 -14.12 22.46
N VAL B 601 -20.54 -15.39 22.51
CA VAL B 601 -21.21 -15.92 23.69
C VAL B 601 -20.27 -15.93 24.88
N LEU B 602 -19.02 -16.38 24.67
CA LEU B 602 -18.09 -16.53 25.79
C LEU B 602 -17.76 -15.19 26.46
N MET B 603 -17.94 -14.07 25.75
CA MET B 603 -17.73 -12.75 26.33
C MET B 603 -19.05 -12.05 26.65
N SER B 604 -20.15 -12.79 26.68
CA SER B 604 -21.45 -12.23 27.02
C SER B 604 -21.72 -12.36 28.52
N GLY B 605 -22.73 -11.64 28.99
CA GLY B 605 -23.12 -11.70 30.38
C GLY B 605 -24.22 -12.73 30.62
N PHE B 606 -24.40 -13.64 29.67
CA PHE B 606 -25.46 -14.63 29.77
C PHE B 606 -25.17 -15.63 30.89
N SER B 607 -26.23 -16.26 31.38
CA SER B 607 -26.13 -17.15 32.52
C SER B 607 -25.43 -18.46 32.12
N HIS B 608 -24.96 -19.17 33.15
CA HIS B 608 -24.41 -20.50 32.93
C HIS B 608 -25.44 -21.46 32.37
N LYS B 609 -26.71 -21.27 32.74
CA LYS B 609 -27.76 -22.16 32.26
C LYS B 609 -27.95 -22.05 30.76
N VAL B 610 -28.11 -20.83 30.25
CA VAL B 610 -28.27 -20.64 28.81
C VAL B 610 -26.97 -20.93 28.08
N LYS B 611 -25.84 -20.52 28.65
CA LYS B 611 -24.55 -20.81 28.04
C LYS B 611 -24.31 -22.32 27.96
N SER B 612 -24.67 -23.05 29.03
CA SER B 612 -24.53 -24.50 28.98
C SER B 612 -25.44 -25.09 27.91
N HIS B 613 -26.67 -24.61 27.80
CA HIS B 613 -27.56 -25.08 26.74
C HIS B 613 -27.09 -24.61 25.37
N TRP B 614 -26.35 -23.49 25.31
CA TRP B 614 -25.92 -22.92 24.05
C TRP B 614 -24.62 -23.56 23.55
N LEU B 615 -23.55 -23.46 24.34
CA LEU B 615 -22.24 -23.98 23.94
C LEU B 615 -21.96 -25.37 24.50
N GLY B 616 -22.87 -25.93 25.28
CA GLY B 616 -22.68 -27.23 25.88
C GLY B 616 -22.40 -27.14 27.36
N PRO B 617 -22.76 -28.17 28.12
CA PRO B 617 -22.52 -28.11 29.58
C PRO B 617 -21.06 -27.92 29.93
N ASN B 618 -20.14 -28.34 29.06
CA ASN B 618 -18.71 -28.27 29.33
C ASN B 618 -18.07 -27.00 28.80
N TYR B 619 -18.85 -25.92 28.62
CA TYR B 619 -18.28 -24.67 28.13
C TYR B 619 -17.28 -24.09 29.11
N THR B 620 -17.46 -24.34 30.41
CA THR B 620 -16.55 -23.83 31.41
C THR B 620 -15.13 -24.38 31.25
N LYS B 621 -14.98 -25.49 30.53
CA LYS B 621 -13.67 -26.09 30.35
C LYS B 621 -12.83 -25.23 29.42
N GLU B 622 -11.51 -25.37 29.56
CA GLU B 622 -10.54 -24.62 28.77
C GLU B 622 -9.83 -25.57 27.82
N GLY B 623 -9.68 -25.14 26.56
CA GLY B 623 -9.06 -25.94 25.54
C GLY B 623 -10.08 -26.72 24.73
N PRO B 624 -9.62 -27.70 23.96
CA PRO B 624 -10.56 -28.47 23.13
C PRO B 624 -11.58 -29.25 23.94
N GLU B 625 -11.33 -29.48 25.23
CA GLU B 625 -12.28 -30.24 26.04
C GLU B 625 -13.64 -29.58 26.06
N GLY B 626 -13.68 -28.25 26.12
CA GLY B 626 -14.93 -27.52 26.17
C GLY B 626 -15.55 -27.20 24.82
N ASN B 627 -14.97 -27.67 23.73
CA ASN B 627 -15.48 -27.42 22.39
C ASN B 627 -16.35 -28.58 21.95
N ASP B 628 -17.59 -28.28 21.59
CA ASP B 628 -18.55 -29.27 21.11
C ASP B 628 -18.97 -28.88 19.70
N ILE B 629 -18.47 -29.60 18.69
CA ILE B 629 -18.84 -29.31 17.32
C ILE B 629 -20.34 -29.48 17.14
N ARG B 630 -20.97 -30.32 17.97
CA ARG B 630 -22.42 -30.49 17.91
C ARG B 630 -23.17 -29.21 18.24
N ARG B 631 -22.50 -28.23 18.86
CA ARG B 631 -23.17 -27.00 19.26
C ARG B 631 -22.38 -25.78 18.81
N THR B 632 -21.05 -25.90 18.75
CA THR B 632 -20.19 -24.79 18.35
C THR B 632 -19.98 -24.74 16.85
N ASN B 633 -19.88 -25.89 16.19
CA ASN B 633 -19.53 -26.04 14.78
C ASN B 633 -18.07 -25.71 14.53
N VAL B 634 -17.28 -25.42 15.56
CA VAL B 634 -15.86 -25.13 15.42
C VAL B 634 -15.09 -26.42 15.70
N PRO B 635 -14.33 -26.95 14.75
CA PRO B 635 -13.60 -28.19 15.01
C PRO B 635 -12.61 -28.02 16.15
N ASP B 636 -12.39 -29.11 16.89
CA ASP B 636 -11.40 -29.11 17.95
C ASP B 636 -9.99 -28.92 17.42
N ILE B 637 -9.78 -29.07 16.11
CA ILE B 637 -8.51 -28.68 15.51
C ILE B 637 -8.21 -27.22 15.79
N ARG B 638 -9.19 -26.34 15.54
CA ARG B 638 -8.97 -24.91 15.70
C ARG B 638 -8.73 -24.56 17.17
N VAL B 639 -9.58 -25.07 18.06
CA VAL B 639 -9.40 -24.80 19.47
C VAL B 639 -8.06 -25.34 19.95
N GLY B 640 -7.68 -26.52 19.48
CA GLY B 640 -6.38 -27.06 19.83
C GLY B 640 -5.24 -26.15 19.41
N TYR B 641 -5.30 -25.64 18.18
CA TYR B 641 -4.29 -24.69 17.72
C TYR B 641 -4.32 -23.42 18.54
N ARG B 642 -5.52 -22.86 18.75
CA ARG B 642 -5.62 -21.63 19.53
C ARG B 642 -5.16 -21.85 20.97
N TYR B 643 -5.56 -22.97 21.57
CA TYR B 643 -5.20 -23.24 22.95
C TYR B 643 -3.71 -23.52 23.08
N GLU B 644 -3.17 -24.38 22.21
CA GLU B 644 -1.75 -24.74 22.29
C GLU B 644 -0.86 -23.54 21.99
N THR B 645 -1.26 -22.70 21.03
CA THR B 645 -0.46 -21.52 20.71
C THR B 645 -0.35 -20.58 21.90
N LEU B 646 -1.46 -20.33 22.60
CA LEU B 646 -1.42 -19.45 23.76
C LEU B 646 -0.56 -20.04 24.87
N CYS B 647 -0.70 -21.34 25.13
CA CYS B 647 0.07 -21.97 26.19
C CYS B 647 1.56 -21.91 25.88
N GLN B 648 1.94 -22.18 24.64
CA GLN B 648 3.35 -22.09 24.27
C GLN B 648 3.87 -20.67 24.47
N GLU B 649 3.08 -19.67 24.08
CA GLU B 649 3.50 -18.29 24.26
C GLU B 649 3.63 -17.95 25.73
N LEU B 650 2.64 -18.35 26.54
CA LEU B 650 2.74 -18.12 27.98
C LEU B 650 3.89 -18.90 28.60
N ALA B 651 4.10 -20.13 28.13
CA ALA B 651 5.22 -20.92 28.62
C ALA B 651 6.54 -20.22 28.32
N LEU B 652 6.68 -19.67 27.11
CA LEU B 652 7.89 -18.93 26.76
C LEU B 652 8.11 -17.76 27.71
N ILE B 653 7.06 -16.97 27.95
CA ILE B 653 7.16 -15.84 28.86
C ILE B 653 7.30 -16.32 30.30
N THR B 654 6.50 -17.33 30.68
CA THR B 654 6.50 -17.80 32.07
C THR B 654 7.85 -18.36 32.47
N GLN B 655 8.38 -19.30 31.68
CA GLN B 655 9.56 -20.04 32.09
C GLN B 655 10.83 -19.21 32.03
N ALA B 656 10.85 -18.15 31.22
CA ALA B 656 12.00 -17.25 31.22
C ALA B 656 12.18 -16.59 32.59
N VAL B 657 11.08 -16.15 33.19
CA VAL B 657 11.15 -15.55 34.53
C VAL B 657 11.56 -16.60 35.56
N GLN B 658 11.09 -17.84 35.39
CA GLN B 658 11.44 -18.89 36.32
C GLN B 658 12.95 -19.03 36.48
N SER B 659 13.69 -18.85 35.39
CA SER B 659 15.14 -19.04 35.45
C SER B 659 15.78 -18.04 36.40
N GLU B 660 15.42 -16.77 36.28
CA GLU B 660 16.05 -15.71 37.07
C GLU B 660 15.23 -15.42 38.32
N GLU C 17 23.42 -23.40 13.87
CA GLU C 17 22.09 -23.84 13.45
C GLU C 17 21.09 -22.70 13.50
N PHE C 18 19.83 -23.01 13.21
CA PHE C 18 18.78 -22.01 13.16
C PHE C 18 17.47 -22.66 13.57
N GLN C 19 16.51 -21.82 13.97
CA GLN C 19 15.19 -22.32 14.30
C GLN C 19 14.55 -22.96 13.07
N ARG C 20 14.19 -24.22 13.17
CA ARG C 20 13.68 -25.01 12.06
C ARG C 20 12.19 -25.19 12.23
N VAL C 21 11.42 -24.79 11.23
CA VAL C 21 9.97 -24.92 11.23
C VAL C 21 9.63 -26.32 10.73
N THR C 22 9.16 -27.17 11.64
CA THR C 22 8.87 -28.58 11.35
C THR C 22 7.36 -28.79 11.34
N ILE C 23 6.85 -29.31 10.22
CA ILE C 23 5.43 -29.56 10.05
C ILE C 23 5.19 -31.02 10.43
N SER C 24 4.80 -31.24 11.68
CA SER C 24 4.55 -32.58 12.20
C SER C 24 3.06 -32.89 12.13
N GLY C 25 2.72 -34.03 11.53
CA GLY C 25 1.33 -34.43 11.40
C GLY C 25 1.19 -35.47 10.30
N GLU C 26 -0.05 -35.60 9.83
CA GLU C 26 -0.39 -36.58 8.79
C GLU C 26 -0.40 -35.94 7.40
N GLU C 27 -1.29 -34.98 7.18
CA GLU C 27 -1.34 -34.25 5.91
C GLU C 27 -0.32 -33.12 5.89
N LYS C 28 0.95 -33.51 6.02
CA LYS C 28 2.04 -32.53 6.03
C LYS C 28 2.03 -31.67 4.78
N CYS C 29 1.48 -32.18 3.67
CA CYS C 29 1.28 -31.35 2.49
C CYS C 29 0.07 -30.43 2.63
N GLY C 30 -0.94 -30.85 3.41
CA GLY C 30 -2.17 -30.11 3.55
C GLY C 30 -3.28 -30.56 2.64
N VAL C 31 -3.07 -31.61 1.85
CA VAL C 31 -4.10 -32.14 0.96
C VAL C 31 -4.19 -33.65 1.19
N PRO C 32 -5.33 -34.26 0.88
CA PRO C 32 -5.43 -35.72 0.96
C PRO C 32 -4.46 -36.37 -0.01
N PHE C 33 -3.96 -37.54 0.38
CA PHE C 33 -3.00 -38.26 -0.47
C PHE C 33 -3.58 -38.50 -1.86
N THR C 34 -4.89 -38.71 -1.97
CA THR C 34 -5.51 -38.93 -3.27
C THR C 34 -5.36 -37.72 -4.18
N ASP C 35 -5.15 -36.53 -3.61
CA ASP C 35 -4.90 -35.33 -4.40
C ASP C 35 -3.41 -35.00 -4.51
N LEU C 36 -2.61 -35.41 -3.53
CA LEU C 36 -1.17 -35.22 -3.63
C LEU C 36 -0.59 -36.09 -4.74
N LEU C 37 -1.06 -37.33 -4.85
CA LEU C 37 -0.51 -38.24 -5.85
C LEU C 37 -0.78 -37.76 -7.26
N ASP C 38 -1.99 -37.26 -7.53
CA ASP C 38 -2.33 -36.81 -8.87
C ASP C 38 -1.41 -35.68 -9.31
N ALA C 39 -1.18 -34.70 -8.43
CA ALA C 39 -0.27 -33.61 -8.76
C ALA C 39 1.17 -34.08 -8.74
N ALA C 40 1.52 -34.98 -7.81
CA ALA C 40 2.90 -35.45 -7.72
C ALA C 40 3.32 -36.20 -8.97
N LYS C 41 2.46 -37.10 -9.46
CA LYS C 41 2.81 -37.87 -10.65
C LYS C 41 3.01 -36.95 -11.86
N SER C 42 2.12 -35.98 -12.04
CA SER C 42 2.27 -35.04 -13.16
C SER C 42 3.53 -34.20 -13.00
N VAL C 43 3.82 -33.76 -11.77
CA VAL C 43 5.01 -32.94 -11.55
C VAL C 43 6.27 -33.74 -11.86
N VAL C 44 6.33 -35.00 -11.42
CA VAL C 44 7.49 -35.83 -11.69
C VAL C 44 7.68 -35.98 -13.19
N ARG C 45 6.59 -36.27 -13.92
CA ARG C 45 6.69 -36.42 -15.36
C ARG C 45 7.15 -35.12 -16.02
N ALA C 46 6.60 -33.98 -15.57
CA ALA C 46 7.01 -32.70 -16.12
C ALA C 46 8.50 -32.44 -15.86
N LEU C 47 8.98 -32.80 -14.67
CA LEU C 47 10.40 -32.64 -14.37
C LEU C 47 11.25 -33.58 -15.23
N PHE C 48 10.74 -34.78 -15.51
CA PHE C 48 11.45 -35.69 -16.40
C PHE C 48 11.56 -35.12 -17.80
N ILE C 49 10.50 -34.48 -18.29
CA ILE C 49 10.55 -33.90 -19.64
C ILE C 49 11.66 -32.88 -19.74
N ARG C 50 11.77 -32.00 -18.75
CA ARG C 50 12.84 -31.01 -18.76
C ARG C 50 14.20 -31.68 -18.71
N GLU C 51 14.34 -32.72 -17.87
CA GLU C 51 15.61 -33.42 -17.77
C GLU C 51 16.01 -34.03 -19.10
N LYS C 52 15.05 -34.60 -19.84
CA LYS C 52 15.36 -35.19 -21.14
C LYS C 52 15.89 -34.14 -22.10
N TYR C 53 15.19 -33.01 -22.21
CA TYR C 53 15.60 -31.98 -23.17
C TYR C 53 16.83 -31.21 -22.73
N MET C 54 17.14 -31.20 -21.43
CA MET C 54 18.38 -30.58 -20.99
C MET C 54 19.58 -31.48 -21.28
N ALA C 55 19.40 -32.80 -21.20
CA ALA C 55 20.49 -33.71 -21.57
C ALA C 55 20.74 -33.67 -23.06
N LEU C 56 19.68 -33.61 -23.87
CA LEU C 56 19.84 -33.59 -25.32
C LEU C 56 20.61 -32.36 -25.78
N SER C 57 20.46 -31.23 -25.08
CA SER C 57 21.15 -30.00 -25.44
C SER C 57 22.46 -29.81 -24.70
N LEU C 58 22.89 -30.79 -23.89
CA LEU C 58 24.06 -30.63 -23.04
C LEU C 58 23.92 -29.39 -22.17
N GLN C 59 22.71 -29.17 -21.66
CA GLN C 59 22.41 -28.06 -20.77
C GLN C 59 22.26 -28.58 -19.34
N SER C 60 22.08 -27.65 -18.41
CA SER C 60 22.12 -27.98 -16.99
C SER C 60 20.74 -28.33 -16.48
N PHE C 61 20.71 -29.22 -15.49
CA PHE C 61 19.50 -29.56 -14.76
C PHE C 61 19.85 -29.58 -13.28
N CYS C 62 18.87 -29.25 -12.44
CA CYS C 62 19.16 -29.07 -11.03
C CYS C 62 19.65 -30.38 -10.42
N PRO C 63 20.88 -30.43 -9.89
CA PRO C 63 21.34 -31.69 -9.29
C PRO C 63 20.44 -32.21 -8.18
N THR C 64 19.90 -31.31 -7.34
CA THR C 64 19.03 -31.76 -6.26
C THR C 64 17.77 -32.40 -6.82
N THR C 65 17.20 -31.82 -7.88
CA THR C 65 16.04 -32.43 -8.51
C THR C 65 16.39 -33.80 -9.08
N ARG C 66 17.56 -33.92 -9.71
CA ARG C 66 17.98 -35.20 -10.29
C ARG C 66 18.18 -36.25 -9.21
N ARG C 67 18.87 -35.89 -8.12
CA ARG C 67 19.13 -36.87 -7.07
C ARG C 67 17.84 -37.46 -6.53
N TYR C 68 16.78 -36.65 -6.46
CA TYR C 68 15.48 -37.18 -6.06
C TYR C 68 14.76 -37.85 -7.23
N LEU C 69 15.05 -37.42 -8.47
CA LEU C 69 14.43 -38.03 -9.63
C LEU C 69 15.02 -39.38 -9.99
N GLN C 70 16.23 -39.69 -9.53
CA GLN C 70 16.84 -40.98 -9.79
C GLN C 70 16.22 -42.11 -8.98
N GLN C 71 15.20 -41.83 -8.18
CA GLN C 71 14.52 -42.85 -7.39
C GLN C 71 13.27 -43.38 -8.09
N LEU C 72 12.62 -42.55 -8.89
CA LEU C 72 11.51 -42.97 -9.74
C LEU C 72 11.92 -43.17 -11.19
N ALA C 73 13.20 -42.95 -11.51
CA ALA C 73 13.67 -43.05 -12.88
C ALA C 73 13.91 -44.50 -13.26
N GLU C 74 13.55 -44.86 -14.49
CA GLU C 74 13.83 -46.16 -15.06
C GLU C 74 15.03 -46.14 -16.00
N LYS C 75 15.65 -44.97 -16.21
CA LYS C 75 16.78 -44.82 -17.10
C LYS C 75 17.81 -43.95 -16.38
N PRO C 76 19.08 -44.36 -16.33
CA PRO C 76 20.07 -43.57 -15.59
C PRO C 76 20.19 -42.16 -16.14
N LEU C 77 20.30 -41.19 -15.24
CA LEU C 77 20.41 -39.78 -15.60
C LEU C 77 21.42 -39.12 -14.67
N GLU C 78 22.42 -38.46 -15.25
CA GLU C 78 23.48 -37.82 -14.47
C GLU C 78 24.13 -36.73 -15.31
N THR C 79 25.08 -36.02 -14.71
CA THR C 79 25.81 -34.95 -15.36
C THR C 79 27.10 -35.52 -15.94
N ARG C 80 27.07 -35.85 -17.23
CA ARG C 80 28.22 -36.46 -17.90
C ARG C 80 28.97 -35.50 -18.80
N THR C 81 28.34 -34.42 -19.24
CA THR C 81 28.98 -33.46 -20.12
C THR C 81 30.27 -32.93 -19.50
N GLU C 102 48.53 -12.81 -18.95
CA GLU C 102 47.60 -13.15 -20.01
C GLU C 102 47.80 -12.26 -21.23
N GLN C 103 47.32 -12.74 -22.39
CA GLN C 103 47.35 -11.99 -23.63
C GLN C 103 45.93 -11.75 -24.10
N HIS C 104 45.71 -10.60 -24.74
CA HIS C 104 44.45 -10.30 -25.39
C HIS C 104 44.01 -11.50 -26.22
N PRO C 105 42.95 -12.22 -25.80
CA PRO C 105 42.66 -13.51 -26.45
C PRO C 105 42.45 -13.42 -27.95
N TYR C 106 41.97 -12.29 -28.46
CA TYR C 106 41.70 -12.12 -29.87
C TYR C 106 42.91 -11.62 -30.66
N GLU C 107 44.02 -11.31 -29.98
CA GLU C 107 45.17 -10.74 -30.67
C GLU C 107 45.84 -11.76 -31.60
N HIS C 108 45.95 -13.01 -31.14
CA HIS C 108 46.63 -14.06 -31.91
C HIS C 108 45.63 -14.68 -32.87
N CYS C 109 45.56 -14.14 -34.09
CA CYS C 109 44.66 -14.64 -35.12
C CYS C 109 45.44 -15.47 -36.12
N GLU C 110 45.82 -16.68 -35.69
CA GLU C 110 46.55 -17.63 -36.52
C GLU C 110 45.67 -18.83 -36.82
N PRO C 111 45.07 -18.93 -38.00
CA PRO C 111 44.32 -20.14 -38.34
C PRO C 111 45.17 -21.40 -38.32
N SER C 112 46.50 -21.27 -38.48
CA SER C 112 47.36 -22.44 -38.47
C SER C 112 47.31 -23.16 -37.13
N THR C 113 47.28 -22.41 -36.03
CA THR C 113 47.31 -23.03 -34.71
C THR C 113 45.98 -23.70 -34.38
N MET C 114 44.89 -23.24 -34.98
CA MET C 114 43.58 -23.74 -34.62
C MET C 114 43.40 -25.19 -35.07
N PRO C 115 42.44 -25.90 -34.48
CA PRO C 115 42.16 -27.27 -34.95
C PRO C 115 41.76 -27.27 -36.42
N GLY C 116 42.10 -28.37 -37.09
CA GLY C 116 41.97 -28.44 -38.53
C GLY C 116 40.61 -28.98 -38.97
N ASP C 117 40.43 -28.99 -40.28
CA ASP C 117 39.19 -29.48 -40.88
C ASP C 117 38.98 -30.96 -40.56
N LEU C 118 37.74 -31.32 -40.28
CA LEU C 118 37.34 -32.71 -40.10
C LEU C 118 36.69 -33.27 -41.36
N GLY C 119 36.49 -32.45 -42.38
CA GLY C 119 35.82 -32.89 -43.60
C GLY C 119 34.43 -33.44 -43.36
N LEU C 120 33.64 -32.77 -42.53
CA LEU C 120 32.28 -33.19 -42.25
C LEU C 120 31.29 -32.40 -43.10
N GLY C 121 30.21 -33.07 -43.48
CA GLY C 121 29.19 -32.46 -44.33
C GLY C 121 28.08 -31.87 -43.50
N LEU C 122 27.73 -30.61 -43.80
CA LEU C 122 26.72 -29.88 -43.05
C LEU C 122 25.54 -29.58 -43.97
N ARG C 123 24.38 -30.17 -43.64
CA ARG C 123 23.15 -29.96 -44.39
C ARG C 123 22.00 -29.93 -43.41
N MET C 124 21.02 -29.06 -43.68
CA MET C 124 19.86 -28.90 -42.82
C MET C 124 18.68 -29.68 -43.40
N VAL C 125 18.12 -30.58 -42.58
CA VAL C 125 16.99 -31.40 -42.98
C VAL C 125 15.86 -31.13 -42.00
N ARG C 126 14.71 -30.70 -42.51
CA ARG C 126 13.52 -30.46 -41.70
C ARG C 126 13.84 -29.58 -40.50
N GLY C 127 14.61 -28.51 -40.74
CA GLY C 127 14.95 -27.56 -39.71
C GLY C 127 16.26 -27.83 -39.01
N VAL C 128 16.40 -29.02 -38.42
CA VAL C 128 17.62 -29.36 -37.70
C VAL C 128 18.78 -29.51 -38.69
N VAL C 129 19.99 -29.21 -38.22
CA VAL C 129 21.20 -29.33 -39.03
C VAL C 129 21.84 -30.68 -38.76
N HIS C 130 22.07 -31.45 -39.83
CA HIS C 130 22.69 -32.75 -39.74
C HIS C 130 24.15 -32.69 -40.18
N VAL C 131 24.99 -33.47 -39.53
CA VAL C 131 26.42 -33.52 -39.78
C VAL C 131 26.75 -34.84 -40.45
N TYR C 132 27.59 -34.80 -41.48
CA TYR C 132 27.88 -35.95 -42.31
C TYR C 132 29.37 -36.23 -42.32
N THR C 133 29.72 -37.49 -42.61
CA THR C 133 31.10 -37.94 -42.48
C THR C 133 32.02 -37.30 -43.52
N ARG C 134 31.48 -36.89 -44.68
CA ARG C 134 32.29 -36.30 -45.73
C ARG C 134 31.67 -35.00 -46.21
N ARG C 135 32.53 -34.06 -46.61
CA ARG C 135 32.11 -32.71 -46.94
C ARG C 135 31.92 -32.47 -48.43
N GLU C 136 32.26 -33.44 -49.27
CA GLU C 136 32.31 -33.26 -50.71
C GLU C 136 31.56 -34.39 -51.41
N PRO C 137 31.10 -34.16 -52.64
CA PRO C 137 30.60 -35.28 -53.45
C PRO C 137 31.68 -36.28 -53.83
N ASP C 138 32.96 -35.92 -53.68
CA ASP C 138 34.03 -36.82 -54.07
C ASP C 138 34.01 -38.12 -53.28
N GLU C 139 33.69 -38.03 -51.99
CA GLU C 139 33.69 -39.18 -51.10
C GLU C 139 32.27 -39.47 -50.62
N HIS C 140 32.07 -40.69 -50.14
CA HIS C 140 30.76 -41.10 -49.64
C HIS C 140 30.46 -40.40 -48.31
N CYS C 141 29.21 -39.98 -48.15
CA CYS C 141 28.77 -39.24 -46.98
C CYS C 141 27.86 -40.12 -46.14
N SER C 142 28.17 -40.25 -44.86
CA SER C 142 27.34 -40.97 -43.90
C SER C 142 26.95 -40.04 -42.78
N GLU C 143 25.65 -39.99 -42.47
CA GLU C 143 25.16 -39.16 -41.38
C GLU C 143 25.82 -39.55 -40.06
N VAL C 144 26.32 -38.55 -39.35
CA VAL C 144 26.88 -38.75 -38.02
C VAL C 144 25.73 -38.95 -37.04
N GLU C 145 25.79 -40.03 -36.27
CA GLU C 145 24.68 -40.43 -35.41
C GLU C 145 24.62 -39.53 -34.18
N LEU C 146 24.19 -38.30 -34.40
CA LEU C 146 23.88 -37.37 -33.33
C LEU C 146 22.43 -37.54 -32.88
N PRO C 147 22.08 -37.14 -31.66
CA PRO C 147 20.71 -37.35 -31.18
C PRO C 147 19.74 -36.32 -31.77
N TYR C 148 19.49 -36.42 -33.06
CA TYR C 148 18.70 -35.41 -33.75
C TYR C 148 17.28 -35.38 -33.17
N PRO C 149 16.76 -34.21 -32.81
CA PRO C 149 15.45 -34.18 -32.14
C PRO C 149 14.34 -34.70 -33.04
N ASP C 150 13.31 -35.24 -32.40
CA ASP C 150 12.08 -35.66 -33.06
C ASP C 150 10.99 -34.67 -32.72
N LEU C 151 10.43 -34.01 -33.76
CA LEU C 151 9.38 -33.04 -33.52
C LEU C 151 8.12 -33.70 -32.99
N GLN C 152 7.81 -34.92 -33.44
CA GLN C 152 6.63 -35.61 -32.94
C GLN C 152 6.71 -35.81 -31.43
N GLU C 153 7.90 -36.16 -30.93
CA GLU C 153 8.08 -36.29 -29.49
C GLU C 153 7.86 -34.96 -28.79
N PHE C 154 8.37 -33.87 -29.37
CA PHE C 154 8.20 -32.56 -28.76
C PHE C 154 6.74 -32.14 -28.73
N VAL C 155 6.03 -32.36 -29.83
CA VAL C 155 4.61 -32.00 -29.89
C VAL C 155 3.76 -32.88 -28.98
N ALA C 156 4.33 -33.96 -28.46
CA ALA C 156 3.64 -34.80 -27.48
C ALA C 156 3.94 -34.35 -26.05
N ASP C 157 5.21 -34.05 -25.75
CA ASP C 157 5.56 -33.57 -24.43
C ASP C 157 4.89 -32.22 -24.15
N VAL C 158 4.85 -31.35 -25.15
CA VAL C 158 4.20 -30.05 -24.98
C VAL C 158 2.73 -30.23 -24.61
N ASN C 159 2.04 -31.14 -25.32
CA ASN C 159 0.61 -31.33 -25.08
C ASN C 159 0.34 -31.95 -23.72
N VAL C 160 1.28 -32.76 -23.20
CA VAL C 160 1.14 -33.26 -21.84
C VAL C 160 1.28 -32.13 -20.84
N LEU C 161 2.30 -31.29 -21.00
CA LEU C 161 2.48 -30.15 -20.11
C LEU C 161 1.32 -29.17 -20.24
N MET C 162 0.88 -28.90 -21.48
CA MET C 162 -0.19 -27.94 -21.70
C MET C 162 -1.52 -28.40 -21.12
N ALA C 163 -1.65 -29.68 -20.79
CA ALA C 163 -2.82 -30.16 -20.07
C ALA C 163 -2.67 -30.08 -18.57
N LEU C 164 -1.44 -30.06 -18.07
CA LEU C 164 -1.19 -29.93 -16.64
C LEU C 164 -1.37 -28.50 -16.14
N ILE C 165 -1.31 -27.50 -17.02
CA ILE C 165 -1.40 -26.10 -16.62
C ILE C 165 -2.85 -25.64 -16.64
N ILE C 166 -3.79 -26.56 -16.84
CA ILE C 166 -5.20 -26.21 -16.90
C ILE C 166 -6.02 -27.18 -16.06
N ASN C 167 -5.35 -28.02 -15.28
CA ASN C 167 -6.02 -28.96 -14.40
C ASN C 167 -6.25 -28.28 -13.06
N GLY C 168 -7.52 -28.06 -12.72
CA GLY C 168 -7.88 -27.33 -11.52
C GLY C 168 -7.37 -28.01 -10.25
N PRO C 169 -7.61 -29.32 -10.13
CA PRO C 169 -7.14 -30.01 -8.92
C PRO C 169 -5.64 -29.90 -8.69
N ILE C 170 -4.85 -29.94 -9.76
CA ILE C 170 -3.40 -29.82 -9.59
C ILE C 170 -2.99 -28.36 -9.45
N LYS C 171 -3.61 -27.46 -10.23
CA LYS C 171 -3.30 -26.05 -10.09
C LYS C 171 -3.62 -25.54 -8.69
N SER C 172 -4.60 -26.17 -8.02
CA SER C 172 -4.89 -25.81 -6.64
C SER C 172 -3.80 -26.29 -5.70
N PHE C 173 -3.34 -27.53 -5.88
CA PHE C 173 -2.29 -28.06 -5.02
C PHE C 173 -1.01 -27.25 -5.14
N CYS C 174 -0.63 -26.89 -6.37
CA CYS C 174 0.58 -26.10 -6.55
C CYS C 174 0.46 -24.73 -5.89
N TYR C 175 -0.71 -24.10 -6.01
CA TYR C 175 -0.91 -22.81 -5.37
C TYR C 175 -0.78 -22.91 -3.86
N ARG C 176 -1.36 -23.95 -3.25
CA ARG C 176 -1.24 -24.13 -1.81
C ARG C 176 0.20 -24.33 -1.40
N ARG C 177 0.93 -25.18 -2.13
CA ARG C 177 2.33 -25.42 -1.78
C ARG C 177 3.19 -24.20 -2.02
N LEU C 178 2.86 -23.39 -3.04
CA LEU C 178 3.56 -22.14 -3.24
C LEU C 178 3.33 -21.19 -2.07
N GLN C 179 2.09 -21.12 -1.58
CA GLN C 179 1.79 -20.27 -0.43
C GLN C 179 2.48 -20.77 0.83
N TYR C 180 2.59 -22.09 0.99
CA TYR C 180 3.32 -22.64 2.13
C TYR C 180 4.77 -22.19 2.10
N LEU C 181 5.40 -22.19 0.92
CA LEU C 181 6.81 -21.80 0.83
C LEU C 181 7.02 -20.38 1.31
N SER C 182 6.13 -19.46 0.92
CA SER C 182 6.25 -18.08 1.38
C SER C 182 6.05 -17.98 2.89
N SER C 183 5.07 -18.72 3.43
CA SER C 183 4.86 -18.70 4.87
C SER C 183 6.08 -19.24 5.62
N LYS C 184 6.67 -20.32 5.11
CA LYS C 184 7.87 -20.88 5.73
C LYS C 184 8.99 -19.85 5.76
N PHE C 185 9.13 -19.07 4.68
CA PHE C 185 10.15 -18.03 4.65
C PHE C 185 9.89 -16.98 5.71
N GLN C 186 8.63 -16.55 5.86
CA GLN C 186 8.31 -15.52 6.83
C GLN C 186 8.64 -15.97 8.24
N MET C 187 8.30 -17.20 8.59
CA MET C 187 8.65 -17.73 9.90
C MET C 187 10.16 -17.83 10.07
N HIS C 188 10.87 -18.23 9.00
CA HIS C 188 12.32 -18.33 9.08
C HIS C 188 12.95 -16.99 9.43
N VAL C 189 12.57 -15.94 8.71
CA VAL C 189 13.15 -14.62 8.98
C VAL C 189 12.76 -14.15 10.38
N LEU C 190 11.50 -14.34 10.76
CA LEU C 190 11.05 -13.91 12.08
C LEU C 190 11.87 -14.59 13.18
N LEU C 191 12.12 -15.88 13.04
CA LEU C 191 12.79 -16.66 14.07
C LEU C 191 14.30 -16.79 13.86
N ASN C 192 14.83 -16.27 12.74
CA ASN C 192 16.25 -16.43 12.47
C ASN C 192 16.88 -15.24 11.76
N GLU C 193 16.18 -14.11 11.61
CA GLU C 193 16.79 -12.98 10.92
C GLU C 193 18.03 -12.48 11.64
N MET C 194 17.96 -12.38 12.97
CA MET C 194 19.10 -11.85 13.72
C MET C 194 20.26 -12.83 13.72
N LYS C 195 19.98 -14.13 13.73
CA LYS C 195 21.07 -15.10 13.60
C LYS C 195 21.80 -14.92 12.28
N GLU C 196 21.07 -14.56 11.22
CA GLU C 196 21.70 -14.33 9.93
C GLU C 196 22.58 -13.09 9.97
N LEU C 197 22.04 -11.99 10.48
CA LEU C 197 22.79 -10.73 10.48
C LEU C 197 24.00 -10.80 11.40
N ALA C 198 23.93 -11.62 12.45
CA ALA C 198 25.10 -11.83 13.29
C ALA C 198 26.23 -12.49 12.51
N ALA C 199 25.89 -13.50 11.69
CA ALA C 199 26.89 -14.14 10.85
C ALA C 199 27.49 -13.15 9.85
N GLN C 200 26.65 -12.28 9.28
CA GLN C 200 27.16 -11.24 8.38
C GLN C 200 28.06 -10.26 9.12
N LYS C 201 27.71 -9.92 10.37
CA LYS C 201 28.57 -9.04 11.16
C LYS C 201 29.95 -9.67 11.36
N LYS C 202 29.99 -10.95 11.69
CA LYS C 202 31.24 -11.69 11.53
C LYS C 202 31.61 -11.74 10.06
N VAL C 203 32.90 -11.92 9.79
CA VAL C 203 33.39 -11.86 8.41
C VAL C 203 33.12 -10.43 7.91
N PRO C 204 33.57 -9.41 8.62
CA PRO C 204 33.21 -8.03 8.23
C PRO C 204 33.71 -7.64 6.85
N HIS C 205 34.78 -8.25 6.36
CA HIS C 205 35.40 -7.80 5.12
C HIS C 205 34.42 -7.84 3.96
N ARG C 206 33.46 -8.76 3.99
CA ARG C 206 32.56 -8.99 2.87
C ARG C 206 31.26 -8.23 3.09
N ASP C 207 30.92 -7.35 2.14
CA ASP C 207 29.69 -6.58 2.17
C ASP C 207 29.13 -6.50 0.76
N PHE C 208 27.84 -6.17 0.67
CA PHE C 208 27.18 -6.11 -0.63
C PHE C 208 27.95 -5.27 -1.63
N TYR C 209 28.78 -4.34 -1.17
CA TYR C 209 29.57 -3.50 -2.07
C TYR C 209 30.84 -4.18 -2.56
N ASN C 210 31.18 -5.35 -2.03
CA ASN C 210 32.35 -6.10 -2.50
C ASN C 210 32.03 -7.56 -2.75
N ILE C 211 30.76 -7.92 -2.93
CA ILE C 211 30.37 -9.26 -3.36
C ILE C 211 30.20 -9.26 -4.86
N ARG C 212 30.38 -10.43 -5.47
CA ARG C 212 30.28 -10.54 -6.91
C ARG C 212 28.83 -10.42 -7.35
N LYS C 213 28.59 -9.53 -8.31
CA LYS C 213 27.25 -9.24 -8.82
C LYS C 213 27.30 -9.26 -10.33
N VAL C 214 26.46 -10.10 -10.94
CA VAL C 214 26.41 -10.26 -12.39
C VAL C 214 25.09 -9.70 -12.88
N ASP C 215 25.17 -8.81 -13.88
CA ASP C 215 23.98 -8.33 -14.57
C ASP C 215 23.57 -9.39 -15.59
N THR C 216 22.51 -10.13 -15.29
CA THR C 216 22.17 -11.33 -16.02
C THR C 216 21.19 -11.08 -17.17
N HIS C 217 20.98 -9.83 -17.57
CA HIS C 217 20.10 -9.55 -18.70
C HIS C 217 20.22 -8.08 -19.11
N ILE C 218 21.23 -7.77 -19.89
CA ILE C 218 21.49 -6.41 -20.37
C ILE C 218 21.74 -6.45 -21.86
N HIS C 219 21.05 -5.61 -22.62
CA HIS C 219 21.19 -5.54 -24.06
C HIS C 219 22.30 -4.56 -24.43
N ALA C 220 23.28 -5.04 -25.20
CA ALA C 220 24.44 -4.22 -25.53
C ALA C 220 24.04 -2.99 -26.34
N SER C 221 23.13 -3.16 -27.30
CA SER C 221 22.71 -2.04 -28.14
C SER C 221 22.14 -0.91 -27.28
N SER C 222 21.60 -1.23 -26.11
CA SER C 222 21.03 -0.22 -25.22
C SER C 222 22.08 0.50 -24.40
N CYS C 223 23.35 0.08 -24.47
CA CYS C 223 24.45 0.79 -23.83
C CYS C 223 24.93 1.99 -24.62
N MET C 224 24.14 2.47 -25.58
CA MET C 224 24.50 3.62 -26.39
C MET C 224 23.65 4.81 -25.98
N ASN C 225 24.26 5.99 -25.95
CA ASN C 225 23.52 7.23 -25.69
C ASN C 225 22.76 7.62 -26.96
N GLN C 226 21.43 7.64 -26.87
CA GLN C 226 20.63 8.00 -28.04
C GLN C 226 21.05 9.35 -28.59
N LYS C 227 21.34 10.31 -27.72
CA LYS C 227 21.79 11.62 -28.17
C LYS C 227 23.13 11.50 -28.89
N HIS C 228 24.08 10.79 -28.30
CA HIS C 228 25.41 10.67 -28.90
C HIS C 228 25.37 9.81 -30.15
N LEU C 229 24.51 8.77 -30.16
CA LEU C 229 24.40 7.91 -31.33
C LEU C 229 23.91 8.69 -32.54
N LEU C 230 22.90 9.55 -32.35
CA LEU C 230 22.42 10.36 -33.46
C LEU C 230 23.49 11.33 -33.93
N ARG C 231 24.33 11.82 -33.03
CA ARG C 231 25.46 12.66 -33.42
C ARG C 231 26.42 11.88 -34.32
N PHE C 232 26.77 10.66 -33.91
CA PHE C 232 27.64 9.84 -34.74
C PHE C 232 26.96 9.48 -36.06
N ILE C 233 25.67 9.17 -36.01
CA ILE C 233 24.95 8.82 -37.23
C ILE C 233 24.91 10.02 -38.18
N LYS C 234 24.65 11.21 -37.65
CA LYS C 234 24.57 12.40 -38.49
C LYS C 234 25.90 12.66 -39.19
N ARG C 235 27.00 12.54 -38.47
CA ARG C 235 28.31 12.78 -39.07
C ARG C 235 28.65 11.71 -40.10
N ALA C 236 28.27 10.45 -39.83
CA ALA C 236 28.60 9.38 -40.75
C ALA C 236 27.92 9.58 -42.10
N MET C 237 26.69 10.08 -42.10
CA MET C 237 26.01 10.35 -43.36
C MET C 237 26.78 11.37 -44.19
N LYS C 238 27.30 12.42 -43.53
CA LYS C 238 28.18 13.36 -44.22
C LYS C 238 29.49 12.70 -44.61
N ARG C 239 29.98 11.75 -43.81
CA ARG C 239 31.19 11.01 -44.19
C ARG C 239 30.99 10.25 -45.49
N HIS C 240 29.84 9.59 -45.65
CA HIS C 240 29.47 9.02 -46.93
C HIS C 240 29.17 10.07 -47.99
N LEU C 241 28.99 11.32 -47.58
CA LEU C 241 28.80 12.44 -48.51
C LEU C 241 30.10 13.18 -48.79
N GLU C 242 31.23 12.65 -48.32
CA GLU C 242 32.53 13.29 -48.55
C GLU C 242 33.29 12.58 -49.66
N PRO C 295 14.98 7.42 -30.46
CA PRO C 295 14.97 8.09 -31.76
C PRO C 295 15.41 7.18 -32.90
N ILE C 296 16.70 6.91 -32.99
CA ILE C 296 17.20 5.93 -33.96
C ILE C 296 16.66 4.55 -33.58
N GLY C 297 15.84 3.99 -34.45
CA GLY C 297 15.21 2.72 -34.15
C GLY C 297 16.18 1.56 -34.15
N GLU C 298 15.77 0.48 -33.47
CA GLU C 298 16.54 -0.76 -33.54
C GLU C 298 16.51 -1.37 -34.94
N SER C 299 15.54 -0.98 -35.77
CA SER C 299 15.50 -1.46 -37.14
C SER C 299 16.58 -0.80 -38.00
N VAL C 300 16.76 0.51 -37.84
CA VAL C 300 17.83 1.20 -38.56
C VAL C 300 19.18 0.66 -38.13
N LEU C 301 19.30 0.22 -36.88
CA LEU C 301 20.55 -0.35 -36.40
C LEU C 301 20.81 -1.72 -37.00
N ARG C 302 19.75 -2.54 -37.14
CA ARG C 302 19.92 -3.86 -37.73
C ARG C 302 20.46 -3.76 -39.14
N GLU C 303 19.88 -2.89 -39.97
CA GLU C 303 20.28 -2.82 -41.37
C GLU C 303 21.74 -2.40 -41.51
N ILE C 304 22.22 -1.52 -40.63
CA ILE C 304 23.61 -1.10 -40.70
C ILE C 304 24.54 -2.28 -40.46
N PHE C 305 24.23 -3.11 -39.47
CA PHE C 305 25.05 -4.29 -39.21
C PHE C 305 24.95 -5.31 -40.34
N ILE C 306 23.88 -5.27 -41.13
CA ILE C 306 23.68 -6.24 -42.20
C ILE C 306 23.99 -5.67 -43.58
N LYS C 307 24.02 -4.35 -43.73
CA LYS C 307 24.21 -3.72 -45.04
C LYS C 307 25.38 -2.75 -45.05
N THR C 308 26.34 -2.92 -44.13
CA THR C 308 27.48 -2.03 -44.04
C THR C 308 28.70 -2.84 -43.64
N ASP C 309 29.87 -2.31 -43.97
CA ASP C 309 31.13 -2.94 -43.57
C ASP C 309 31.38 -2.85 -42.08
N ASN C 310 30.59 -2.04 -41.35
CA ASN C 310 30.76 -1.85 -39.91
C ASN C 310 32.10 -1.24 -39.56
N ARG C 311 32.77 -0.59 -40.53
CA ARG C 311 34.04 0.07 -40.23
C ARG C 311 33.81 1.30 -39.34
N VAL C 312 32.76 2.06 -39.61
CA VAL C 312 32.39 3.19 -38.77
C VAL C 312 31.53 2.73 -37.59
N SER C 313 30.55 1.87 -37.86
CA SER C 313 29.67 1.38 -36.81
C SER C 313 30.43 0.54 -35.79
N GLY C 314 31.38 -0.26 -36.26
CA GLY C 314 32.13 -1.13 -35.37
C GLY C 314 33.12 -0.42 -34.49
N LYS C 315 33.42 0.85 -34.77
CA LYS C 315 34.27 1.64 -33.89
C LYS C 315 33.46 2.38 -32.84
N TYR C 316 32.32 2.97 -33.21
CA TYR C 316 31.46 3.62 -32.24
C TYR C 316 30.92 2.62 -31.23
N PHE C 317 30.50 1.45 -31.70
CA PHE C 317 29.99 0.41 -30.81
C PHE C 317 31.11 -0.30 -30.06
N ALA C 318 32.35 -0.19 -30.53
CA ALA C 318 33.48 -0.81 -29.84
C ALA C 318 33.95 0.03 -28.66
N HIS C 319 34.08 1.35 -28.86
CA HIS C 319 34.48 2.22 -27.75
C HIS C 319 33.45 2.19 -26.63
N ILE C 320 32.17 2.23 -26.99
CA ILE C 320 31.11 2.31 -25.98
C ILE C 320 31.12 1.05 -25.11
N ILE C 321 31.18 -0.12 -25.74
CA ILE C 321 31.21 -1.36 -24.97
C ILE C 321 32.52 -1.49 -24.21
N LYS C 322 33.63 -1.07 -24.84
CA LYS C 322 34.92 -1.15 -24.16
C LYS C 322 34.97 -0.23 -22.94
N GLU C 323 34.37 0.96 -23.05
CA GLU C 323 34.24 1.81 -21.87
C GLU C 323 33.38 1.13 -20.81
N VAL C 324 32.27 0.50 -21.22
CA VAL C 324 31.47 -0.27 -20.28
C VAL C 324 32.30 -1.42 -19.72
N MET C 325 33.16 -2.03 -20.54
CA MET C 325 34.06 -3.06 -20.06
C MET C 325 35.02 -2.50 -19.02
N SER C 326 35.57 -1.31 -19.28
CA SER C 326 36.52 -0.72 -18.34
C SER C 326 35.82 -0.27 -17.06
N ASP C 327 34.64 0.35 -17.19
CA ASP C 327 33.88 0.74 -16.01
C ASP C 327 33.49 -0.47 -15.18
N LEU C 328 33.06 -1.55 -15.84
CA LEU C 328 32.75 -2.79 -15.12
C LEU C 328 34.00 -3.46 -14.56
N GLU C 329 35.18 -3.10 -15.05
CA GLU C 329 36.41 -3.67 -14.55
C GLU C 329 36.97 -2.92 -13.35
N GLU C 330 36.77 -1.59 -13.30
CA GLU C 330 37.11 -0.85 -12.08
C GLU C 330 36.27 -1.34 -10.91
N SER C 331 34.98 -1.56 -11.13
CA SER C 331 34.11 -2.18 -10.14
C SER C 331 34.34 -3.69 -10.21
N LYS C 332 35.45 -4.11 -9.60
CA LYS C 332 35.91 -5.50 -9.66
C LYS C 332 34.77 -6.51 -9.52
N TYR C 333 33.76 -6.18 -8.71
CA TYR C 333 32.75 -7.13 -8.30
C TYR C 333 31.48 -7.06 -9.14
N GLN C 334 31.39 -6.15 -10.10
CA GLN C 334 30.24 -6.06 -11.00
C GLN C 334 30.61 -6.58 -12.38
N ASN C 335 29.81 -7.51 -12.89
CA ASN C 335 30.03 -8.13 -14.19
C ASN C 335 28.73 -8.11 -14.98
N ALA C 336 28.86 -8.19 -16.31
CA ALA C 336 27.74 -8.05 -17.22
C ALA C 336 27.69 -9.21 -18.21
N GLU C 337 26.48 -9.57 -18.62
CA GLU C 337 26.23 -10.57 -19.66
C GLU C 337 25.50 -9.85 -20.78
N LEU C 338 26.25 -9.19 -21.65
CA LEU C 338 25.66 -8.37 -22.69
C LEU C 338 25.05 -9.23 -23.78
N ARG C 339 24.01 -8.69 -24.44
CA ARG C 339 23.31 -9.38 -25.52
C ARG C 339 23.66 -8.71 -26.84
N LEU C 340 24.18 -9.50 -27.77
CA LEU C 340 24.46 -9.06 -29.13
C LEU C 340 23.44 -9.66 -30.08
N SER C 341 23.23 -8.97 -31.21
CA SER C 341 22.16 -9.31 -32.13
C SER C 341 22.72 -10.03 -33.36
N ILE C 342 22.20 -11.22 -33.62
CA ILE C 342 22.39 -11.91 -34.89
C ILE C 342 21.00 -12.12 -35.48
N TYR C 343 20.73 -11.45 -36.59
CA TYR C 343 19.37 -11.34 -37.12
C TYR C 343 19.01 -12.48 -38.07
N GLY C 344 20.00 -13.16 -38.65
CA GLY C 344 19.72 -14.24 -39.57
C GLY C 344 19.22 -13.79 -40.93
N ARG C 345 19.53 -12.56 -41.32
CA ARG C 345 19.19 -12.06 -42.65
C ARG C 345 20.30 -12.32 -43.67
N SER C 346 21.49 -12.71 -43.22
CA SER C 346 22.60 -13.02 -44.10
C SER C 346 23.52 -13.99 -43.38
N ARG C 347 24.30 -14.75 -44.15
CA ARG C 347 25.19 -15.74 -43.58
C ARG C 347 26.56 -15.16 -43.21
N ASP C 348 26.81 -13.89 -43.54
CA ASP C 348 28.06 -13.23 -43.17
C ASP C 348 27.97 -12.52 -41.83
N GLU C 349 26.81 -12.54 -41.19
CA GLU C 349 26.62 -11.77 -39.96
C GLU C 349 27.55 -12.27 -38.85
N TRP C 350 27.59 -13.58 -38.64
CA TRP C 350 28.46 -14.12 -37.60
C TRP C 350 29.91 -13.75 -37.87
N ASP C 351 30.35 -13.87 -39.12
CA ASP C 351 31.71 -13.46 -39.47
C ASP C 351 31.89 -11.95 -39.28
N LYS C 352 30.88 -11.17 -39.64
CA LYS C 352 30.97 -9.72 -39.48
C LYS C 352 31.07 -9.34 -38.00
N LEU C 353 30.44 -10.11 -37.12
CA LEU C 353 30.48 -9.78 -35.70
C LEU C 353 31.80 -10.19 -35.06
N ALA C 354 32.36 -11.34 -35.47
CA ALA C 354 33.60 -11.79 -34.88
C ALA C 354 34.77 -10.89 -35.27
N ARG C 355 34.67 -10.21 -36.42
CA ARG C 355 35.71 -9.25 -36.79
C ARG C 355 35.66 -8.03 -35.88
N TRP C 356 34.46 -7.54 -35.59
CA TRP C 356 34.32 -6.39 -34.70
C TRP C 356 34.92 -6.67 -33.34
N ALA C 357 34.70 -7.87 -32.81
CA ALA C 357 35.29 -8.25 -31.53
C ALA C 357 36.80 -8.32 -31.61
N VAL C 358 37.33 -8.85 -32.71
CA VAL C 358 38.77 -9.05 -32.84
C VAL C 358 39.47 -7.80 -33.37
N MET C 359 38.90 -7.15 -34.38
CA MET C 359 39.51 -5.94 -34.91
C MET C 359 39.64 -4.87 -33.84
N HIS C 360 38.56 -4.59 -33.12
CA HIS C 360 38.53 -3.53 -32.12
C HIS C 360 38.89 -4.03 -30.73
N ARG C 361 39.22 -5.32 -30.58
CA ARG C 361 39.71 -5.85 -29.31
C ARG C 361 38.68 -5.66 -28.21
N VAL C 362 37.51 -6.26 -28.41
CA VAL C 362 36.40 -6.13 -27.48
C VAL C 362 36.29 -7.39 -26.63
N HIS C 363 37.11 -7.48 -25.59
CA HIS C 363 37.03 -8.56 -24.62
C HIS C 363 37.26 -7.99 -23.22
N SER C 364 36.50 -8.51 -22.26
CA SER C 364 36.68 -8.18 -20.85
C SER C 364 36.54 -9.46 -20.03
N PRO C 365 37.26 -9.57 -18.91
CA PRO C 365 37.07 -10.73 -18.03
C PRO C 365 35.69 -10.76 -17.38
N ASN C 366 34.96 -9.64 -17.39
CA ASN C 366 33.64 -9.57 -16.77
C ASN C 366 32.49 -9.68 -17.76
N VAL C 367 32.72 -9.35 -19.03
CA VAL C 367 31.67 -9.37 -20.04
C VAL C 367 31.61 -10.74 -20.69
N ARG C 368 30.42 -11.33 -20.72
CA ARG C 368 30.16 -12.58 -21.41
C ARG C 368 29.03 -12.34 -22.40
N TRP C 369 29.19 -12.84 -23.62
CA TRP C 369 28.26 -12.56 -24.70
C TRP C 369 27.18 -13.65 -24.78
N LEU C 370 25.94 -13.22 -24.90
CA LEU C 370 24.84 -14.06 -25.36
C LEU C 370 24.22 -13.40 -26.58
N VAL C 371 23.90 -14.21 -27.59
CA VAL C 371 23.45 -13.69 -28.88
C VAL C 371 21.94 -13.81 -28.96
N GLN C 372 21.27 -12.72 -29.35
CA GLN C 372 19.82 -12.68 -29.42
C GLN C 372 19.38 -12.77 -30.88
N VAL C 373 18.42 -13.64 -31.15
CA VAL C 373 17.85 -13.80 -32.49
C VAL C 373 16.52 -13.05 -32.56
N PRO C 374 16.50 -11.77 -32.93
CA PRO C 374 15.23 -11.05 -33.04
C PRO C 374 14.22 -11.77 -33.92
N ARG C 375 13.03 -12.04 -33.38
CA ARG C 375 12.00 -12.80 -34.09
C ARG C 375 11.25 -11.88 -35.05
N LEU C 376 11.95 -11.50 -36.12
CA LEU C 376 11.43 -10.56 -37.12
C LEU C 376 11.39 -11.20 -38.50
N PHE C 377 11.00 -12.47 -38.59
CA PHE C 377 10.88 -13.11 -39.90
C PHE C 377 9.75 -12.49 -40.70
N ASP C 378 8.63 -12.18 -40.04
CA ASP C 378 7.50 -11.59 -40.74
C ASP C 378 7.93 -10.36 -41.54
N VAL C 379 8.78 -9.53 -40.95
CA VAL C 379 9.23 -8.32 -41.63
C VAL C 379 10.16 -8.66 -42.78
N TYR C 380 11.07 -9.63 -42.58
CA TYR C 380 12.03 -9.96 -43.62
C TYR C 380 11.34 -10.55 -44.85
N ARG C 381 10.47 -11.55 -44.64
CA ARG C 381 9.78 -12.17 -45.75
C ARG C 381 8.92 -11.18 -46.52
N THR C 382 8.17 -10.33 -45.80
CA THR C 382 7.34 -9.34 -46.46
C THR C 382 8.16 -8.38 -47.30
N LYS C 383 9.45 -8.23 -47.00
CA LYS C 383 10.36 -7.41 -47.80
C LYS C 383 11.03 -8.22 -48.91
N GLY C 384 10.76 -9.51 -49.01
CA GLY C 384 11.45 -10.35 -49.98
C GLY C 384 12.93 -10.47 -49.72
N GLN C 385 13.33 -10.46 -48.44
CA GLN C 385 14.73 -10.62 -48.06
C GLN C 385 15.08 -12.05 -47.70
N LEU C 386 14.11 -12.85 -47.27
CA LEU C 386 14.30 -14.27 -47.00
C LEU C 386 13.16 -15.04 -47.65
N ALA C 387 13.49 -16.13 -48.32
CA ALA C 387 12.49 -16.94 -49.00
C ALA C 387 11.86 -17.98 -48.08
N ASN C 388 12.65 -18.55 -47.18
CA ASN C 388 12.16 -19.55 -46.24
C ASN C 388 12.63 -19.19 -44.83
N PHE C 389 11.88 -19.67 -43.83
CA PHE C 389 12.37 -19.59 -42.47
C PHE C 389 13.64 -20.42 -42.31
N GLN C 390 13.77 -21.47 -43.12
CA GLN C 390 14.98 -22.28 -43.09
C GLN C 390 16.21 -21.48 -43.48
N GLU C 391 16.03 -20.47 -44.34
CA GLU C 391 17.15 -19.61 -44.69
C GLU C 391 17.66 -18.85 -43.47
N MET C 392 16.74 -18.35 -42.64
CA MET C 392 17.14 -17.72 -41.39
C MET C 392 17.77 -18.73 -40.45
N LEU C 393 17.15 -19.90 -40.31
CA LEU C 393 17.74 -20.94 -39.47
C LEU C 393 19.11 -21.36 -39.96
N GLU C 394 19.36 -21.21 -41.26
CA GLU C 394 20.66 -21.59 -41.82
C GLU C 394 21.69 -20.48 -41.62
N ASN C 395 21.30 -19.23 -41.90
CA ASN C 395 22.23 -18.12 -41.75
C ASN C 395 22.64 -17.87 -40.30
N ILE C 396 21.95 -18.48 -39.34
CA ILE C 396 22.27 -18.33 -37.93
C ILE C 396 23.09 -19.49 -37.41
N PHE C 397 22.73 -20.72 -37.78
CA PHE C 397 23.32 -21.92 -37.17
C PHE C 397 24.32 -22.64 -38.05
N LEU C 398 24.48 -22.24 -39.32
CA LEU C 398 25.43 -22.95 -40.18
C LEU C 398 26.83 -22.35 -40.03
N PRO C 399 26.99 -21.03 -39.98
CA PRO C 399 28.32 -20.48 -39.72
C PRO C 399 28.92 -20.96 -38.40
N LEU C 400 28.08 -21.39 -37.46
CA LEU C 400 28.60 -21.96 -36.22
C LEU C 400 29.05 -23.41 -36.41
N PHE C 401 28.24 -24.21 -37.12
CA PHE C 401 28.64 -25.58 -37.40
C PHE C 401 29.91 -25.63 -38.24
N GLU C 402 30.03 -24.72 -39.21
CA GLU C 402 31.21 -24.73 -40.08
C GLU C 402 32.48 -24.46 -39.31
N ALA C 403 32.43 -23.53 -38.35
CA ALA C 403 33.61 -23.21 -37.55
C ALA C 403 33.93 -24.30 -36.54
N THR C 404 32.95 -25.12 -36.16
CA THR C 404 33.23 -26.26 -35.28
C THR C 404 33.93 -27.39 -36.01
N VAL C 405 33.83 -27.43 -37.34
CA VAL C 405 34.42 -28.50 -38.14
C VAL C 405 35.73 -28.05 -38.76
N HIS C 406 35.75 -26.86 -39.36
CA HIS C 406 36.96 -26.27 -39.95
C HIS C 406 37.16 -24.89 -39.33
N PRO C 407 37.80 -24.82 -38.16
CA PRO C 407 38.00 -23.51 -37.50
C PRO C 407 38.65 -22.46 -38.39
N ALA C 408 39.50 -22.86 -39.33
CA ALA C 408 40.18 -21.89 -40.18
C ALA C 408 39.28 -21.29 -41.24
N SER C 409 38.13 -21.93 -41.52
CA SER C 409 37.19 -21.33 -42.47
C SER C 409 36.57 -20.06 -41.89
N HIS C 410 36.37 -20.02 -40.56
CA HIS C 410 35.88 -18.83 -39.86
C HIS C 410 36.82 -18.55 -38.69
N PRO C 411 38.02 -18.06 -38.97
CA PRO C 411 39.02 -17.94 -37.89
C PRO C 411 38.56 -17.09 -36.72
N GLU C 412 37.96 -15.92 -36.99
CA GLU C 412 37.55 -15.04 -35.90
C GLU C 412 36.40 -15.65 -35.11
N LEU C 413 35.42 -16.26 -35.79
CA LEU C 413 34.29 -16.84 -35.10
C LEU C 413 34.72 -17.95 -34.15
N HIS C 414 35.81 -18.66 -34.48
CA HIS C 414 36.30 -19.69 -33.58
C HIS C 414 36.75 -19.11 -32.25
N LEU C 415 37.40 -17.94 -32.28
CA LEU C 415 37.85 -17.30 -31.05
C LEU C 415 36.75 -16.47 -30.40
N PHE C 416 35.81 -15.95 -31.19
CA PHE C 416 34.71 -15.19 -30.62
C PHE C 416 33.70 -16.08 -29.93
N LEU C 417 33.60 -17.35 -30.32
CA LEU C 417 32.64 -18.26 -29.71
C LEU C 417 33.14 -18.87 -28.41
N GLU C 418 34.42 -18.72 -28.09
CA GLU C 418 34.90 -19.13 -26.77
C GLU C 418 34.43 -18.16 -25.68
N HIS C 419 33.95 -16.98 -26.06
CA HIS C 419 33.39 -16.02 -25.13
C HIS C 419 31.88 -15.83 -25.34
N VAL C 420 31.26 -16.66 -26.18
CA VAL C 420 29.82 -16.67 -26.38
C VAL C 420 29.27 -17.93 -25.72
N ASP C 421 28.22 -17.77 -24.91
CA ASP C 421 27.74 -18.86 -24.07
C ASP C 421 26.36 -19.38 -24.45
N GLY C 422 25.64 -18.71 -25.34
CA GLY C 422 24.30 -19.17 -25.66
C GLY C 422 23.58 -18.24 -26.61
N PHE C 423 22.27 -18.49 -26.76
CA PHE C 423 21.42 -17.74 -27.67
C PHE C 423 20.21 -17.23 -26.90
N ASP C 424 19.57 -16.21 -27.45
CA ASP C 424 18.42 -15.57 -26.82
C ASP C 424 17.37 -15.23 -27.88
N SER C 425 16.12 -15.19 -27.46
CA SER C 425 15.00 -14.80 -28.31
C SER C 425 14.48 -13.44 -27.85
N VAL C 426 14.26 -12.54 -28.81
CA VAL C 426 13.91 -11.15 -28.53
C VAL C 426 12.82 -10.71 -29.49
N ASP C 427 11.78 -10.07 -28.94
CA ASP C 427 10.67 -9.53 -29.71
C ASP C 427 9.63 -9.01 -28.73
N ASP C 428 8.59 -8.35 -29.22
CA ASP C 428 7.49 -7.91 -28.36
C ASP C 428 6.64 -9.13 -28.01
N GLU C 429 6.78 -9.62 -26.78
CA GLU C 429 6.01 -10.78 -26.36
C GLU C 429 4.53 -10.47 -26.20
N SER C 430 4.13 -9.20 -26.27
CA SER C 430 2.72 -8.85 -26.24
C SER C 430 1.99 -9.30 -27.49
N LYS C 431 2.72 -9.43 -28.61
CA LYS C 431 2.07 -9.63 -29.89
C LYS C 431 1.24 -10.91 -29.88
N PRO C 432 0.06 -10.90 -30.50
CA PRO C 432 -0.79 -12.10 -30.50
C PRO C 432 -0.21 -13.19 -31.40
N GLU C 433 -0.59 -14.43 -31.11
CA GLU C 433 -0.19 -15.60 -31.87
C GLU C 433 -1.44 -16.26 -32.44
N ASN C 434 -1.49 -16.38 -33.77
CA ASN C 434 -2.63 -16.99 -34.44
C ASN C 434 -2.39 -18.44 -34.84
N HIS C 435 -1.19 -18.95 -34.64
CA HIS C 435 -0.83 -20.30 -35.09
C HIS C 435 -0.24 -21.09 -33.94
N VAL C 436 -0.60 -22.37 -33.86
CA VAL C 436 -0.06 -23.30 -32.88
C VAL C 436 1.03 -24.12 -33.55
N PHE C 437 2.12 -24.35 -32.81
CA PHE C 437 3.27 -25.11 -33.31
C PHE C 437 3.01 -26.59 -33.05
N ASN C 438 2.41 -27.25 -34.03
CA ASN C 438 2.07 -28.66 -33.96
C ASN C 438 2.65 -29.37 -35.18
N LEU C 439 2.42 -30.68 -35.28
CA LEU C 439 2.91 -31.43 -36.42
C LEU C 439 2.21 -31.05 -37.72
N GLU C 440 1.07 -30.37 -37.65
CA GLU C 440 0.38 -29.88 -38.83
C GLU C 440 0.81 -28.47 -39.22
N SER C 441 2.02 -28.05 -38.83
CA SER C 441 2.51 -26.72 -39.12
C SER C 441 3.59 -26.79 -40.19
N PRO C 442 3.72 -25.76 -41.03
CA PRO C 442 4.77 -25.78 -42.06
C PRO C 442 6.15 -25.92 -41.44
N LEU C 443 7.00 -26.70 -42.09
CA LEU C 443 8.38 -26.80 -41.67
C LEU C 443 9.17 -25.60 -42.18
N PRO C 444 10.35 -25.34 -41.62
CA PRO C 444 11.11 -24.16 -42.03
C PRO C 444 11.26 -24.02 -43.53
N GLU C 445 11.37 -25.13 -44.26
CA GLU C 445 11.49 -25.06 -45.71
C GLU C 445 10.15 -24.80 -46.39
N ALA C 446 9.03 -25.05 -45.71
CA ALA C 446 7.71 -24.80 -46.26
C ALA C 446 7.12 -23.48 -45.80
N TRP C 447 7.68 -22.86 -44.77
CA TRP C 447 7.17 -21.59 -44.24
C TRP C 447 7.62 -20.47 -45.17
N VAL C 448 6.84 -20.23 -46.22
CA VAL C 448 7.11 -19.16 -47.17
C VAL C 448 6.11 -18.02 -47.07
N GLU C 449 5.05 -18.17 -46.27
CA GLU C 449 4.09 -17.09 -46.09
C GLU C 449 4.69 -15.97 -45.23
N GLU C 450 4.05 -14.80 -45.30
CA GLU C 450 4.53 -13.63 -44.57
C GLU C 450 4.23 -13.71 -43.07
N ASP C 451 3.44 -14.69 -42.64
CA ASP C 451 3.15 -14.84 -41.23
C ASP C 451 4.43 -15.07 -40.43
N ASN C 452 4.38 -14.72 -39.14
CA ASN C 452 5.51 -14.96 -38.26
C ASN C 452 5.36 -16.30 -37.57
N PRO C 453 6.40 -17.13 -37.51
CA PRO C 453 6.25 -18.41 -36.81
C PRO C 453 5.94 -18.19 -35.35
N PRO C 454 5.21 -19.13 -34.73
CA PRO C 454 4.94 -18.99 -33.29
C PRO C 454 6.22 -18.88 -32.48
N TYR C 455 6.03 -18.59 -31.19
CA TYR C 455 7.17 -18.48 -30.28
C TYR C 455 7.84 -19.83 -30.07
N ALA C 456 7.06 -20.89 -29.87
CA ALA C 456 7.64 -22.22 -29.76
C ALA C 456 8.38 -22.62 -31.03
N TYR C 457 7.93 -22.12 -32.17
CA TYR C 457 8.58 -22.44 -33.44
C TYR C 457 10.03 -21.94 -33.45
N TYR C 458 10.23 -20.67 -33.08
CA TYR C 458 11.59 -20.16 -32.95
C TYR C 458 12.38 -20.92 -31.89
N LEU C 459 11.71 -21.30 -30.80
CA LEU C 459 12.43 -21.89 -29.68
C LEU C 459 12.84 -23.33 -29.98
N TYR C 460 11.99 -24.07 -30.68
CA TYR C 460 12.30 -25.47 -30.94
C TYR C 460 13.47 -25.61 -31.90
N TYR C 461 13.50 -24.82 -32.98
CA TYR C 461 14.56 -24.94 -33.95
C TYR C 461 15.85 -24.24 -33.50
N THR C 462 15.76 -23.36 -32.51
CA THR C 462 16.97 -22.89 -31.84
C THR C 462 17.52 -23.96 -30.91
N PHE C 463 16.62 -24.67 -30.21
CA PHE C 463 17.05 -25.75 -29.33
C PHE C 463 17.65 -26.91 -30.11
N ALA C 464 17.01 -27.29 -31.22
CA ALA C 464 17.48 -28.45 -31.98
C ALA C 464 18.86 -28.20 -32.58
N ASN C 465 19.02 -27.07 -33.29
CA ASN C 465 20.31 -26.78 -33.91
C ASN C 465 21.39 -26.55 -32.86
N MET C 466 21.04 -25.88 -31.75
CA MET C 466 22.01 -25.68 -30.68
C MET C 466 22.43 -27.00 -30.08
N ALA C 467 21.48 -27.92 -29.85
CA ALA C 467 21.80 -29.18 -29.21
C ALA C 467 22.82 -29.98 -30.04
N MET C 468 22.58 -30.07 -31.35
CA MET C 468 23.52 -30.77 -32.22
C MET C 468 24.87 -30.06 -32.25
N LEU C 469 24.85 -28.73 -32.29
CA LEU C 469 26.10 -27.97 -32.28
C LEU C 469 26.89 -28.23 -31.00
N ASN C 470 26.20 -28.29 -29.86
CA ASN C 470 26.89 -28.59 -28.61
C ASN C 470 27.42 -30.02 -28.59
N HIS C 471 26.62 -30.98 -29.06
CA HIS C 471 27.10 -32.35 -29.15
C HIS C 471 28.34 -32.44 -30.02
N LEU C 472 28.36 -31.71 -31.15
CA LEU C 472 29.53 -31.70 -32.01
C LEU C 472 30.69 -30.97 -31.34
N ARG C 473 30.40 -29.82 -30.70
CA ARG C 473 31.46 -29.04 -30.09
C ARG C 473 32.07 -29.75 -28.87
N ARG C 474 31.27 -30.51 -28.13
CA ARG C 474 31.81 -31.24 -26.98
C ARG C 474 32.85 -32.25 -27.42
N GLN C 475 32.59 -32.98 -28.51
CA GLN C 475 33.54 -33.99 -28.97
C GLN C 475 34.88 -33.37 -29.31
N ARG C 476 34.87 -32.19 -29.93
CA ARG C 476 36.09 -31.47 -30.25
C ARG C 476 36.64 -30.68 -29.08
N GLY C 477 36.03 -30.80 -27.90
CA GLY C 477 36.46 -30.04 -26.74
C GLY C 477 36.25 -28.55 -26.88
N PHE C 478 35.13 -28.14 -27.46
CA PHE C 478 34.81 -26.75 -27.69
C PHE C 478 33.86 -26.25 -26.61
N HIS C 479 33.26 -25.08 -26.83
CA HIS C 479 32.41 -24.43 -25.84
C HIS C 479 30.95 -24.83 -26.07
N THR C 480 30.33 -25.42 -25.04
CA THR C 480 28.90 -25.71 -25.07
C THR C 480 28.09 -24.42 -24.94
N PHE C 481 26.89 -24.43 -25.52
CA PHE C 481 26.01 -23.27 -25.53
C PHE C 481 24.72 -23.59 -24.79
N VAL C 482 23.98 -22.51 -24.46
CA VAL C 482 22.74 -22.61 -23.71
C VAL C 482 21.70 -21.71 -24.36
N LEU C 483 20.44 -21.99 -24.04
CA LEU C 483 19.31 -21.20 -24.54
C LEU C 483 18.68 -20.45 -23.37
N ARG C 484 18.65 -19.12 -23.47
CA ARG C 484 18.17 -18.25 -22.39
C ARG C 484 17.20 -17.24 -22.99
N PRO C 485 15.95 -17.63 -23.25
CA PRO C 485 15.03 -16.75 -23.97
C PRO C 485 14.33 -15.74 -23.07
N HIS C 486 13.95 -14.62 -23.69
CA HIS C 486 13.04 -13.66 -23.08
C HIS C 486 11.66 -14.28 -22.97
N CYS C 487 11.35 -14.92 -21.83
CA CYS C 487 10.11 -15.66 -21.66
C CYS C 487 9.36 -15.14 -20.44
N GLY C 488 8.13 -14.66 -20.65
CA GLY C 488 7.23 -14.33 -19.56
C GLY C 488 6.96 -12.85 -19.38
N GLU C 489 7.65 -11.97 -20.09
CA GLU C 489 7.41 -10.54 -19.91
C GLU C 489 5.96 -10.16 -20.20
N ALA C 490 5.32 -10.87 -21.12
CA ALA C 490 3.93 -10.63 -21.48
C ALA C 490 3.50 -11.76 -22.41
N GLY C 491 2.32 -11.63 -23.01
CA GLY C 491 1.86 -12.59 -23.97
C GLY C 491 1.28 -13.83 -23.32
N PRO C 492 1.05 -14.86 -24.12
CA PRO C 492 0.44 -16.09 -23.58
C PRO C 492 1.32 -16.74 -22.52
N ILE C 493 0.67 -17.39 -21.57
CA ILE C 493 1.38 -18.14 -20.54
C ILE C 493 2.05 -19.38 -21.11
N HIS C 494 1.57 -19.88 -22.27
CA HIS C 494 2.13 -21.10 -22.82
C HIS C 494 3.59 -20.92 -23.22
N HIS C 495 4.06 -19.68 -23.39
CA HIS C 495 5.47 -19.46 -23.67
C HIS C 495 6.35 -20.08 -22.60
N LEU C 496 5.88 -20.08 -21.34
CA LEU C 496 6.67 -20.65 -20.26
C LEU C 496 6.70 -22.18 -20.31
N VAL C 497 5.76 -22.81 -21.01
CA VAL C 497 5.84 -24.25 -21.23
C VAL C 497 6.99 -24.56 -22.17
N SER C 498 7.16 -23.74 -23.22
CA SER C 498 8.25 -23.97 -24.16
C SER C 498 9.61 -23.84 -23.47
N ALA C 499 9.77 -22.82 -22.62
CA ALA C 499 11.05 -22.60 -21.95
C ALA C 499 11.29 -23.60 -20.83
N PHE C 500 10.21 -24.09 -20.20
CA PHE C 500 10.38 -25.11 -19.17
C PHE C 500 11.05 -26.35 -19.74
N MET C 501 10.89 -26.60 -21.04
CA MET C 501 11.45 -27.78 -21.68
C MET C 501 12.83 -27.51 -22.28
N LEU C 502 12.98 -26.39 -22.98
CA LEU C 502 14.13 -26.17 -23.84
C LEU C 502 15.12 -25.13 -23.33
N ALA C 503 14.79 -24.39 -22.27
CA ALA C 503 15.59 -23.27 -21.82
C ALA C 503 16.21 -23.57 -20.46
N GLU C 504 17.50 -23.25 -20.32
CA GLU C 504 18.17 -23.39 -19.03
C GLU C 504 17.74 -22.28 -18.08
N ASN C 505 17.81 -21.03 -18.53
CA ASN C 505 17.33 -19.88 -17.78
C ASN C 505 16.36 -19.10 -18.63
N ILE C 506 15.49 -18.34 -17.97
CA ILE C 506 14.59 -17.42 -18.64
C ILE C 506 14.85 -16.02 -18.12
N SER C 507 14.37 -15.04 -18.88
CA SER C 507 14.39 -13.64 -18.47
C SER C 507 12.96 -13.16 -18.27
N HIS C 508 12.80 -12.17 -17.38
CA HIS C 508 11.50 -11.68 -16.98
C HIS C 508 10.75 -12.75 -16.20
N GLY C 509 9.81 -13.45 -16.85
CA GLY C 509 9.02 -14.44 -16.14
C GLY C 509 7.85 -13.88 -15.38
N LEU C 510 7.35 -12.71 -15.78
CA LEU C 510 6.30 -12.03 -15.02
C LEU C 510 4.99 -12.80 -15.00
N LEU C 511 4.77 -13.70 -15.95
CA LEU C 511 3.50 -14.41 -16.06
C LEU C 511 3.48 -15.73 -15.30
N LEU C 512 4.57 -16.11 -14.64
CA LEU C 512 4.53 -17.26 -13.76
C LEU C 512 3.62 -17.04 -12.55
N ARG C 513 3.40 -15.78 -12.16
CA ARG C 513 2.50 -15.49 -11.06
C ARG C 513 1.10 -15.99 -11.34
N LYS C 514 0.68 -16.00 -12.61
CA LYS C 514 -0.64 -16.46 -13.00
C LYS C 514 -0.70 -17.95 -13.31
N ALA C 515 0.41 -18.66 -13.14
CA ALA C 515 0.49 -20.08 -13.47
C ALA C 515 1.02 -20.84 -12.26
N PRO C 516 0.15 -21.22 -11.32
CA PRO C 516 0.63 -21.96 -10.15
C PRO C 516 1.38 -23.23 -10.52
N VAL C 517 0.94 -23.94 -11.56
CA VAL C 517 1.60 -25.17 -11.97
C VAL C 517 3.02 -24.88 -12.42
N LEU C 518 3.19 -23.88 -13.29
CA LEU C 518 4.51 -23.58 -13.84
C LEU C 518 5.46 -23.08 -12.76
N GLN C 519 4.98 -22.18 -11.89
CA GLN C 519 5.86 -21.63 -10.86
C GLN C 519 6.34 -22.73 -9.92
N TYR C 520 5.47 -23.66 -9.57
CA TYR C 520 5.89 -24.79 -8.74
C TYR C 520 6.99 -25.58 -9.42
N LEU C 521 6.86 -25.82 -10.73
CA LEU C 521 7.90 -26.55 -11.46
C LEU C 521 9.17 -25.72 -11.55
N TYR C 522 9.05 -24.42 -11.87
CA TYR C 522 10.23 -23.56 -11.95
C TYR C 522 10.97 -23.53 -10.62
N TYR C 523 10.27 -23.73 -9.51
CA TYR C 523 10.94 -23.81 -8.21
C TYR C 523 11.57 -25.18 -8.01
N LEU C 524 10.80 -26.25 -8.21
CA LEU C 524 11.32 -27.60 -8.03
C LEU C 524 12.46 -27.90 -9.00
N ALA C 525 12.53 -27.20 -10.12
CA ALA C 525 13.63 -27.37 -11.07
C ALA C 525 14.72 -26.32 -10.90
N GLN C 526 14.54 -25.35 -10.00
CA GLN C 526 15.54 -24.32 -9.75
C GLN C 526 15.96 -23.63 -11.04
N ILE C 527 14.98 -23.29 -11.88
CA ILE C 527 15.24 -22.61 -13.13
C ILE C 527 15.51 -21.14 -12.83
N GLY C 528 16.54 -20.58 -13.48
CA GLY C 528 16.94 -19.22 -13.21
C GLY C 528 16.03 -18.23 -13.91
N ILE C 529 15.53 -17.25 -13.17
CA ILE C 529 14.71 -16.18 -13.70
C ILE C 529 15.43 -14.86 -13.44
N ALA C 530 15.95 -14.24 -14.49
CA ALA C 530 16.63 -12.96 -14.38
C ALA C 530 15.63 -11.85 -14.65
N MET C 531 15.25 -11.12 -13.60
CA MET C 531 14.17 -10.15 -13.66
C MET C 531 14.73 -8.73 -13.70
N SER C 532 13.99 -7.84 -14.37
CA SER C 532 14.33 -6.43 -14.48
C SER C 532 13.11 -5.63 -14.05
N PRO C 533 12.84 -5.55 -12.76
CA PRO C 533 11.58 -4.93 -12.31
C PRO C 533 11.42 -3.48 -12.75
N LEU C 534 12.52 -2.75 -12.96
CA LEU C 534 12.41 -1.34 -13.30
C LEU C 534 11.86 -1.16 -14.72
N SER C 535 12.40 -1.92 -15.68
CA SER C 535 11.88 -1.85 -17.04
C SER C 535 10.44 -2.35 -17.12
N ASN C 536 10.08 -3.30 -16.26
CA ASN C 536 8.72 -3.82 -16.25
C ASN C 536 7.73 -2.78 -15.77
N ASN C 537 8.15 -1.91 -14.84
CA ASN C 537 7.24 -0.88 -14.32
C ASN C 537 6.79 0.07 -15.42
N SER C 538 7.72 0.53 -16.25
CA SER C 538 7.42 1.56 -17.23
C SER C 538 6.73 1.04 -18.48
N LEU C 539 6.57 -0.28 -18.63
CA LEU C 539 6.00 -0.84 -19.84
C LEU C 539 4.89 -1.86 -19.58
N PHE C 540 5.05 -2.72 -18.57
CA PHE C 540 4.10 -3.80 -18.36
C PHE C 540 3.54 -3.79 -16.94
N LEU C 541 4.27 -4.39 -15.99
CA LEU C 541 3.78 -4.61 -14.64
C LEU C 541 4.39 -3.59 -13.70
N SER C 542 3.54 -2.93 -12.92
CA SER C 542 4.01 -1.91 -11.99
C SER C 542 4.94 -2.51 -10.94
N TYR C 543 5.83 -1.67 -10.41
CA TYR C 543 6.77 -2.14 -9.39
C TYR C 543 6.04 -2.75 -8.20
N HIS C 544 4.87 -2.22 -7.86
CA HIS C 544 4.09 -2.78 -6.76
C HIS C 544 3.63 -4.20 -7.08
N ARG C 545 3.24 -4.46 -8.33
CA ARG C 545 2.74 -5.77 -8.73
C ARG C 545 3.84 -6.75 -9.09
N ASN C 546 5.09 -6.31 -9.23
CA ASN C 546 6.14 -7.19 -9.71
C ASN C 546 6.27 -8.39 -8.76
N PRO C 547 6.36 -9.61 -9.28
CA PRO C 547 6.39 -10.79 -8.41
C PRO C 547 7.78 -11.20 -7.91
N LEU C 548 8.82 -10.42 -8.22
CA LEU C 548 10.16 -10.72 -7.71
C LEU C 548 10.19 -10.99 -6.22
N PRO C 549 9.56 -10.19 -5.35
CA PRO C 549 9.59 -10.52 -3.92
C PRO C 549 9.04 -11.90 -3.61
N GLU C 550 7.98 -12.31 -4.31
CA GLU C 550 7.35 -13.58 -4.01
C GLU C 550 8.18 -14.75 -4.53
N TYR C 551 8.80 -14.60 -5.70
CA TYR C 551 9.69 -15.63 -6.21
C TYR C 551 10.89 -15.81 -5.28
N LEU C 552 11.49 -14.69 -4.87
CA LEU C 552 12.69 -14.76 -4.03
C LEU C 552 12.36 -15.38 -2.68
N SER C 553 11.21 -15.04 -2.09
CA SER C 553 10.84 -15.59 -0.80
C SER C 553 10.53 -17.08 -0.90
N ARG C 554 9.86 -17.50 -1.97
CA ARG C 554 9.44 -18.89 -2.08
C ARG C 554 10.60 -19.82 -2.40
N GLY C 555 11.66 -19.31 -3.01
CA GLY C 555 12.86 -20.08 -3.28
C GLY C 555 13.27 -20.17 -4.74
N LEU C 556 12.58 -19.49 -5.65
CA LEU C 556 12.98 -19.48 -7.05
C LEU C 556 14.31 -18.75 -7.21
N MET C 557 15.17 -19.30 -8.08
CA MET C 557 16.48 -18.73 -8.31
C MET C 557 16.33 -17.44 -9.12
N VAL C 558 16.08 -16.34 -8.43
CA VAL C 558 15.87 -15.04 -9.06
C VAL C 558 17.14 -14.22 -8.97
N SER C 559 17.30 -13.30 -9.92
CA SER C 559 18.42 -12.37 -9.94
C SER C 559 17.93 -11.06 -10.54
N LEU C 560 18.67 -9.99 -10.25
CA LEU C 560 18.30 -8.65 -10.69
C LEU C 560 19.22 -8.22 -11.83
N SER C 561 18.65 -7.57 -12.83
CA SER C 561 19.39 -7.14 -13.99
C SER C 561 18.78 -5.86 -14.54
N THR C 562 19.59 -5.12 -15.30
CA THR C 562 19.14 -3.91 -15.96
C THR C 562 18.86 -4.25 -17.42
N ASP C 563 17.59 -4.16 -17.82
CA ASP C 563 17.24 -4.44 -19.21
C ASP C 563 17.85 -3.39 -20.12
N ASP C 564 17.45 -2.13 -19.95
CA ASP C 564 18.09 -1.01 -20.63
C ASP C 564 18.87 -0.20 -19.59
N PRO C 565 20.20 -0.16 -19.64
CA PRO C 565 20.96 0.48 -18.56
C PRO C 565 20.93 2.01 -18.58
N LEU C 566 20.21 2.63 -19.52
CA LEU C 566 20.23 4.07 -19.66
C LEU C 566 18.85 4.70 -19.82
N GLN C 567 17.81 3.90 -20.07
CA GLN C 567 16.47 4.46 -20.30
C GLN C 567 15.64 4.48 -19.03
N PHE C 568 15.67 3.41 -18.23
CA PHE C 568 14.89 3.31 -17.01
C PHE C 568 15.72 3.63 -15.76
N HIS C 569 16.96 4.08 -15.94
CA HIS C 569 17.85 4.38 -14.83
C HIS C 569 18.39 5.79 -14.97
N PHE C 570 18.58 6.46 -13.83
CA PHE C 570 19.10 7.82 -13.80
C PHE C 570 20.53 7.92 -13.28
N THR C 571 21.02 6.91 -12.57
CA THR C 571 22.38 6.90 -12.07
C THR C 571 23.34 6.36 -13.11
N LYS C 572 24.63 6.45 -12.80
CA LYS C 572 25.69 5.89 -13.62
C LYS C 572 26.09 4.49 -13.17
N GLU C 573 25.37 3.90 -12.23
CA GLU C 573 25.60 2.54 -11.76
C GLU C 573 24.27 1.79 -11.81
N PRO C 574 23.75 1.55 -13.01
CA PRO C 574 22.36 1.06 -13.12
C PRO C 574 22.10 -0.23 -12.37
N LEU C 575 23.06 -1.15 -12.35
CA LEU C 575 22.84 -2.41 -11.62
C LEU C 575 22.62 -2.16 -10.14
N MET C 576 23.42 -1.27 -9.54
CA MET C 576 23.21 -0.91 -8.15
C MET C 576 21.88 -0.22 -7.96
N GLU C 577 21.53 0.71 -8.86
CA GLU C 577 20.25 1.38 -8.78
C GLU C 577 19.10 0.38 -8.85
N GLU C 578 19.27 -0.71 -9.60
CA GLU C 578 18.26 -1.76 -9.63
C GLU C 578 18.16 -2.46 -8.28
N TYR C 579 19.31 -2.77 -7.68
CA TYR C 579 19.31 -3.38 -6.35
C TYR C 579 18.76 -2.45 -5.28
N SER C 580 18.80 -1.14 -5.52
CA SER C 580 18.32 -0.19 -4.53
C SER C 580 16.79 -0.11 -4.54
N ILE C 581 16.21 0.17 -5.71
CA ILE C 581 14.76 0.31 -5.80
C ILE C 581 14.08 -0.96 -5.27
N ALA C 582 14.63 -2.13 -5.62
CA ALA C 582 14.04 -3.37 -5.15
C ALA C 582 14.27 -3.56 -3.65
N THR C 583 15.48 -3.26 -3.17
CA THR C 583 15.76 -3.42 -1.75
C THR C 583 14.87 -2.52 -0.90
N GLN C 584 14.65 -1.28 -1.35
CA GLN C 584 13.89 -0.31 -0.58
C GLN C 584 12.38 -0.55 -0.72
N VAL C 585 11.90 -0.74 -1.94
CA VAL C 585 10.46 -0.88 -2.16
C VAL C 585 9.92 -2.09 -1.41
N TRP C 586 10.62 -3.22 -1.49
CA TRP C 586 10.23 -4.43 -0.81
C TRP C 586 10.97 -4.63 0.51
N LYS C 587 11.81 -3.68 0.90
CA LYS C 587 12.51 -3.73 2.19
C LYS C 587 13.17 -5.10 2.37
N LEU C 588 14.33 -5.30 1.73
CA LEU C 588 15.02 -6.57 1.71
C LEU C 588 16.23 -6.51 2.64
N SER C 589 16.49 -7.61 3.33
CA SER C 589 17.63 -7.72 4.20
C SER C 589 18.92 -7.80 3.39
N SER C 590 20.06 -7.65 4.07
CA SER C 590 21.34 -7.88 3.43
C SER C 590 21.45 -9.31 2.94
N CYS C 591 20.96 -10.26 3.74
CA CYS C 591 20.93 -11.65 3.29
C CYS C 591 20.09 -11.78 2.02
N ASP C 592 18.96 -11.08 1.97
CA ASP C 592 18.13 -11.09 0.75
C ASP C 592 18.90 -10.53 -0.44
N MET C 593 19.61 -9.42 -0.23
CA MET C 593 20.39 -8.82 -1.32
C MET C 593 21.51 -9.77 -1.76
N CYS C 594 22.28 -10.28 -0.81
CA CYS C 594 23.42 -11.11 -1.15
C CYS C 594 22.98 -12.44 -1.76
N GLU C 595 21.80 -12.93 -1.39
CA GLU C 595 21.29 -14.15 -2.01
C GLU C 595 21.02 -13.93 -3.50
N LEU C 596 20.49 -12.76 -3.86
CA LEU C 596 20.30 -12.43 -5.27
C LEU C 596 21.63 -12.34 -6.00
N ALA C 597 22.64 -11.72 -5.37
CA ALA C 597 23.95 -11.62 -5.99
C ALA C 597 24.55 -12.99 -6.23
N ARG C 598 24.43 -13.89 -5.24
CA ARG C 598 24.87 -15.25 -5.44
C ARG C 598 24.08 -15.93 -6.54
N ASN C 599 22.75 -15.75 -6.55
CA ASN C 599 21.93 -16.27 -7.63
C ASN C 599 22.27 -15.63 -8.97
N SER C 600 22.87 -14.43 -8.96
CA SER C 600 23.28 -13.80 -10.21
C SER C 600 24.50 -14.47 -10.81
N VAL C 601 25.31 -15.15 -10.00
CA VAL C 601 26.53 -15.76 -10.49
C VAL C 601 26.30 -17.23 -10.84
N LEU C 602 25.40 -17.90 -10.12
CA LEU C 602 25.15 -19.32 -10.37
C LEU C 602 24.35 -19.57 -11.63
N MET C 603 23.70 -18.54 -12.18
CA MET C 603 22.96 -18.65 -13.43
C MET C 603 23.64 -17.92 -14.58
N SER C 604 24.92 -17.61 -14.43
CA SER C 604 25.67 -16.86 -15.41
C SER C 604 26.57 -17.79 -16.22
N GLY C 605 27.03 -17.31 -17.37
CA GLY C 605 27.95 -18.05 -18.19
C GLY C 605 29.39 -17.68 -17.93
N PHE C 606 29.92 -18.09 -16.78
CA PHE C 606 31.28 -17.79 -16.36
C PHE C 606 32.03 -19.08 -16.08
N SER C 607 33.35 -19.02 -16.22
CA SER C 607 34.18 -20.21 -16.07
C SER C 607 34.08 -20.77 -14.66
N HIS C 608 34.25 -22.09 -14.55
CA HIS C 608 34.39 -22.70 -13.23
C HIS C 608 35.56 -22.09 -12.46
N LYS C 609 36.61 -21.66 -13.17
CA LYS C 609 37.76 -21.07 -12.50
C LYS C 609 37.42 -19.72 -11.89
N VAL C 610 36.77 -18.85 -12.67
CA VAL C 610 36.42 -17.53 -12.15
C VAL C 610 35.35 -17.64 -11.07
N LYS C 611 34.39 -18.55 -11.27
CA LYS C 611 33.38 -18.77 -10.23
C LYS C 611 34.02 -19.31 -8.96
N SER C 612 35.04 -20.15 -9.09
CA SER C 612 35.74 -20.65 -7.92
C SER C 612 36.36 -19.50 -7.13
N HIS C 613 36.99 -18.56 -7.84
CA HIS C 613 37.49 -17.36 -7.17
C HIS C 613 36.34 -16.52 -6.63
N TRP C 614 35.25 -16.41 -7.40
CA TRP C 614 34.14 -15.54 -7.01
C TRP C 614 33.39 -16.08 -5.81
N LEU C 615 33.04 -17.38 -5.84
CA LEU C 615 32.19 -17.97 -4.83
C LEU C 615 32.90 -19.02 -3.98
N GLY C 616 34.17 -19.33 -4.28
CA GLY C 616 34.91 -20.30 -3.52
C GLY C 616 35.14 -21.58 -4.30
N PRO C 617 36.14 -22.36 -3.90
CA PRO C 617 36.45 -23.58 -4.66
C PRO C 617 35.28 -24.55 -4.76
N ASN C 618 34.38 -24.56 -3.78
CA ASN C 618 33.33 -25.55 -3.69
C ASN C 618 31.95 -24.99 -4.06
N TYR C 619 31.92 -23.97 -4.92
CA TYR C 619 30.64 -23.43 -5.37
C TYR C 619 29.78 -24.51 -6.01
N THR C 620 30.42 -25.50 -6.66
CA THR C 620 29.66 -26.57 -7.30
C THR C 620 28.89 -27.39 -6.28
N LYS C 621 29.42 -27.56 -5.07
CA LYS C 621 28.73 -28.33 -4.05
C LYS C 621 27.37 -27.72 -3.76
N GLU C 622 26.37 -28.59 -3.60
CA GLU C 622 24.99 -28.14 -3.40
C GLU C 622 24.66 -28.07 -1.92
N GLY C 623 24.03 -26.98 -1.51
CA GLY C 623 23.62 -26.79 -0.14
C GLY C 623 24.60 -25.93 0.64
N PRO C 624 24.52 -25.99 1.97
CA PRO C 624 25.45 -25.18 2.78
C PRO C 624 26.90 -25.47 2.51
N GLU C 625 27.24 -26.69 2.08
CA GLU C 625 28.64 -27.04 1.85
C GLU C 625 29.24 -26.28 0.66
N GLY C 626 28.41 -25.68 -0.17
CA GLY C 626 28.87 -24.86 -1.28
C GLY C 626 28.90 -23.37 -1.00
N ASN C 627 28.63 -22.95 0.23
CA ASN C 627 28.56 -21.54 0.59
C ASN C 627 29.72 -21.17 1.50
N ASP C 628 30.43 -20.09 1.14
CA ASP C 628 31.48 -19.51 1.97
C ASP C 628 31.15 -18.05 2.21
N ILE C 629 30.80 -17.71 3.46
CA ILE C 629 30.40 -16.34 3.77
C ILE C 629 31.54 -15.37 3.50
N ARG C 630 32.78 -15.83 3.61
CA ARG C 630 33.93 -14.98 3.32
C ARG C 630 33.96 -14.54 1.86
N ARG C 631 33.23 -15.22 0.98
CA ARG C 631 33.17 -14.86 -0.43
C ARG C 631 31.78 -14.49 -0.92
N THR C 632 30.73 -14.88 -0.19
CA THR C 632 29.35 -14.62 -0.60
C THR C 632 28.64 -13.60 0.28
N ASN C 633 28.96 -13.55 1.57
CA ASN C 633 28.26 -12.74 2.56
C ASN C 633 26.85 -13.28 2.84
N VAL C 634 26.55 -14.49 2.39
CA VAL C 634 25.25 -15.10 2.60
C VAL C 634 25.38 -16.13 3.72
N PRO C 635 24.64 -16.01 4.82
CA PRO C 635 24.77 -16.98 5.90
C PRO C 635 24.44 -18.39 5.44
N ASP C 636 25.18 -19.37 5.98
CA ASP C 636 24.83 -20.76 5.74
C ASP C 636 23.46 -21.11 6.31
N ILE C 637 22.93 -20.27 7.21
CA ILE C 637 21.58 -20.50 7.73
C ILE C 637 20.56 -20.37 6.60
N ARG C 638 20.68 -19.33 5.79
CA ARG C 638 19.75 -19.15 4.68
C ARG C 638 19.95 -20.24 3.63
N VAL C 639 21.20 -20.55 3.29
CA VAL C 639 21.47 -21.61 2.32
C VAL C 639 20.90 -22.94 2.83
N GLY C 640 21.00 -23.18 4.14
CA GLY C 640 20.37 -24.37 4.70
C GLY C 640 18.86 -24.35 4.55
N TYR C 641 18.25 -23.19 4.78
CA TYR C 641 16.79 -23.11 4.66
C TYR C 641 16.33 -23.38 3.24
N ARG C 642 16.97 -22.73 2.26
CA ARG C 642 16.61 -22.95 0.87
C ARG C 642 16.83 -24.41 0.49
N TYR C 643 18.00 -24.95 0.79
CA TYR C 643 18.31 -26.32 0.42
C TYR C 643 17.36 -27.30 1.10
N GLU C 644 17.15 -27.14 2.40
CA GLU C 644 16.26 -28.05 3.12
C GLU C 644 14.83 -27.95 2.60
N THR C 645 14.36 -26.72 2.34
CA THR C 645 12.99 -26.56 1.85
C THR C 645 12.81 -27.23 0.49
N LEU C 646 13.78 -27.05 -0.41
CA LEU C 646 13.69 -27.69 -1.72
C LEU C 646 13.74 -29.21 -1.59
N CYS C 647 14.66 -29.71 -0.77
CA CYS C 647 14.76 -31.16 -0.59
C CYS C 647 13.48 -31.73 0.00
N GLN C 648 12.90 -31.05 0.98
CA GLN C 648 11.65 -31.54 1.58
C GLN C 648 10.51 -31.52 0.56
N GLU C 649 10.42 -30.46 -0.24
CA GLU C 649 9.33 -30.37 -1.21
C GLU C 649 9.50 -31.43 -2.30
N LEU C 650 10.73 -31.65 -2.77
CA LEU C 650 10.96 -32.73 -3.73
C LEU C 650 10.61 -34.08 -3.14
N ALA C 651 10.97 -34.31 -1.87
CA ALA C 651 10.66 -35.58 -1.23
C ALA C 651 9.16 -35.81 -1.16
N LEU C 652 8.39 -34.75 -0.88
CA LEU C 652 6.94 -34.88 -0.84
C LEU C 652 6.41 -35.40 -2.17
N ILE C 653 6.91 -34.87 -3.28
CA ILE C 653 6.42 -35.28 -4.59
C ILE C 653 6.88 -36.70 -4.91
N THR C 654 8.16 -36.99 -4.66
CA THR C 654 8.70 -38.30 -5.02
C THR C 654 8.11 -39.41 -4.16
N GLN C 655 8.06 -39.19 -2.84
CA GLN C 655 7.55 -40.24 -1.94
C GLN C 655 6.10 -40.58 -2.27
N ALA C 656 5.31 -39.56 -2.64
CA ALA C 656 3.92 -39.83 -3.01
C ALA C 656 3.84 -40.78 -4.20
N VAL C 657 4.68 -40.56 -5.22
CA VAL C 657 4.69 -41.44 -6.38
C VAL C 657 5.23 -42.83 -6.03
N GLN C 658 5.91 -42.97 -4.90
CA GLN C 658 6.45 -44.25 -4.48
C GLN C 658 5.50 -45.04 -3.59
N SER C 659 4.35 -44.47 -3.23
CA SER C 659 3.43 -45.11 -2.30
C SER C 659 2.16 -45.61 -2.97
N GLU C 660 1.92 -45.23 -4.23
CA GLU C 660 0.75 -45.70 -4.97
C GLU C 660 0.61 -47.22 -4.90
N GLU D 17 -2.21 27.58 -25.66
CA GLU D 17 -2.66 27.45 -24.28
C GLU D 17 -3.02 25.98 -23.99
N PHE D 18 -3.68 25.74 -22.87
CA PHE D 18 -3.99 24.39 -22.43
C PHE D 18 -5.47 24.30 -22.09
N GLN D 19 -5.96 23.06 -22.02
CA GLN D 19 -7.31 22.83 -21.51
C GLN D 19 -7.44 23.39 -20.10
N ARG D 20 -8.50 24.17 -19.87
CA ARG D 20 -8.72 24.84 -18.61
C ARG D 20 -9.97 24.27 -17.95
N VAL D 21 -9.80 23.72 -16.75
CA VAL D 21 -10.91 23.16 -15.98
C VAL D 21 -11.52 24.28 -15.16
N THR D 22 -12.78 24.59 -15.44
CA THR D 22 -13.48 25.69 -14.79
C THR D 22 -14.78 25.19 -14.18
N ILE D 23 -15.20 25.86 -13.10
CA ILE D 23 -16.41 25.49 -12.38
C ILE D 23 -17.49 26.53 -12.68
N SER D 24 -18.73 26.07 -12.71
CA SER D 24 -19.88 26.91 -13.03
C SER D 24 -20.85 26.93 -11.86
N GLY D 25 -21.52 28.06 -11.69
CA GLY D 25 -22.53 28.20 -10.66
C GLY D 25 -22.04 29.02 -9.48
N GLU D 26 -22.75 28.86 -8.36
CA GLU D 26 -22.46 29.60 -7.13
C GLU D 26 -21.67 28.78 -6.12
N GLU D 27 -22.04 27.50 -5.92
CA GLU D 27 -21.36 26.64 -4.96
C GLU D 27 -20.11 26.02 -5.58
N LYS D 28 -19.24 26.91 -6.09
CA LYS D 28 -17.96 26.46 -6.62
C LYS D 28 -17.06 25.89 -5.54
N CYS D 29 -17.32 26.21 -4.27
CA CYS D 29 -16.58 25.62 -3.16
C CYS D 29 -17.05 24.20 -2.83
N GLY D 30 -18.25 23.82 -3.28
CA GLY D 30 -18.79 22.51 -2.98
C GLY D 30 -19.41 22.34 -1.62
N VAL D 31 -19.45 23.41 -0.81
CA VAL D 31 -20.04 23.35 0.53
C VAL D 31 -20.90 24.58 0.74
N PRO D 32 -21.76 24.60 1.76
CA PRO D 32 -22.53 25.82 2.04
C PRO D 32 -21.62 27.01 2.32
N PHE D 33 -22.06 28.18 1.87
CA PHE D 33 -21.25 29.39 2.04
C PHE D 33 -20.89 29.63 3.51
N THR D 34 -21.76 29.20 4.44
CA THR D 34 -21.42 29.33 5.85
C THR D 34 -20.16 28.55 6.20
N ASP D 35 -20.04 27.32 5.66
CA ASP D 35 -18.82 26.56 5.86
C ASP D 35 -17.62 27.25 5.22
N LEU D 36 -17.79 27.77 4.00
CA LEU D 36 -16.72 28.49 3.34
C LEU D 36 -16.34 29.74 4.13
N LEU D 37 -17.33 30.51 4.58
CA LEU D 37 -17.05 31.72 5.33
C LEU D 37 -16.37 31.39 6.65
N ASP D 38 -16.84 30.35 7.35
CA ASP D 38 -16.21 29.96 8.61
C ASP D 38 -14.77 29.53 8.38
N ALA D 39 -14.53 28.74 7.33
CA ALA D 39 -13.17 28.30 7.04
C ALA D 39 -12.31 29.43 6.52
N ALA D 40 -12.87 30.26 5.63
CA ALA D 40 -12.08 31.33 5.02
C ALA D 40 -11.58 32.31 6.07
N LYS D 41 -12.43 32.70 7.02
CA LYS D 41 -12.01 33.66 8.04
C LYS D 41 -10.84 33.12 8.84
N SER D 42 -10.93 31.86 9.26
CA SER D 42 -9.85 31.27 10.04
C SER D 42 -8.60 31.07 9.19
N VAL D 43 -8.77 30.65 7.94
CA VAL D 43 -7.61 30.46 7.06
C VAL D 43 -6.90 31.79 6.84
N VAL D 44 -7.66 32.85 6.58
CA VAL D 44 -7.05 34.17 6.38
C VAL D 44 -6.35 34.61 7.66
N ARG D 45 -6.98 34.40 8.82
CA ARG D 45 -6.34 34.75 10.08
C ARG D 45 -5.03 34.01 10.25
N ALA D 46 -5.01 32.71 9.93
CA ALA D 46 -3.77 31.94 10.01
C ALA D 46 -2.72 32.48 9.04
N LEU D 47 -3.14 32.85 7.83
CA LEU D 47 -2.19 33.36 6.84
C LEU D 47 -1.60 34.70 7.28
N PHE D 48 -2.39 35.53 7.97
CA PHE D 48 -1.85 36.77 8.51
C PHE D 48 -0.83 36.50 9.62
N ILE D 49 -1.05 35.45 10.42
CA ILE D 49 -0.12 35.13 11.49
C ILE D 49 1.26 34.84 10.93
N ARG D 50 1.31 34.02 9.87
CA ARG D 50 2.60 33.72 9.25
C ARG D 50 3.22 34.97 8.65
N GLU D 51 2.42 35.76 7.94
CA GLU D 51 2.95 36.97 7.30
C GLU D 51 3.57 37.90 8.33
N LYS D 52 3.00 37.96 9.53
CA LYS D 52 3.55 38.81 10.58
C LYS D 52 4.92 38.33 11.02
N TYR D 53 5.04 37.03 11.33
CA TYR D 53 6.31 36.51 11.84
C TYR D 53 7.37 36.39 10.76
N MET D 54 6.97 36.32 9.49
CA MET D 54 7.97 36.35 8.42
C MET D 54 8.55 37.75 8.25
N ALA D 55 7.69 38.77 8.28
CA ALA D 55 8.18 40.14 8.16
C ALA D 55 9.05 40.51 9.35
N LEU D 56 8.64 40.14 10.56
CA LEU D 56 9.45 40.40 11.74
C LEU D 56 10.80 39.71 11.65
N SER D 57 10.86 38.55 11.00
CA SER D 57 12.08 37.77 10.88
C SER D 57 12.91 38.11 9.65
N LEU D 58 12.43 39.02 8.81
CA LEU D 58 13.08 39.30 7.53
C LEU D 58 13.22 38.02 6.71
N GLN D 59 12.20 37.18 6.77
CA GLN D 59 12.11 35.97 5.97
C GLN D 59 11.14 36.22 4.82
N SER D 60 10.78 35.15 4.10
CA SER D 60 10.02 35.28 2.86
C SER D 60 8.60 34.77 3.07
N PHE D 61 7.65 35.45 2.43
CA PHE D 61 6.26 35.06 2.41
C PHE D 61 5.77 35.09 0.97
N CYS D 62 4.89 34.16 0.62
CA CYS D 62 4.51 33.99 -0.77
C CYS D 62 3.95 35.30 -1.33
N PRO D 63 4.50 35.83 -2.43
CA PRO D 63 4.00 37.11 -2.93
C PRO D 63 2.54 37.07 -3.33
N THR D 64 2.12 36.02 -4.03
CA THR D 64 0.73 35.91 -4.46
C THR D 64 -0.20 35.84 -3.25
N THR D 65 0.19 35.10 -2.22
CA THR D 65 -0.62 35.03 -1.01
C THR D 65 -0.72 36.39 -0.35
N ARG D 66 0.37 37.14 -0.31
CA ARG D 66 0.36 38.48 0.28
C ARG D 66 -0.55 39.41 -0.49
N ARG D 67 -0.53 39.33 -1.83
CA ARG D 67 -1.37 40.22 -2.63
C ARG D 67 -2.85 40.06 -2.28
N TYR D 68 -3.31 38.82 -2.16
CA TYR D 68 -4.69 38.59 -1.76
C TYR D 68 -4.94 39.08 -0.34
N LEU D 69 -3.96 38.92 0.55
CA LEU D 69 -4.14 39.33 1.93
C LEU D 69 -4.26 40.85 2.05
N GLN D 70 -3.55 41.60 1.21
CA GLN D 70 -3.58 43.06 1.30
C GLN D 70 -4.96 43.62 1.01
N GLN D 71 -5.79 42.89 0.27
CA GLN D 71 -7.14 43.35 -0.05
C GLN D 71 -8.14 43.02 1.03
N LEU D 72 -7.74 42.29 2.07
CA LEU D 72 -8.58 42.02 3.23
C LEU D 72 -8.03 42.67 4.50
N ALA D 73 -7.02 43.54 4.37
CA ALA D 73 -6.33 44.11 5.51
C ALA D 73 -6.52 45.62 5.53
N GLU D 74 -6.57 46.18 6.73
CA GLU D 74 -6.69 47.62 6.91
C GLU D 74 -5.35 48.31 7.08
N LYS D 75 -4.25 47.59 6.97
CA LYS D 75 -2.90 48.15 6.98
C LYS D 75 -2.10 47.56 5.84
N PRO D 76 -1.14 48.29 5.30
CA PRO D 76 -0.23 47.69 4.30
C PRO D 76 0.62 46.59 4.92
N LEU D 77 0.92 45.59 4.12
CA LEU D 77 1.66 44.42 4.59
C LEU D 77 3.16 44.70 4.56
N GLU D 78 3.84 44.30 5.63
CA GLU D 78 5.25 44.64 5.82
C GLU D 78 6.19 43.88 4.90
N THR D 79 5.71 42.83 4.23
CA THR D 79 6.55 42.02 3.35
C THR D 79 6.49 42.60 1.93
N ARG D 80 7.64 43.00 1.41
CA ARG D 80 7.73 43.48 0.04
C ARG D 80 9.16 43.27 -0.46
N THR D 81 9.28 43.07 -1.77
CA THR D 81 10.57 42.83 -2.40
C THR D 81 11.14 41.48 -1.97
N GLN D 103 39.69 35.98 -5.12
CA GLN D 103 38.91 34.96 -5.81
C GLN D 103 38.22 34.04 -4.79
N HIS D 104 38.99 33.14 -4.20
CA HIS D 104 38.44 32.24 -3.19
C HIS D 104 38.04 33.05 -1.96
N PRO D 105 36.80 32.92 -1.49
CA PRO D 105 36.35 33.81 -0.40
C PRO D 105 37.16 33.66 0.88
N TYR D 106 37.60 32.44 1.20
CA TYR D 106 38.33 32.19 2.44
C TYR D 106 39.84 32.26 2.26
N GLU D 107 40.32 32.97 1.23
CA GLU D 107 41.75 32.97 0.94
C GLU D 107 42.51 33.90 1.87
N HIS D 108 42.11 35.17 1.90
CA HIS D 108 42.80 36.19 2.68
C HIS D 108 41.85 36.78 3.70
N CYS D 109 42.26 36.77 4.97
CA CYS D 109 41.44 37.23 6.09
C CYS D 109 42.17 38.39 6.74
N GLU D 110 41.85 39.61 6.30
CA GLU D 110 42.44 40.82 6.85
C GLU D 110 41.39 41.60 7.62
N PRO D 111 41.41 41.59 8.96
CA PRO D 111 40.40 42.35 9.72
C PRO D 111 40.39 43.83 9.40
N SER D 112 41.54 44.42 9.07
CA SER D 112 41.57 45.85 8.79
C SER D 112 40.72 46.21 7.58
N THR D 113 40.49 45.26 6.67
CA THR D 113 39.59 45.49 5.55
C THR D 113 38.14 45.19 5.87
N MET D 114 37.88 44.48 6.98
CA MET D 114 36.52 44.14 7.34
C MET D 114 35.76 45.38 7.80
N PRO D 115 34.43 45.33 7.82
CA PRO D 115 33.66 46.48 8.28
C PRO D 115 34.00 46.84 9.72
N GLY D 116 33.74 48.10 10.07
CA GLY D 116 34.14 48.61 11.36
C GLY D 116 33.24 48.11 12.50
N ASP D 117 33.72 48.35 13.72
CA ASP D 117 32.97 48.04 14.93
C ASP D 117 32.15 49.24 15.35
N LEU D 118 30.84 49.03 15.53
CA LEU D 118 29.94 50.10 15.92
C LEU D 118 29.83 50.25 17.44
N GLY D 119 30.47 49.37 18.21
CA GLY D 119 30.48 49.51 19.65
C GLY D 119 29.19 49.16 20.35
N LEU D 120 28.25 48.53 19.65
CA LEU D 120 26.97 48.19 20.26
C LEU D 120 27.16 47.15 21.36
N GLY D 121 26.32 47.23 22.39
CA GLY D 121 26.35 46.31 23.50
C GLY D 121 25.28 45.25 23.33
N LEU D 122 25.57 44.05 23.83
CA LEU D 122 24.70 42.90 23.64
C LEU D 122 24.39 42.26 24.99
N ARG D 123 23.12 41.95 25.22
CA ARG D 123 22.69 41.23 26.40
C ARG D 123 21.46 40.41 26.04
N MET D 124 21.33 39.24 26.65
CA MET D 124 20.18 38.38 26.45
C MET D 124 19.20 38.59 27.60
N VAL D 125 18.01 39.09 27.28
CA VAL D 125 16.96 39.35 28.26
C VAL D 125 15.78 38.46 27.92
N ARG D 126 15.41 37.58 28.85
CA ARG D 126 14.26 36.70 28.70
C ARG D 126 14.32 35.94 27.39
N GLY D 127 15.51 35.42 27.07
CA GLY D 127 15.69 34.59 25.90
C GLY D 127 16.26 35.32 24.70
N VAL D 128 15.66 36.45 24.35
CA VAL D 128 16.08 37.20 23.16
C VAL D 128 17.29 38.05 23.48
N VAL D 129 18.12 38.29 22.47
CA VAL D 129 19.30 39.13 22.60
C VAL D 129 18.92 40.57 22.26
N HIS D 130 19.25 41.49 23.16
CA HIS D 130 18.95 42.91 22.98
C HIS D 130 20.23 43.67 22.70
N VAL D 131 20.19 44.55 21.70
CA VAL D 131 21.33 45.34 21.28
C VAL D 131 21.19 46.73 21.88
N TYR D 132 22.24 47.19 22.55
CA TYR D 132 22.22 48.45 23.27
C TYR D 132 23.17 49.46 22.63
N THR D 133 22.88 50.73 22.85
CA THR D 133 23.60 51.79 22.15
C THR D 133 25.11 51.69 22.34
N ARG D 134 25.56 51.23 23.51
CA ARG D 134 26.99 51.09 23.75
C ARG D 134 27.18 50.08 24.87
N ARG D 135 28.41 49.54 24.94
CA ARG D 135 28.79 48.59 25.98
C ARG D 135 29.60 49.24 27.10
N GLU D 136 30.35 50.30 26.81
CA GLU D 136 31.14 51.02 27.79
C GLU D 136 30.32 52.16 28.38
N PRO D 137 30.76 52.72 29.52
CA PRO D 137 30.06 53.89 30.08
C PRO D 137 29.84 54.98 29.05
N ASP D 138 28.58 55.26 28.72
CA ASP D 138 28.21 56.26 27.73
C ASP D 138 27.15 57.18 28.33
N GLU D 139 26.70 58.16 27.55
CA GLU D 139 25.62 59.03 27.99
C GLU D 139 24.38 58.22 28.36
N HIS D 140 24.01 57.26 27.50
CA HIS D 140 22.86 56.41 27.76
C HIS D 140 23.06 55.11 26.99
N CYS D 141 23.15 53.99 27.71
CA CYS D 141 23.15 52.67 27.09
C CYS D 141 21.71 52.28 26.71
N SER D 142 21.14 53.07 25.82
CA SER D 142 19.75 52.89 25.44
C SER D 142 19.58 51.62 24.62
N GLU D 143 18.47 50.92 24.87
CA GLU D 143 18.12 49.77 24.06
C GLU D 143 17.89 50.18 22.61
N VAL D 144 18.52 49.45 21.69
CA VAL D 144 18.29 49.70 20.27
C VAL D 144 16.89 49.21 19.91
N GLU D 145 16.11 50.06 19.27
CA GLU D 145 14.70 49.77 19.04
C GLU D 145 14.50 48.70 17.98
N LEU D 146 15.03 47.50 18.23
CA LEU D 146 14.72 46.37 17.37
C LEU D 146 13.33 45.84 17.69
N PRO D 147 12.64 45.23 16.71
CA PRO D 147 11.26 44.76 16.97
C PRO D 147 11.25 43.48 17.79
N TYR D 148 11.54 43.62 19.08
CA TYR D 148 11.72 42.45 19.93
C TYR D 148 10.41 41.68 20.03
N PRO D 149 10.44 40.34 19.99
CA PRO D 149 9.20 39.58 20.06
C PRO D 149 8.52 39.70 21.42
N ASP D 150 7.21 39.47 21.40
CA ASP D 150 6.40 39.40 22.62
C ASP D 150 5.84 37.99 22.73
N LEU D 151 6.17 37.32 23.84
CA LEU D 151 5.77 35.92 23.99
C LEU D 151 4.25 35.78 24.16
N GLN D 152 3.63 36.72 24.86
CA GLN D 152 2.19 36.61 25.08
C GLN D 152 1.43 36.64 23.77
N GLU D 153 1.85 37.49 22.84
CA GLU D 153 1.22 37.51 21.52
C GLU D 153 1.43 36.19 20.79
N PHE D 154 2.63 35.61 20.92
CA PHE D 154 2.92 34.34 20.27
C PHE D 154 2.02 33.23 20.80
N VAL D 155 1.88 33.14 22.12
CA VAL D 155 1.05 32.08 22.69
C VAL D 155 -0.40 32.27 22.27
N ALA D 156 -0.87 33.52 22.20
CA ALA D 156 -2.22 33.77 21.72
C ALA D 156 -2.38 33.32 20.27
N ASP D 157 -1.40 33.66 19.43
CA ASP D 157 -1.44 33.22 18.03
C ASP D 157 -1.38 31.70 17.94
N VAL D 158 -0.54 31.06 18.75
CA VAL D 158 -0.43 29.61 18.72
C VAL D 158 -1.77 28.97 19.09
N ASN D 159 -2.41 29.47 20.14
CA ASN D 159 -3.65 28.88 20.61
C ASN D 159 -4.80 29.09 19.64
N VAL D 160 -4.74 30.13 18.79
CA VAL D 160 -5.74 30.28 17.74
C VAL D 160 -5.57 29.18 16.69
N LEU D 161 -4.33 28.98 16.23
CA LEU D 161 -4.07 27.92 15.26
C LEU D 161 -4.30 26.55 15.88
N MET D 162 -3.89 26.36 17.14
CA MET D 162 -4.07 25.07 17.78
C MET D 162 -5.53 24.67 17.86
N ALA D 163 -6.44 25.64 17.86
CA ALA D 163 -7.87 25.36 17.80
C ALA D 163 -8.38 25.26 16.37
N LEU D 164 -7.68 25.87 15.41
CA LEU D 164 -8.08 25.78 14.01
C LEU D 164 -7.84 24.38 13.45
N ILE D 165 -6.78 23.70 13.90
CA ILE D 165 -6.42 22.39 13.37
C ILE D 165 -7.23 21.30 14.05
N ILE D 166 -8.18 21.69 14.90
CA ILE D 166 -9.05 20.76 15.61
C ILE D 166 -10.52 21.00 15.29
N ASN D 167 -10.83 21.97 14.43
CA ASN D 167 -12.22 22.29 14.12
C ASN D 167 -12.70 21.37 13.01
N GLY D 168 -13.69 20.52 13.32
CA GLY D 168 -14.21 19.58 12.36
C GLY D 168 -14.78 20.22 11.12
N PRO D 169 -15.64 21.24 11.31
CA PRO D 169 -16.20 21.92 10.13
C PRO D 169 -15.14 22.45 9.17
N ILE D 170 -14.11 23.11 9.70
CA ILE D 170 -13.04 23.63 8.85
C ILE D 170 -12.22 22.47 8.30
N LYS D 171 -11.98 21.44 9.11
CA LYS D 171 -11.21 20.30 8.62
C LYS D 171 -11.90 19.63 7.44
N SER D 172 -13.23 19.48 7.51
CA SER D 172 -13.96 18.90 6.39
C SER D 172 -13.85 19.76 5.15
N PHE D 173 -13.98 21.08 5.30
CA PHE D 173 -13.86 21.98 4.14
C PHE D 173 -12.48 21.89 3.52
N CYS D 174 -11.43 21.92 4.35
CA CYS D 174 -10.08 21.82 3.84
C CYS D 174 -9.86 20.48 3.15
N TYR D 175 -10.39 19.40 3.72
CA TYR D 175 -10.20 18.08 3.14
C TYR D 175 -10.80 18.02 1.73
N ARG D 176 -12.00 18.58 1.54
CA ARG D 176 -12.62 18.54 0.23
C ARG D 176 -11.81 19.34 -0.79
N ARG D 177 -11.32 20.52 -0.40
CA ARG D 177 -10.55 21.33 -1.34
C ARG D 177 -9.23 20.66 -1.71
N LEU D 178 -8.60 19.97 -0.76
CA LEU D 178 -7.40 19.21 -1.09
C LEU D 178 -7.72 18.12 -2.11
N GLN D 179 -8.86 17.45 -1.96
CA GLN D 179 -9.29 16.48 -2.95
C GLN D 179 -9.54 17.14 -4.29
N TYR D 180 -10.14 18.33 -4.28
CA TYR D 180 -10.39 19.05 -5.53
C TYR D 180 -9.09 19.35 -6.26
N LEU D 181 -8.06 19.77 -5.52
CA LEU D 181 -6.77 20.03 -6.15
C LEU D 181 -6.20 18.77 -6.80
N SER D 182 -6.47 17.60 -6.21
CA SER D 182 -6.01 16.35 -6.81
C SER D 182 -6.76 16.06 -8.11
N SER D 183 -8.09 16.18 -8.09
CA SER D 183 -8.87 15.93 -9.29
C SER D 183 -8.50 16.91 -10.41
N LYS D 184 -8.32 18.19 -10.06
CA LYS D 184 -7.96 19.18 -11.07
C LYS D 184 -6.64 18.82 -11.74
N PHE D 185 -5.68 18.30 -10.97
CA PHE D 185 -4.41 17.88 -11.57
C PHE D 185 -4.59 16.69 -12.48
N GLN D 186 -5.47 15.75 -12.11
CA GLN D 186 -5.73 14.60 -12.96
C GLN D 186 -6.32 15.05 -14.31
N MET D 187 -7.23 16.01 -14.27
CA MET D 187 -7.77 16.57 -15.51
C MET D 187 -6.67 17.22 -16.34
N HIS D 188 -5.78 17.98 -15.68
CA HIS D 188 -4.75 18.69 -16.42
C HIS D 188 -3.83 17.72 -17.16
N VAL D 189 -3.41 16.65 -16.50
CA VAL D 189 -2.53 15.69 -17.15
C VAL D 189 -3.27 14.92 -18.23
N LEU D 190 -4.50 14.47 -17.93
CA LEU D 190 -5.27 13.74 -18.92
C LEU D 190 -5.54 14.57 -20.17
N LEU D 191 -5.62 15.90 -20.01
CA LEU D 191 -5.97 16.77 -21.12
C LEU D 191 -4.80 17.55 -21.69
N ASN D 192 -3.71 17.70 -20.94
CA ASN D 192 -2.59 18.52 -21.39
C ASN D 192 -1.23 17.87 -21.17
N GLU D 193 -1.18 16.58 -20.83
CA GLU D 193 0.11 15.91 -20.69
C GLU D 193 0.88 15.93 -22.00
N MET D 194 0.21 15.67 -23.13
CA MET D 194 0.91 15.63 -24.41
C MET D 194 1.31 17.03 -24.86
N LYS D 195 0.45 18.03 -24.65
CA LYS D 195 0.84 19.40 -24.92
C LYS D 195 2.11 19.76 -24.16
N GLU D 196 2.16 19.40 -22.88
CA GLU D 196 3.36 19.68 -22.08
C GLU D 196 4.57 18.94 -22.61
N LEU D 197 4.40 17.66 -22.96
CA LEU D 197 5.53 16.87 -23.43
C LEU D 197 6.06 17.42 -24.75
N ALA D 198 5.17 17.90 -25.61
CA ALA D 198 5.61 18.49 -26.88
C ALA D 198 6.50 19.71 -26.63
N ALA D 199 6.12 20.57 -25.69
CA ALA D 199 6.90 21.76 -25.41
C ALA D 199 8.29 21.38 -24.90
N GLN D 200 8.38 20.38 -24.03
CA GLN D 200 9.67 19.92 -23.54
C GLN D 200 10.53 19.37 -24.66
N LYS D 201 9.93 18.94 -25.77
CA LYS D 201 10.70 18.43 -26.90
C LYS D 201 11.11 19.53 -27.86
N LYS D 202 10.37 20.64 -27.92
CA LYS D 202 10.76 21.75 -28.77
C LYS D 202 12.02 22.45 -28.29
N VAL D 203 12.49 22.11 -27.09
CA VAL D 203 13.76 22.63 -26.57
C VAL D 203 14.61 21.44 -26.17
N PRO D 204 15.17 20.68 -27.12
CA PRO D 204 15.94 19.49 -26.76
C PRO D 204 17.20 19.80 -25.97
N HIS D 205 17.65 21.06 -26.00
CA HIS D 205 18.87 21.42 -25.27
C HIS D 205 18.73 21.24 -23.77
N ARG D 206 17.51 21.11 -23.25
CA ARG D 206 17.28 20.94 -21.82
C ARG D 206 16.63 19.59 -21.56
N ASP D 207 17.19 18.86 -20.60
CA ASP D 207 16.62 17.63 -20.08
C ASP D 207 16.87 17.59 -18.58
N PHE D 208 16.46 16.51 -17.94
CA PHE D 208 16.63 16.41 -16.49
C PHE D 208 18.11 16.50 -16.08
N TYR D 209 19.02 16.16 -16.98
CA TYR D 209 20.44 16.19 -16.67
C TYR D 209 21.09 17.55 -16.96
N ASN D 210 20.43 18.42 -17.72
CA ASN D 210 20.92 19.75 -18.02
C ASN D 210 20.24 20.83 -17.21
N ILE D 211 19.38 20.47 -16.26
CA ILE D 211 18.69 21.43 -15.41
C ILE D 211 19.32 21.41 -14.03
N ARG D 212 19.46 22.59 -13.44
CA ARG D 212 20.09 22.70 -12.13
C ARG D 212 19.17 22.11 -11.07
N LYS D 213 19.77 21.33 -10.17
CA LYS D 213 19.04 20.69 -9.08
C LYS D 213 19.80 20.90 -7.79
N VAL D 214 19.06 21.02 -6.69
CA VAL D 214 19.62 21.27 -5.38
C VAL D 214 19.17 20.18 -4.42
N ASP D 215 20.11 19.63 -3.66
CA ASP D 215 19.80 18.71 -2.57
C ASP D 215 19.49 19.57 -1.36
N THR D 216 18.19 19.73 -1.07
CA THR D 216 17.73 20.74 -0.13
C THR D 216 17.74 20.27 1.32
N HIS D 217 18.14 19.04 1.59
CA HIS D 217 18.17 18.55 2.97
C HIS D 217 19.16 17.38 3.08
N ILE D 218 20.44 17.70 3.21
CA ILE D 218 21.50 16.70 3.31
C ILE D 218 22.40 17.07 4.48
N HIS D 219 22.70 16.09 5.32
CA HIS D 219 23.52 16.31 6.51
C HIS D 219 24.98 16.02 6.22
N ALA D 220 25.84 17.00 6.51
CA ALA D 220 27.25 16.88 6.15
C ALA D 220 27.92 15.73 6.89
N SER D 221 27.63 15.58 8.18
CA SER D 221 28.25 14.50 8.95
C SER D 221 27.92 13.13 8.37
N SER D 222 26.84 13.02 7.60
CA SER D 222 26.46 11.79 6.94
C SER D 222 27.19 11.59 5.62
N CYS D 223 28.02 12.54 5.20
CA CYS D 223 28.86 12.40 4.01
C CYS D 223 30.14 11.61 4.26
N MET D 224 30.30 11.03 5.45
CA MET D 224 31.52 10.31 5.80
C MET D 224 31.24 8.81 5.80
N ASN D 225 32.24 8.05 5.35
CA ASN D 225 32.15 6.59 5.36
C ASN D 225 32.35 6.09 6.78
N GLN D 226 31.43 5.22 7.24
CA GLN D 226 31.55 4.66 8.58
C GLN D 226 32.89 3.93 8.74
N LYS D 227 33.20 3.04 7.80
CA LYS D 227 34.40 2.23 7.93
C LYS D 227 35.66 3.10 7.87
N HIS D 228 35.70 4.03 6.91
CA HIS D 228 36.89 4.89 6.79
C HIS D 228 37.07 5.76 8.02
N LEU D 229 35.98 6.31 8.55
CA LEU D 229 36.05 7.12 9.76
C LEU D 229 36.22 6.26 11.00
N LEU D 230 35.69 5.04 10.99
CA LEU D 230 35.86 4.16 12.15
C LEU D 230 37.32 3.82 12.35
N ARG D 231 38.04 3.50 11.26
CA ARG D 231 39.47 3.24 11.35
C ARG D 231 40.30 4.53 11.35
N PHE D 232 39.68 5.68 11.08
CA PHE D 232 40.41 6.94 11.14
C PHE D 232 40.99 7.21 12.53
N ILE D 233 40.42 6.58 13.56
CA ILE D 233 41.01 6.68 14.90
C ILE D 233 42.42 6.12 14.92
N LYS D 234 42.69 5.11 14.08
CA LYS D 234 44.00 4.44 14.06
C LYS D 234 44.33 3.83 15.41
N ARG D 235 43.31 3.33 16.11
CA ARG D 235 43.50 2.74 17.43
C ARG D 235 44.51 1.59 17.39
N GLY D 297 27.17 7.25 18.23
CA GLY D 297 28.22 7.63 17.30
C GLY D 297 28.29 9.13 17.10
N GLU D 298 27.13 9.77 16.96
CA GLU D 298 27.11 11.23 16.87
C GLU D 298 27.67 11.85 18.13
N SER D 299 27.56 11.17 19.28
CA SER D 299 28.10 11.71 20.51
C SER D 299 29.62 11.84 20.42
N VAL D 300 30.30 10.78 19.98
CA VAL D 300 31.75 10.83 19.83
C VAL D 300 32.15 11.97 18.91
N LEU D 301 31.45 12.10 17.78
CA LEU D 301 31.76 13.14 16.81
C LEU D 301 31.54 14.52 17.41
N ARG D 302 30.46 14.68 18.20
CA ARG D 302 30.23 15.96 18.87
C ARG D 302 31.41 16.34 19.74
N GLU D 303 31.94 15.39 20.51
CA GLU D 303 33.03 15.70 21.42
C GLU D 303 34.34 15.92 20.68
N ILE D 304 34.50 15.31 19.51
CA ILE D 304 35.70 15.53 18.70
C ILE D 304 35.71 16.92 18.08
N PHE D 305 34.62 17.68 18.25
CA PHE D 305 34.53 19.05 17.78
C PHE D 305 34.59 20.06 18.91
N ILE D 306 34.24 19.65 20.13
CA ILE D 306 34.17 20.58 21.26
C ILE D 306 35.35 20.42 22.21
N LYS D 307 35.86 19.20 22.39
CA LYS D 307 36.89 18.91 23.36
C LYS D 307 38.31 18.94 22.79
N THR D 308 38.46 19.28 21.51
CA THR D 308 39.77 19.19 20.87
C THR D 308 39.90 20.26 19.80
N ASP D 309 41.14 20.49 19.38
CA ASP D 309 41.44 21.51 18.38
C ASP D 309 40.80 21.22 17.04
N ASN D 310 40.39 19.97 16.80
CA ASN D 310 39.81 19.57 15.52
C ASN D 310 40.81 19.73 14.38
N ARG D 311 42.09 19.49 14.67
CA ARG D 311 43.12 19.56 13.63
C ARG D 311 43.13 18.29 12.80
N VAL D 312 43.29 17.13 13.45
CA VAL D 312 43.14 15.87 12.74
C VAL D 312 41.70 15.68 12.28
N SER D 313 40.74 16.06 13.11
CA SER D 313 39.34 15.87 12.78
C SER D 313 38.92 16.78 11.62
N GLY D 314 39.30 18.06 11.70
CA GLY D 314 38.92 18.99 10.64
C GLY D 314 39.58 18.65 9.32
N LYS D 315 40.87 18.35 9.35
CA LYS D 315 41.59 18.02 8.12
C LYS D 315 40.99 16.78 7.46
N TYR D 316 40.42 15.87 8.25
CA TYR D 316 39.82 14.66 7.72
C TYR D 316 38.39 14.91 7.25
N PHE D 317 37.57 15.55 8.09
CA PHE D 317 36.22 15.88 7.69
C PHE D 317 36.18 16.91 6.57
N ALA D 318 37.22 17.75 6.48
CA ALA D 318 37.27 18.73 5.40
C ALA D 318 37.47 18.07 4.04
N HIS D 319 38.38 17.08 3.97
CA HIS D 319 38.61 16.39 2.71
C HIS D 319 37.36 15.65 2.27
N ILE D 320 36.71 14.93 3.19
CA ILE D 320 35.54 14.14 2.83
C ILE D 320 34.40 15.03 2.35
N ILE D 321 34.33 16.25 2.83
CA ILE D 321 33.32 17.20 2.37
C ILE D 321 33.80 17.93 1.12
N LYS D 322 35.09 18.24 1.05
CA LYS D 322 35.62 18.91 -0.15
C LYS D 322 35.67 17.94 -1.33
N GLU D 323 35.76 16.64 -1.07
CA GLU D 323 35.59 15.66 -2.14
C GLU D 323 34.18 15.72 -2.71
N VAL D 324 33.17 15.82 -1.84
CA VAL D 324 31.80 15.96 -2.31
C VAL D 324 31.63 17.24 -3.10
N MET D 325 32.38 18.29 -2.73
CA MET D 325 32.29 19.55 -3.45
C MET D 325 32.73 19.40 -4.90
N SER D 326 33.83 18.69 -5.14
CA SER D 326 34.30 18.50 -6.51
C SER D 326 33.39 17.55 -7.28
N ASP D 327 32.90 16.49 -6.62
CA ASP D 327 31.95 15.60 -7.27
C ASP D 327 30.71 16.33 -7.74
N LEU D 328 30.32 17.40 -7.03
CA LEU D 328 29.20 18.22 -7.45
C LEU D 328 29.62 19.23 -8.51
N GLU D 329 30.83 19.80 -8.37
CA GLU D 329 31.30 20.76 -9.38
C GLU D 329 31.48 20.10 -10.74
N GLU D 330 31.97 18.86 -10.76
CA GLU D 330 32.04 18.13 -12.02
C GLU D 330 30.65 17.92 -12.61
N SER D 331 29.68 17.55 -11.77
CA SER D 331 28.32 17.39 -12.25
C SER D 331 27.77 18.69 -12.81
N LYS D 332 28.22 19.83 -12.27
CA LYS D 332 27.77 21.16 -12.70
C LYS D 332 26.34 21.44 -12.28
N TYR D 333 25.42 20.49 -12.50
CA TYR D 333 23.99 20.72 -12.35
C TYR D 333 23.43 20.15 -11.05
N GLN D 334 24.27 19.63 -10.16
CA GLN D 334 23.83 19.11 -8.87
C GLN D 334 24.50 19.90 -7.76
N ASN D 335 23.68 20.54 -6.93
CA ASN D 335 24.14 21.33 -5.81
C ASN D 335 23.47 20.83 -4.53
N ALA D 336 24.08 21.15 -3.39
CA ALA D 336 23.61 20.64 -2.11
C ALA D 336 23.63 21.76 -1.07
N GLU D 337 22.76 21.62 -0.07
CA GLU D 337 22.71 22.50 1.08
C GLU D 337 23.02 21.64 2.30
N LEU D 338 24.28 21.64 2.72
CA LEU D 338 24.74 20.71 3.74
C LEU D 338 24.53 21.29 5.14
N ARG D 339 24.32 20.38 6.10
CA ARG D 339 23.98 20.75 7.47
C ARG D 339 25.17 20.47 8.37
N LEU D 340 25.68 21.52 9.00
CA LEU D 340 26.70 21.42 10.04
C LEU D 340 26.06 21.64 11.40
N SER D 341 26.72 21.12 12.43
CA SER D 341 26.17 21.10 13.78
C SER D 341 26.87 22.13 14.64
N ILE D 342 26.09 23.02 15.25
CA ILE D 342 26.55 23.88 16.33
C ILE D 342 25.72 23.48 17.54
N TYR D 343 26.34 22.73 18.46
CA TYR D 343 25.59 22.10 19.54
C TYR D 343 25.20 23.09 20.62
N GLY D 344 25.98 24.16 20.82
CA GLY D 344 25.68 25.14 21.83
C GLY D 344 26.27 24.86 23.20
N ARG D 345 27.14 23.87 23.32
CA ARG D 345 27.76 23.55 24.60
C ARG D 345 28.93 24.47 24.94
N SER D 346 29.45 25.22 23.97
CA SER D 346 30.54 26.16 24.21
C SER D 346 30.39 27.33 23.26
N ARG D 347 30.93 28.47 23.67
CA ARG D 347 30.90 29.67 22.84
C ARG D 347 32.01 29.70 21.80
N ASP D 348 32.92 28.74 21.83
CA ASP D 348 33.99 28.63 20.84
C ASP D 348 33.58 27.84 19.62
N GLU D 349 32.38 27.24 19.62
CA GLU D 349 31.97 26.39 18.50
C GLU D 349 31.90 27.18 17.20
N TRP D 350 31.22 28.32 17.22
CA TRP D 350 31.05 29.11 16.00
C TRP D 350 32.41 29.56 15.47
N ASP D 351 33.29 30.03 16.35
CA ASP D 351 34.62 30.43 15.92
C ASP D 351 35.42 29.23 15.45
N LYS D 352 35.25 28.08 16.10
CA LYS D 352 35.93 26.87 15.64
C LYS D 352 35.52 26.52 14.22
N LEU D 353 34.20 26.47 13.97
CA LEU D 353 33.71 26.01 12.68
C LEU D 353 34.19 26.91 11.55
N ALA D 354 34.19 28.23 11.77
CA ALA D 354 34.62 29.15 10.72
C ALA D 354 36.08 28.92 10.35
N ARG D 355 36.94 28.72 11.36
CA ARG D 355 38.35 28.47 11.06
C ARG D 355 38.53 27.18 10.27
N TRP D 356 37.81 26.13 10.65
CA TRP D 356 37.87 24.88 9.89
C TRP D 356 37.56 25.10 8.42
N ALA D 357 36.60 25.99 8.14
CA ALA D 357 36.26 26.30 6.74
C ALA D 357 37.31 27.19 6.10
N VAL D 358 37.86 28.14 6.85
CA VAL D 358 38.85 29.06 6.28
C VAL D 358 40.23 28.46 6.24
N MET D 359 40.53 27.47 7.08
CA MET D 359 41.82 26.79 7.02
C MET D 359 41.85 25.79 5.88
N HIS D 360 40.97 24.79 5.92
CA HIS D 360 40.89 23.77 4.88
C HIS D 360 40.13 24.24 3.66
N ARG D 361 39.79 25.53 3.58
CA ARG D 361 39.12 26.11 2.41
C ARG D 361 37.98 25.22 1.92
N VAL D 362 37.08 24.90 2.84
CA VAL D 362 35.91 24.07 2.51
C VAL D 362 34.84 25.01 1.99
N HIS D 363 35.02 25.45 0.75
CA HIS D 363 34.05 26.30 0.07
C HIS D 363 33.88 25.82 -1.37
N SER D 364 32.63 25.77 -1.81
CA SER D 364 32.28 25.40 -3.17
C SER D 364 31.15 26.31 -3.65
N PRO D 365 31.07 26.56 -4.97
CA PRO D 365 29.94 27.34 -5.48
C PRO D 365 28.63 26.57 -5.48
N ASN D 366 28.67 25.26 -5.28
CA ASN D 366 27.47 24.42 -5.27
C ASN D 366 27.03 24.02 -3.87
N VAL D 367 27.80 24.36 -2.84
CA VAL D 367 27.48 24.00 -1.46
C VAL D 367 27.15 25.27 -0.69
N ARG D 368 25.96 25.32 -0.11
CA ARG D 368 25.56 26.37 0.80
C ARG D 368 25.34 25.78 2.18
N TRP D 369 25.85 26.45 3.20
CA TRP D 369 25.85 25.91 4.55
C TRP D 369 24.58 26.29 5.30
N LEU D 370 24.01 25.31 6.00
CA LEU D 370 23.00 25.54 7.01
C LEU D 370 23.45 24.87 8.29
N VAL D 371 23.19 25.51 9.42
CA VAL D 371 23.67 25.06 10.72
C VAL D 371 22.50 24.49 11.51
N GLN D 372 22.66 23.27 12.01
CA GLN D 372 21.63 22.59 12.77
C GLN D 372 22.00 22.58 14.24
N VAL D 373 21.05 22.94 15.10
CA VAL D 373 21.24 22.89 16.54
C VAL D 373 20.52 21.66 17.09
N PRO D 374 21.22 20.55 17.34
CA PRO D 374 20.55 19.38 17.92
C PRO D 374 19.88 19.72 19.24
N ARG D 375 18.65 19.22 19.40
CA ARG D 375 17.85 19.49 20.60
C ARG D 375 18.16 18.47 21.69
N LEU D 376 19.36 18.62 22.27
CA LEU D 376 19.86 17.69 23.28
C LEU D 376 20.24 18.43 24.56
N PHE D 377 19.40 19.38 24.98
CA PHE D 377 19.70 20.11 26.21
C PHE D 377 19.66 19.19 27.43
N ASP D 378 18.69 18.29 27.49
CA ASP D 378 18.57 17.40 28.65
C ASP D 378 19.85 16.61 28.87
N VAL D 379 20.47 16.13 27.79
CA VAL D 379 21.72 15.39 27.92
C VAL D 379 22.81 16.29 28.46
N TYR D 380 22.92 17.52 27.93
CA TYR D 380 23.97 18.43 28.37
C TYR D 380 23.77 18.81 29.83
N ARG D 381 22.52 19.06 30.23
CA ARG D 381 22.25 19.46 31.61
C ARG D 381 22.55 18.32 32.58
N THR D 382 22.19 17.09 32.21
CA THR D 382 22.42 15.94 33.08
C THR D 382 23.90 15.65 33.28
N LYS D 383 24.78 16.24 32.47
CA LYS D 383 26.22 16.12 32.65
C LYS D 383 26.82 17.30 33.40
N GLY D 384 26.10 18.41 33.51
CA GLY D 384 26.63 19.60 34.15
C GLY D 384 27.42 20.51 33.22
N GLN D 385 27.24 20.37 31.92
CA GLN D 385 27.97 21.19 30.95
C GLN D 385 27.29 22.51 30.65
N LEU D 386 26.00 22.62 30.93
CA LEU D 386 25.25 23.86 30.80
C LEU D 386 24.42 24.09 32.05
N ALA D 387 24.42 25.33 32.55
CA ALA D 387 23.70 25.62 33.79
C ALA D 387 22.23 25.89 33.52
N ASN D 388 21.93 26.78 32.58
CA ASN D 388 20.56 27.10 32.19
C ASN D 388 20.45 27.08 30.68
N PHE D 389 19.23 26.80 30.19
CA PHE D 389 19.02 26.75 28.75
C PHE D 389 19.40 28.06 28.08
N GLN D 390 19.35 29.16 28.82
CA GLN D 390 19.79 30.43 28.25
C GLN D 390 21.26 30.39 27.86
N GLU D 391 22.05 29.54 28.52
CA GLU D 391 23.45 29.36 28.14
C GLU D 391 23.55 28.78 26.74
N MET D 392 22.71 27.81 26.41
CA MET D 392 22.71 27.24 25.07
C MET D 392 22.34 28.29 24.03
N LEU D 393 21.28 29.05 24.29
CA LEU D 393 20.90 30.13 23.37
C LEU D 393 21.98 31.19 23.29
N GLU D 394 22.77 31.36 24.35
CA GLU D 394 23.85 32.34 24.33
C GLU D 394 25.02 31.84 23.50
N ASN D 395 25.36 30.56 23.61
CA ASN D 395 26.48 30.00 22.86
C ASN D 395 26.19 29.87 21.36
N ILE D 396 24.95 30.09 20.94
CA ILE D 396 24.58 29.93 19.54
C ILE D 396 24.46 31.29 18.86
N PHE D 397 24.00 32.31 19.61
CA PHE D 397 23.69 33.59 19.02
C PHE D 397 24.62 34.73 19.42
N LEU D 398 25.24 34.66 20.60
CA LEU D 398 26.17 35.73 21.00
C LEU D 398 27.35 35.84 20.05
N PRO D 399 28.04 34.76 19.68
CA PRO D 399 29.14 34.92 18.70
C PRO D 399 28.67 35.53 17.39
N LEU D 400 27.46 35.18 16.95
CA LEU D 400 26.94 35.75 15.71
C LEU D 400 26.67 37.25 15.86
N PHE D 401 26.04 37.63 16.98
CA PHE D 401 25.78 39.06 17.22
C PHE D 401 27.09 39.84 17.34
N GLU D 402 28.06 39.28 18.07
CA GLU D 402 29.34 39.97 18.23
C GLU D 402 30.04 40.15 16.88
N ALA D 403 30.01 39.12 16.03
CA ALA D 403 30.60 39.24 14.70
C ALA D 403 29.86 40.25 13.84
N THR D 404 28.53 40.34 14.01
CA THR D 404 27.75 41.31 13.25
C THR D 404 28.12 42.73 13.63
N VAL D 405 28.35 42.99 14.91
CA VAL D 405 28.69 44.34 15.36
C VAL D 405 30.18 44.60 15.17
N HIS D 406 31.01 43.62 15.53
CA HIS D 406 32.47 43.77 15.50
C HIS D 406 33.04 42.69 14.58
N PRO D 407 33.09 42.94 13.27
CA PRO D 407 33.63 41.92 12.35
C PRO D 407 34.99 41.38 12.75
N ALA D 408 35.91 42.27 13.14
CA ALA D 408 37.26 41.82 13.50
C ALA D 408 37.27 40.99 14.77
N SER D 409 36.23 41.08 15.59
CA SER D 409 36.17 40.27 16.80
C SER D 409 36.16 38.79 16.46
N HIS D 410 35.38 38.39 15.45
CA HIS D 410 35.32 37.02 14.95
C HIS D 410 35.68 37.09 13.47
N PRO D 411 36.97 36.94 13.12
CA PRO D 411 37.39 37.22 11.74
C PRO D 411 36.89 36.18 10.74
N GLU D 412 37.15 34.90 11.01
CA GLU D 412 36.72 33.86 10.08
C GLU D 412 35.20 33.82 9.98
N LEU D 413 34.51 34.05 11.10
CA LEU D 413 33.05 33.97 11.10
C LEU D 413 32.44 35.00 10.15
N HIS D 414 33.00 36.21 10.11
CA HIS D 414 32.53 37.21 9.16
C HIS D 414 32.62 36.71 7.72
N LEU D 415 33.55 35.80 7.45
CA LEU D 415 33.66 35.19 6.13
C LEU D 415 32.83 33.92 6.01
N PHE D 416 32.86 33.06 7.03
CA PHE D 416 32.09 31.83 7.01
C PHE D 416 30.59 32.08 7.00
N LEU D 417 30.14 33.26 7.42
CA LEU D 417 28.71 33.55 7.52
C LEU D 417 28.10 34.04 6.21
N GLU D 418 28.92 34.40 5.22
CA GLU D 418 28.40 34.71 3.89
C GLU D 418 27.98 33.47 3.12
N HIS D 419 28.37 32.29 3.59
CA HIS D 419 27.94 31.03 3.00
C HIS D 419 27.06 30.22 3.93
N VAL D 420 26.76 30.73 5.12
CA VAL D 420 25.78 30.15 6.04
C VAL D 420 24.47 30.90 5.85
N ASP D 421 23.40 30.17 5.56
CA ASP D 421 22.14 30.79 5.15
C ASP D 421 21.05 30.74 6.21
N GLY D 422 21.18 29.91 7.23
CA GLY D 422 20.11 29.79 8.21
C GLY D 422 20.39 28.74 9.25
N PHE D 423 19.35 28.36 9.96
CA PHE D 423 19.45 27.45 11.09
C PHE D 423 18.48 26.28 10.91
N ASP D 424 18.77 25.19 11.60
CA ASP D 424 17.96 23.98 11.55
C ASP D 424 17.87 23.41 12.95
N SER D 425 16.84 22.61 13.18
CA SER D 425 16.63 21.93 14.45
C SER D 425 16.49 20.44 14.20
N VAL D 426 17.27 19.64 14.92
CA VAL D 426 17.40 18.22 14.65
C VAL D 426 17.29 17.45 15.96
N ASP D 427 16.54 16.35 15.92
CA ASP D 427 16.38 15.43 17.05
C ASP D 427 15.31 14.42 16.66
N ASP D 428 15.23 13.29 17.37
CA ASP D 428 14.20 12.31 17.08
C ASP D 428 12.84 12.92 17.36
N GLU D 429 12.12 13.31 16.31
CA GLU D 429 10.82 13.92 16.47
C GLU D 429 9.75 12.93 16.90
N SER D 430 10.11 11.66 17.11
CA SER D 430 9.21 10.70 17.73
C SER D 430 9.23 10.78 19.25
N LYS D 431 10.26 11.38 19.83
CA LYS D 431 10.38 11.45 21.27
C LYS D 431 9.16 12.15 21.87
N PRO D 432 8.54 11.58 22.91
CA PRO D 432 7.34 12.21 23.46
C PRO D 432 7.64 13.56 24.09
N GLU D 433 6.65 14.44 24.05
CA GLU D 433 6.75 15.77 24.64
C GLU D 433 5.78 15.86 25.81
N ASN D 434 6.30 16.20 27.00
CA ASN D 434 5.49 16.30 28.20
C ASN D 434 5.11 17.72 28.56
N HIS D 435 5.85 18.72 28.09
CA HIS D 435 5.69 20.11 28.50
C HIS D 435 5.16 20.93 27.33
N VAL D 436 4.22 21.82 27.62
CA VAL D 436 3.65 22.73 26.64
C VAL D 436 4.33 24.09 26.78
N PHE D 437 4.54 24.77 25.66
CA PHE D 437 5.20 26.07 25.64
C PHE D 437 4.14 27.15 25.79
N ASN D 438 3.88 27.52 27.05
CA ASN D 438 2.93 28.58 27.41
C ASN D 438 3.67 29.63 28.22
N LEU D 439 2.94 30.69 28.59
CA LEU D 439 3.53 31.73 29.44
C LEU D 439 3.85 31.22 30.82
N GLU D 440 3.29 30.07 31.22
CA GLU D 440 3.56 29.47 32.51
C GLU D 440 4.78 28.57 32.50
N SER D 441 5.49 28.50 31.34
CA SER D 441 6.68 27.67 31.20
C SER D 441 7.92 28.43 31.66
N PRO D 442 8.92 27.73 32.20
CA PRO D 442 10.15 28.40 32.61
C PRO D 442 10.83 29.09 31.43
N LEU D 443 11.50 30.19 31.72
CA LEU D 443 12.22 30.92 30.70
C LEU D 443 13.62 30.36 30.54
N PRO D 444 14.30 30.67 29.43
CA PRO D 444 15.66 30.12 29.23
C PRO D 444 16.56 30.21 30.45
N GLU D 445 16.59 31.36 31.11
CA GLU D 445 17.47 31.52 32.27
C GLU D 445 16.99 30.72 33.47
N ALA D 446 15.70 30.39 33.53
CA ALA D 446 15.17 29.61 34.63
C ALA D 446 15.18 28.12 34.37
N TRP D 447 15.33 27.69 33.11
CA TRP D 447 15.31 26.27 32.76
C TRP D 447 16.59 25.62 33.27
N VAL D 448 16.56 25.22 34.55
CA VAL D 448 17.67 24.51 35.17
C VAL D 448 17.37 23.02 35.34
N GLU D 449 16.14 22.58 35.08
CA GLU D 449 15.80 21.18 35.18
C GLU D 449 16.48 20.39 34.07
N GLU D 450 16.48 19.06 34.22
CA GLU D 450 17.11 18.16 33.28
C GLU D 450 16.18 17.73 32.15
N ASP D 451 14.96 18.25 32.11
CA ASP D 451 14.05 17.94 31.03
C ASP D 451 14.45 18.70 29.77
N ASN D 452 13.94 18.23 28.63
CA ASN D 452 14.28 18.81 27.34
C ASN D 452 13.19 19.78 26.93
N PRO D 453 13.50 21.04 26.65
CA PRO D 453 12.43 21.99 26.32
C PRO D 453 11.67 21.52 25.09
N PRO D 454 10.38 21.84 24.99
CA PRO D 454 9.59 21.39 23.85
C PRO D 454 10.13 21.92 22.53
N TYR D 455 9.55 21.40 21.45
CA TYR D 455 9.99 21.76 20.09
C TYR D 455 9.71 23.23 19.80
N ALA D 456 8.54 23.73 20.21
CA ALA D 456 8.24 25.15 20.02
C ALA D 456 9.14 26.02 20.86
N TYR D 457 9.52 25.56 22.06
CA TYR D 457 10.46 26.30 22.90
C TYR D 457 11.79 26.47 22.17
N TYR D 458 12.29 25.41 21.56
CA TYR D 458 13.51 25.52 20.76
C TYR D 458 13.30 26.45 19.57
N LEU D 459 12.15 26.34 18.91
CA LEU D 459 11.93 27.05 17.66
C LEU D 459 11.66 28.53 17.90
N TYR D 460 10.91 28.86 18.95
CA TYR D 460 10.58 30.26 19.21
C TYR D 460 11.82 31.08 19.52
N TYR D 461 12.70 30.56 20.38
CA TYR D 461 13.90 31.30 20.74
C TYR D 461 14.93 31.31 19.64
N THR D 462 15.00 30.24 18.84
CA THR D 462 15.82 30.28 17.63
C THR D 462 15.28 31.33 16.67
N PHE D 463 13.96 31.37 16.50
CA PHE D 463 13.34 32.37 15.63
C PHE D 463 13.54 33.77 16.18
N ALA D 464 13.34 33.96 17.48
CA ALA D 464 13.41 35.30 18.06
C ALA D 464 14.82 35.88 17.96
N ASN D 465 15.82 35.13 18.38
CA ASN D 465 17.19 35.62 18.31
C ASN D 465 17.62 35.81 16.86
N MET D 466 17.21 34.89 15.97
CA MET D 466 17.54 35.04 14.56
C MET D 466 16.91 36.31 13.98
N ALA D 467 15.65 36.58 14.33
CA ALA D 467 14.97 37.75 13.77
C ALA D 467 15.70 39.03 14.10
N MET D 468 16.12 39.19 15.36
CA MET D 468 16.86 40.38 15.74
C MET D 468 18.22 40.44 15.04
N LEU D 469 18.88 39.28 14.91
CA LEU D 469 20.15 39.24 14.20
C LEU D 469 19.99 39.69 12.75
N ASN D 470 18.94 39.22 12.07
CA ASN D 470 18.71 39.62 10.69
C ASN D 470 18.45 41.12 10.57
N HIS D 471 17.68 41.68 11.51
CA HIS D 471 17.44 43.11 11.49
C HIS D 471 18.74 43.90 11.62
N LEU D 472 19.62 43.48 12.54
CA LEU D 472 20.89 44.17 12.71
C LEU D 472 21.80 43.97 11.50
N ARG D 473 21.88 42.72 11.01
CA ARG D 473 22.73 42.45 9.86
C ARG D 473 22.23 43.13 8.61
N ARG D 474 20.91 43.26 8.45
CA ARG D 474 20.36 43.98 7.31
C ARG D 474 20.83 45.43 7.32
N GLN D 475 20.84 46.08 8.48
CA GLN D 475 21.31 47.46 8.56
C GLN D 475 22.79 47.55 8.25
N ARG D 476 23.58 46.58 8.72
CA ARG D 476 25.00 46.51 8.38
C ARG D 476 25.23 46.14 6.92
N GLY D 477 24.19 45.70 6.21
CA GLY D 477 24.36 45.21 4.86
C GLY D 477 24.82 43.77 4.76
N PHE D 478 24.90 43.05 5.88
CA PHE D 478 25.36 41.68 5.88
C PHE D 478 24.23 40.74 5.43
N HIS D 479 24.56 39.46 5.31
CA HIS D 479 23.64 38.46 4.79
C HIS D 479 22.68 38.02 5.89
N THR D 480 21.38 38.12 5.62
CA THR D 480 20.35 37.68 6.55
C THR D 480 20.21 36.15 6.52
N PHE D 481 19.65 35.61 7.59
CA PHE D 481 19.51 34.18 7.78
C PHE D 481 18.04 33.77 7.69
N VAL D 482 17.83 32.44 7.68
CA VAL D 482 16.49 31.86 7.61
C VAL D 482 16.41 30.70 8.59
N LEU D 483 15.17 30.28 8.88
CA LEU D 483 14.90 29.19 9.80
C LEU D 483 14.20 28.08 9.03
N ARG D 484 14.86 26.91 8.93
CA ARG D 484 14.38 25.79 8.13
C ARG D 484 14.46 24.52 8.96
N PRO D 485 13.53 24.34 9.88
CA PRO D 485 13.63 23.22 10.82
C PRO D 485 13.23 21.88 10.20
N HIS D 486 13.67 20.81 10.85
CA HIS D 486 13.10 19.48 10.63
C HIS D 486 11.72 19.44 11.28
N CYS D 487 10.68 19.24 10.47
CA CYS D 487 9.32 19.25 11.00
C CYS D 487 8.44 18.27 10.24
N GLY D 488 7.65 17.50 10.99
CA GLY D 488 6.64 16.64 10.42
C GLY D 488 7.05 15.19 10.22
N GLU D 489 8.32 14.85 10.45
CA GLU D 489 8.77 13.48 10.24
C GLU D 489 7.99 12.50 11.11
N ALA D 490 7.79 12.83 12.38
CA ALA D 490 7.05 11.98 13.30
C ALA D 490 6.64 12.84 14.50
N GLY D 491 5.89 12.22 15.42
CA GLY D 491 5.49 12.90 16.62
C GLY D 491 4.16 13.59 16.46
N PRO D 492 3.89 14.58 17.31
CA PRO D 492 2.58 15.26 17.27
C PRO D 492 2.45 16.14 16.05
N ILE D 493 1.20 16.34 15.63
CA ILE D 493 0.92 17.22 14.51
C ILE D 493 1.14 18.68 14.88
N HIS D 494 1.08 19.02 16.17
CA HIS D 494 1.22 20.42 16.56
C HIS D 494 2.60 20.97 16.21
N HIS D 495 3.58 20.11 15.95
CA HIS D 495 4.89 20.60 15.53
C HIS D 495 4.80 21.42 14.26
N LEU D 496 3.81 21.15 13.41
CA LEU D 496 3.68 21.87 12.15
C LEU D 496 3.03 23.24 12.32
N VAL D 497 2.32 23.47 13.43
CA VAL D 497 1.80 24.81 13.69
C VAL D 497 2.94 25.77 14.01
N SER D 498 3.95 25.31 14.74
CA SER D 498 5.09 26.15 15.05
C SER D 498 5.81 26.59 13.78
N ALA D 499 6.04 25.65 12.86
CA ALA D 499 6.75 25.98 11.62
C ALA D 499 5.93 26.89 10.73
N PHE D 500 4.61 26.68 10.67
CA PHE D 500 3.76 27.54 9.86
C PHE D 500 3.91 29.00 10.25
N MET D 501 4.24 29.27 11.51
CA MET D 501 4.40 30.64 11.99
C MET D 501 5.82 31.15 11.83
N LEU D 502 6.82 30.31 12.13
CA LEU D 502 8.19 30.77 12.32
C LEU D 502 9.19 30.25 11.30
N ALA D 503 8.80 29.33 10.43
CA ALA D 503 9.73 28.65 9.53
C ALA D 503 9.47 29.06 8.08
N GLU D 504 10.53 29.41 7.36
CA GLU D 504 10.40 29.68 5.93
C GLU D 504 10.23 28.39 5.14
N ASN D 505 11.02 27.37 5.46
CA ASN D 505 10.91 26.05 4.85
C ASN D 505 10.89 25.01 5.96
N ILE D 506 10.40 23.82 5.61
CA ILE D 506 10.45 22.67 6.50
C ILE D 506 11.01 21.48 5.73
N SER D 507 11.55 20.53 6.48
CA SER D 507 12.03 19.28 5.92
C SER D 507 11.12 18.15 6.40
N HIS D 508 11.05 17.08 5.60
CA HIS D 508 10.13 15.99 5.84
C HIS D 508 8.70 16.46 5.64
N GLY D 509 7.97 16.73 6.71
CA GLY D 509 6.59 17.18 6.58
C GLY D 509 5.61 16.07 6.28
N LEU D 510 5.83 14.88 6.84
CA LEU D 510 5.00 13.72 6.54
C LEU D 510 3.68 13.71 7.30
N LEU D 511 3.54 14.53 8.35
CA LEU D 511 2.34 14.52 9.17
C LEU D 511 1.27 15.46 8.68
N LEU D 512 1.54 16.24 7.62
CA LEU D 512 0.48 17.03 7.00
C LEU D 512 -0.59 16.15 6.36
N ARG D 513 -0.27 14.88 6.10
CA ARG D 513 -1.26 13.96 5.53
C ARG D 513 -2.41 13.70 6.48
N LYS D 514 -2.21 13.88 7.78
CA LYS D 514 -3.26 13.72 8.79
C LYS D 514 -3.73 15.04 9.36
N ALA D 515 -3.37 16.16 8.74
CA ALA D 515 -3.75 17.50 9.20
C ALA D 515 -4.30 18.27 8.01
N PRO D 516 -5.56 18.02 7.64
CA PRO D 516 -6.11 18.66 6.43
C PRO D 516 -5.97 20.18 6.42
N VAL D 517 -6.23 20.84 7.54
CA VAL D 517 -6.17 22.30 7.55
C VAL D 517 -4.75 22.78 7.34
N LEU D 518 -3.78 22.13 8.01
CA LEU D 518 -2.40 22.58 7.88
C LEU D 518 -1.89 22.41 6.46
N GLN D 519 -2.19 21.29 5.81
CA GLN D 519 -1.76 21.10 4.44
C GLN D 519 -2.37 22.15 3.52
N TYR D 520 -3.66 22.45 3.74
CA TYR D 520 -4.31 23.51 2.97
C TYR D 520 -3.61 24.85 3.20
N LEU D 521 -3.14 25.09 4.42
CA LEU D 521 -2.45 26.35 4.72
C LEU D 521 -1.05 26.37 4.12
N TYR D 522 -0.34 25.24 4.19
CA TYR D 522 0.99 25.18 3.58
C TYR D 522 0.93 25.39 2.07
N TYR D 523 -0.16 24.94 1.43
CA TYR D 523 -0.31 25.19 0.01
C TYR D 523 -0.57 26.66 -0.29
N LEU D 524 -1.60 27.23 0.36
CA LEU D 524 -1.91 28.64 0.14
C LEU D 524 -0.78 29.55 0.59
N ALA D 525 0.05 29.10 1.53
CA ALA D 525 1.25 29.83 1.91
C ALA D 525 2.48 29.45 1.09
N GLN D 526 2.40 28.39 0.29
CA GLN D 526 3.49 27.95 -0.56
C GLN D 526 4.79 27.83 0.23
N ILE D 527 4.77 26.94 1.22
CA ILE D 527 5.89 26.73 2.12
C ILE D 527 6.67 25.52 1.63
N GLY D 528 7.99 25.67 1.57
CA GLY D 528 8.82 24.58 1.06
C GLY D 528 8.74 23.36 1.97
N ILE D 529 8.78 22.19 1.35
CA ILE D 529 8.81 20.92 2.07
C ILE D 529 9.85 20.01 1.44
N ALA D 530 11.07 20.01 1.99
CA ALA D 530 12.16 19.21 1.45
C ALA D 530 12.00 17.78 1.95
N MET D 531 11.44 16.92 1.10
CA MET D 531 11.12 15.54 1.48
C MET D 531 12.23 14.59 1.06
N SER D 532 12.40 13.54 1.86
CA SER D 532 13.39 12.48 1.62
C SER D 532 12.66 11.14 1.68
N PRO D 533 11.92 10.78 0.63
CA PRO D 533 11.12 9.55 0.68
C PRO D 533 11.94 8.30 0.96
N LEU D 534 13.19 8.25 0.50
CA LEU D 534 13.99 7.04 0.67
C LEU D 534 14.30 6.79 2.14
N SER D 535 14.73 7.84 2.85
CA SER D 535 15.01 7.70 4.27
C SER D 535 13.73 7.42 5.06
N ASN D 536 12.61 7.99 4.63
CA ASN D 536 11.35 7.77 5.33
C ASN D 536 10.93 6.31 5.27
N ASN D 537 11.20 5.65 4.13
CA ASN D 537 10.81 4.25 3.99
C ASN D 537 11.50 3.37 5.02
N SER D 538 12.80 3.60 5.24
CA SER D 538 13.56 2.74 6.15
C SER D 538 13.04 2.85 7.59
N LEU D 539 12.72 4.07 8.04
CA LEU D 539 12.44 4.31 9.45
C LEU D 539 10.95 4.39 9.75
N PHE D 540 10.24 5.34 9.13
CA PHE D 540 8.91 5.70 9.60
C PHE D 540 7.80 5.23 8.66
N LEU D 541 7.59 5.94 7.55
CA LEU D 541 6.45 5.69 6.68
C LEU D 541 6.88 4.91 5.44
N SER D 542 6.07 3.91 5.06
CA SER D 542 6.38 3.09 3.89
C SER D 542 6.46 3.96 2.65
N TYR D 543 7.24 3.50 1.67
CA TYR D 543 7.53 4.32 0.50
C TYR D 543 6.26 4.64 -0.28
N HIS D 544 5.36 3.65 -0.43
CA HIS D 544 4.14 3.89 -1.20
C HIS D 544 3.15 4.78 -0.47
N ARG D 545 3.25 4.87 0.85
CA ARG D 545 2.36 5.72 1.63
C ARG D 545 2.95 7.10 1.90
N ASN D 546 4.15 7.38 1.40
CA ASN D 546 4.72 8.71 1.54
C ASN D 546 3.85 9.70 0.76
N PRO D 547 3.49 10.85 1.34
CA PRO D 547 2.52 11.75 0.70
C PRO D 547 3.10 12.66 -0.36
N LEU D 548 4.37 12.47 -0.75
CA LEU D 548 4.97 13.33 -1.77
C LEU D 548 4.14 13.40 -3.05
N PRO D 549 3.63 12.30 -3.60
CA PRO D 549 2.74 12.42 -4.77
C PRO D 549 1.54 13.32 -4.53
N GLU D 550 0.93 13.26 -3.35
CA GLU D 550 -0.25 14.07 -3.09
C GLU D 550 0.11 15.54 -2.92
N TYR D 551 1.18 15.82 -2.17
CA TYR D 551 1.61 17.21 -2.01
C TYR D 551 1.98 17.82 -3.36
N LEU D 552 2.68 17.06 -4.20
CA LEU D 552 3.11 17.57 -5.49
C LEU D 552 1.94 17.76 -6.44
N SER D 553 1.01 16.80 -6.47
CA SER D 553 -0.15 16.91 -7.34
C SER D 553 -1.02 18.10 -6.95
N ARG D 554 -1.22 18.31 -5.65
CA ARG D 554 -2.09 19.38 -5.19
C ARG D 554 -1.46 20.76 -5.34
N GLY D 555 -0.14 20.83 -5.45
CA GLY D 555 0.55 22.07 -5.73
C GLY D 555 1.40 22.63 -4.61
N LEU D 556 1.84 21.81 -3.66
CA LEU D 556 2.73 22.28 -2.60
C LEU D 556 4.17 22.29 -3.11
N MET D 557 4.93 23.29 -2.66
CA MET D 557 6.32 23.45 -3.09
C MET D 557 7.15 22.34 -2.47
N VAL D 558 7.10 21.17 -3.07
CA VAL D 558 7.84 20.00 -2.63
C VAL D 558 9.11 19.86 -3.45
N SER D 559 10.13 19.28 -2.82
CA SER D 559 11.41 19.05 -3.48
C SER D 559 12.02 17.79 -2.89
N LEU D 560 12.93 17.19 -3.63
CA LEU D 560 13.54 15.92 -3.25
C LEU D 560 14.95 16.14 -2.75
N SER D 561 15.33 15.35 -1.75
CA SER D 561 16.63 15.50 -1.10
C SER D 561 17.04 14.16 -0.51
N THR D 562 18.32 14.05 -0.20
CA THR D 562 18.90 12.86 0.42
C THR D 562 19.21 13.22 1.87
N ASP D 563 18.45 12.63 2.80
CA ASP D 563 18.70 12.88 4.22
C ASP D 563 20.11 12.42 4.60
N ASP D 564 20.46 11.18 4.26
CA ASP D 564 21.79 10.64 4.44
C ASP D 564 22.34 10.23 3.09
N PRO D 565 23.41 10.86 2.58
CA PRO D 565 23.87 10.54 1.21
C PRO D 565 24.43 9.14 1.07
N LEU D 566 25.32 8.75 1.98
CA LEU D 566 25.99 7.45 1.89
C LEU D 566 25.17 6.31 2.48
N GLN D 567 24.11 6.61 3.22
CA GLN D 567 23.20 5.59 3.73
C GLN D 567 21.87 5.69 3.01
N PHE D 568 21.19 4.56 2.86
CA PHE D 568 19.91 4.46 2.17
C PHE D 568 20.08 4.54 0.66
N HIS D 569 21.26 4.93 0.18
CA HIS D 569 21.53 5.04 -1.25
C HIS D 569 22.70 4.11 -1.60
N PHE D 570 22.49 3.26 -2.60
CA PHE D 570 23.51 2.31 -3.01
C PHE D 570 24.45 2.85 -4.09
N THR D 571 24.08 3.94 -4.74
CA THR D 571 24.88 4.52 -5.81
C THR D 571 25.73 5.67 -5.26
N LYS D 572 26.39 6.39 -6.16
CA LYS D 572 27.21 7.54 -5.81
C LYS D 572 26.67 8.82 -6.43
N GLU D 573 25.40 8.81 -6.85
CA GLU D 573 24.68 10.01 -7.25
C GLU D 573 23.38 10.06 -6.46
N PRO D 574 23.47 10.20 -5.14
CA PRO D 574 22.31 9.89 -4.28
C PRO D 574 21.10 10.75 -4.59
N LEU D 575 21.28 12.00 -4.98
CA LEU D 575 20.12 12.82 -5.35
C LEU D 575 19.41 12.23 -6.55
N MET D 576 20.17 11.79 -7.56
CA MET D 576 19.55 11.17 -8.73
C MET D 576 18.84 9.88 -8.36
N GLU D 577 19.46 9.04 -7.53
CA GLU D 577 18.81 7.82 -7.08
C GLU D 577 17.51 8.14 -6.34
N GLU D 578 17.50 9.25 -5.58
CA GLU D 578 16.27 9.67 -4.93
C GLU D 578 15.19 10.02 -5.94
N TYR D 579 15.56 10.73 -7.01
CA TYR D 579 14.61 11.03 -8.07
C TYR D 579 14.14 9.75 -8.75
N SER D 580 15.05 8.82 -9.00
CA SER D 580 14.71 7.63 -9.77
C SER D 580 13.62 6.82 -9.08
N ILE D 581 13.81 6.53 -7.79
CA ILE D 581 12.82 5.73 -7.06
C ILE D 581 11.48 6.46 -7.04
N ALA D 582 11.51 7.78 -6.84
CA ALA D 582 10.26 8.55 -6.81
C ALA D 582 9.65 8.65 -8.20
N THR D 583 10.49 8.86 -9.23
CA THR D 583 9.98 8.98 -10.59
C THR D 583 9.33 7.68 -11.06
N GLN D 584 9.80 6.54 -10.56
CA GLN D 584 9.33 5.23 -11.00
C GLN D 584 8.26 4.65 -10.09
N VAL D 585 8.46 4.72 -8.78
CA VAL D 585 7.47 4.14 -7.86
C VAL D 585 6.13 4.82 -8.03
N TRP D 586 6.12 6.15 -8.13
CA TRP D 586 4.90 6.91 -8.36
C TRP D 586 4.68 7.22 -9.84
N LYS D 587 5.55 6.74 -10.72
CA LYS D 587 5.38 6.92 -12.16
C LYS D 587 5.13 8.38 -12.50
N LEU D 588 6.19 9.18 -12.47
CA LEU D 588 6.10 10.62 -12.70
C LEU D 588 6.66 10.97 -14.07
N SER D 589 6.28 12.14 -14.56
CA SER D 589 6.65 12.60 -15.89
C SER D 589 7.86 13.54 -15.80
N SER D 590 8.26 14.08 -16.95
CA SER D 590 9.35 15.05 -16.97
C SER D 590 8.92 16.37 -16.35
N CYS D 591 7.69 16.81 -16.61
CA CYS D 591 7.20 18.01 -15.94
C CYS D 591 7.22 17.82 -14.42
N ASP D 592 6.79 16.65 -13.95
CA ASP D 592 6.85 16.38 -12.52
C ASP D 592 8.28 16.42 -12.02
N MET D 593 9.21 15.80 -12.75
CA MET D 593 10.60 15.79 -12.33
C MET D 593 11.22 17.17 -12.41
N CYS D 594 11.06 17.85 -13.55
CA CYS D 594 11.69 19.15 -13.73
C CYS D 594 11.04 20.21 -12.86
N GLU D 595 9.76 20.02 -12.50
CA GLU D 595 9.12 20.95 -11.57
C GLU D 595 9.71 20.81 -10.17
N LEU D 596 9.98 19.57 -9.73
CA LEU D 596 10.63 19.36 -8.45
C LEU D 596 12.03 19.98 -8.44
N ALA D 597 12.73 19.91 -9.58
CA ALA D 597 14.05 20.51 -9.67
C ALA D 597 13.97 22.02 -9.51
N ARG D 598 13.03 22.66 -10.21
CA ARG D 598 12.86 24.10 -10.06
C ARG D 598 12.45 24.46 -8.64
N ASN D 599 11.58 23.63 -8.04
CA ASN D 599 11.23 23.84 -6.63
C ASN D 599 12.46 23.74 -5.74
N SER D 600 13.34 22.77 -6.02
CA SER D 600 14.55 22.62 -5.21
C SER D 600 15.40 23.88 -5.25
N VAL D 601 15.44 24.56 -6.40
CA VAL D 601 16.25 25.76 -6.52
C VAL D 601 15.52 26.97 -5.90
N LEU D 602 14.21 27.07 -6.12
CA LEU D 602 13.44 28.15 -5.55
C LEU D 602 13.23 27.99 -4.05
N MET D 603 13.61 26.84 -3.48
CA MET D 603 13.55 26.59 -2.05
C MET D 603 14.92 26.61 -1.40
N SER D 604 15.93 27.13 -2.10
CA SER D 604 17.31 27.12 -1.62
C SER D 604 17.72 28.53 -1.21
N GLY D 605 18.92 28.63 -0.65
CA GLY D 605 19.46 29.90 -0.20
C GLY D 605 20.49 30.47 -1.15
N PHE D 606 20.53 29.96 -2.37
CA PHE D 606 21.51 30.43 -3.35
C PHE D 606 21.19 31.86 -3.77
N SER D 607 22.24 32.57 -4.20
CA SER D 607 22.13 33.99 -4.47
C SER D 607 21.13 34.26 -5.60
N HIS D 608 20.71 35.53 -5.69
CA HIS D 608 19.92 35.95 -6.84
C HIS D 608 20.70 35.84 -8.14
N LYS D 609 21.98 36.21 -8.10
CA LYS D 609 22.82 36.14 -9.30
C LYS D 609 22.89 34.71 -9.83
N VAL D 610 23.24 33.76 -8.97
CA VAL D 610 23.35 32.36 -9.42
C VAL D 610 22.00 31.84 -9.85
N LYS D 611 20.94 32.15 -9.10
CA LYS D 611 19.61 31.69 -9.48
C LYS D 611 19.17 32.30 -10.80
N SER D 612 19.51 33.57 -11.04
CA SER D 612 19.22 34.18 -12.33
C SER D 612 19.92 33.43 -13.45
N HIS D 613 21.18 33.06 -13.24
CA HIS D 613 21.89 32.25 -14.22
C HIS D 613 21.24 30.89 -14.41
N TRP D 614 20.75 30.30 -13.32
CA TRP D 614 20.20 28.95 -13.39
C TRP D 614 18.82 28.95 -14.04
N LEU D 615 17.87 29.71 -13.48
CA LEU D 615 16.47 29.60 -13.88
C LEU D 615 15.98 30.77 -14.72
N GLY D 616 16.78 31.84 -14.87
CA GLY D 616 16.40 32.94 -15.72
C GLY D 616 16.42 34.27 -14.99
N PRO D 617 16.63 35.36 -15.73
CA PRO D 617 16.68 36.67 -15.07
C PRO D 617 15.42 37.03 -14.30
N ASN D 618 14.26 36.62 -14.80
CA ASN D 618 12.98 36.99 -14.21
C ASN D 618 12.36 35.86 -13.38
N TYR D 619 13.20 34.99 -12.81
CA TYR D 619 12.68 33.95 -11.92
C TYR D 619 11.95 34.54 -10.72
N THR D 620 12.27 35.79 -10.34
CA THR D 620 11.58 36.44 -9.23
C THR D 620 10.10 36.66 -9.53
N LYS D 621 9.74 36.78 -10.81
CA LYS D 621 8.35 37.04 -11.17
C LYS D 621 7.48 35.84 -10.81
N GLU D 622 6.21 36.12 -10.53
CA GLU D 622 5.27 35.12 -10.07
C GLU D 622 4.46 34.60 -11.25
N GLY D 623 4.38 33.27 -11.37
CA GLY D 623 3.57 32.63 -12.38
C GLY D 623 4.36 32.28 -13.62
N PRO D 624 3.65 32.12 -14.75
CA PRO D 624 4.36 31.71 -15.98
C PRO D 624 5.44 32.69 -16.43
N GLU D 625 5.30 33.98 -16.13
CA GLU D 625 6.28 34.95 -16.60
C GLU D 625 7.65 34.72 -16.01
N GLY D 626 7.75 34.00 -14.91
CA GLY D 626 9.03 33.72 -14.30
C GLY D 626 9.70 32.44 -14.74
N ASN D 627 9.11 31.73 -15.70
CA ASN D 627 9.64 30.45 -16.17
C ASN D 627 10.05 30.55 -17.63
N ASP D 628 11.30 30.20 -17.91
CA ASP D 628 11.79 30.00 -19.27
C ASP D 628 12.07 28.51 -19.46
N ILE D 629 11.39 27.90 -20.43
CA ILE D 629 11.57 26.47 -20.68
C ILE D 629 12.98 26.18 -21.13
N ARG D 630 13.70 27.18 -21.64
CA ARG D 630 15.08 26.99 -22.07
C ARG D 630 16.03 26.72 -20.92
N ARG D 631 15.60 26.93 -19.68
CA ARG D 631 16.46 26.71 -18.51
C ARG D 631 15.86 25.74 -17.51
N THR D 632 14.54 25.68 -17.38
CA THR D 632 13.89 24.81 -16.40
C THR D 632 13.43 23.49 -16.99
N ASN D 633 13.08 23.47 -18.28
CA ASN D 633 12.49 22.32 -18.96
C ASN D 633 11.05 22.07 -18.50
N VAL D 634 10.49 22.97 -17.69
CA VAL D 634 9.10 22.88 -17.26
C VAL D 634 8.27 23.75 -18.19
N PRO D 635 7.31 23.21 -18.93
CA PRO D 635 6.51 24.05 -19.84
C PRO D 635 5.70 25.07 -19.07
N ASP D 636 5.46 26.22 -19.71
CA ASP D 636 4.59 27.23 -19.11
C ASP D 636 3.15 26.73 -18.95
N ILE D 637 2.79 25.64 -19.61
CA ILE D 637 1.49 25.02 -19.36
C ILE D 637 1.38 24.62 -17.88
N ARG D 638 2.39 23.93 -17.37
CA ARG D 638 2.33 23.45 -15.99
C ARG D 638 2.35 24.62 -15.01
N VAL D 639 3.26 25.57 -15.22
CA VAL D 639 3.33 26.73 -14.34
C VAL D 639 2.02 27.52 -14.39
N GLY D 640 1.41 27.60 -15.57
CA GLY D 640 0.12 28.28 -15.67
C GLY D 640 -0.96 27.59 -14.85
N TYR D 641 -1.01 26.26 -14.93
CA TYR D 641 -1.99 25.52 -14.13
C TYR D 641 -1.77 25.73 -12.63
N ARG D 642 -0.51 25.70 -12.19
CA ARG D 642 -0.22 25.90 -10.78
C ARG D 642 -0.63 27.31 -10.33
N TYR D 643 -0.20 28.33 -11.09
CA TYR D 643 -0.50 29.70 -10.69
C TYR D 643 -2.00 29.95 -10.73
N GLU D 644 -2.68 29.51 -11.79
CA GLU D 644 -4.13 29.71 -11.88
C GLU D 644 -4.85 29.02 -10.71
N THR D 645 -4.46 27.78 -10.41
CA THR D 645 -5.13 27.06 -9.33
C THR D 645 -4.91 27.76 -7.99
N LEU D 646 -3.69 28.22 -7.73
CA LEU D 646 -3.41 28.90 -6.46
C LEU D 646 -4.19 30.20 -6.37
N CYS D 647 -4.15 31.02 -7.42
CA CYS D 647 -4.87 32.28 -7.40
C CYS D 647 -6.37 32.06 -7.22
N GLN D 648 -6.94 31.08 -7.93
CA GLN D 648 -8.36 30.80 -7.79
C GLN D 648 -8.69 30.34 -6.37
N GLU D 649 -7.88 29.45 -5.81
CA GLU D 649 -8.13 29.00 -4.44
C GLU D 649 -8.01 30.16 -3.45
N LEU D 650 -6.99 30.99 -3.61
CA LEU D 650 -6.86 32.19 -2.77
C LEU D 650 -8.07 33.09 -2.93
N ALA D 651 -8.61 33.18 -4.14
CA ALA D 651 -9.75 34.07 -4.39
C ALA D 651 -11.00 33.54 -3.71
N LEU D 652 -11.21 32.23 -3.73
CA LEU D 652 -12.36 31.65 -3.06
C LEU D 652 -12.36 31.99 -1.58
N ILE D 653 -11.19 31.88 -0.94
CA ILE D 653 -11.06 32.26 0.46
C ILE D 653 -11.28 33.76 0.63
N THR D 654 -10.63 34.56 -0.24
CA THR D 654 -10.69 36.01 -0.09
C THR D 654 -12.10 36.54 -0.33
N GLN D 655 -12.77 36.07 -1.38
CA GLN D 655 -14.09 36.59 -1.71
C GLN D 655 -15.09 36.29 -0.59
N ALA D 656 -15.00 35.10 0.02
CA ALA D 656 -15.91 34.76 1.10
C ALA D 656 -15.77 35.74 2.27
N VAL D 657 -14.53 36.05 2.65
CA VAL D 657 -14.31 37.00 3.74
C VAL D 657 -14.80 38.39 3.34
N GLN D 658 -14.52 38.81 2.11
CA GLN D 658 -14.96 40.13 1.66
C GLN D 658 -16.48 40.26 1.72
N SER D 659 -17.21 39.15 1.60
CA SER D 659 -18.67 39.17 1.61
C SER D 659 -19.20 39.15 3.04
N GLU D 660 -18.81 40.18 3.80
CA GLU D 660 -19.23 40.30 5.19
C GLU D 660 -18.62 41.57 5.80
#